data_3O3Y
# 
_entry.id   3O3Y 
# 
_audit_conform.dict_name       mmcif_pdbx.dic 
_audit_conform.dict_version    5.381 
_audit_conform.dict_location   http://mmcif.pdb.org/dictionaries/ascii/mmcif_pdbx.dic 
# 
loop_
_database_2.database_id 
_database_2.database_code 
_database_2.pdbx_database_accession 
_database_2.pdbx_DOI 
PDB   3O3Y         pdb_00003o3y 10.2210/pdb3o3y/pdb 
RCSB  RCSB060634   ?            ?                   
WWPDB D_1000060634 ?            ?                   
# 
loop_
_pdbx_database_related.db_name 
_pdbx_database_related.db_id 
_pdbx_database_related.details 
_pdbx_database_related.content_type 
PDB 3O3X . unspecified 
PDB 3O3Z . unspecified 
PDB 3O40 . unspecified 
PDB 3O42 . unspecified 
PDB 3O43 . unspecified 
# 
_pdbx_database_status.status_code                     REL 
_pdbx_database_status.entry_id                        3O3Y 
_pdbx_database_status.recvd_initial_deposition_date   2010-07-26 
_pdbx_database_status.deposit_site                    RCSB 
_pdbx_database_status.process_site                    RCSB 
_pdbx_database_status.status_code_sf                  REL 
_pdbx_database_status.status_code_mr                  ? 
_pdbx_database_status.SG_entry                        ? 
_pdbx_database_status.status_code_cs                  ? 
_pdbx_database_status.pdb_format_compatible           Y 
_pdbx_database_status.status_code_nmr_data            ? 
_pdbx_database_status.methods_development_category    ? 
# 
loop_
_audit_author.name 
_audit_author.pdbx_ordinal 
'Horne, W.S.'   1 
'Johnson, L.M.' 2 
'Gellman, S.H.' 3 
# 
_citation.id                        primary 
_citation.title                     
;Chimeric and Non-Chimeric Foldamer Mimics of the CHR Segment of HIV Protein gp41: Evidence for the Importance of a Large Binding Interface in Six-Helix Bundle Formation
;
_citation.journal_abbrev            'To be Published' 
_citation.journal_volume            ? 
_citation.page_first                ? 
_citation.page_last                 ? 
_citation.year                      ? 
_citation.journal_id_ASTM           ? 
_citation.country                   ? 
_citation.journal_id_ISSN           ? 
_citation.journal_id_CSD            0353 
_citation.book_publisher            ? 
_citation.pdbx_database_id_PubMed   ? 
_citation.pdbx_database_id_DOI      ? 
# 
loop_
_citation_author.citation_id 
_citation_author.name 
_citation_author.ordinal 
_citation_author.identifier_ORCID 
primary 'Horne, W.S.'   1 ? 
primary 'Johnson, L.M.' 2 ? 
primary 'Gellman, S.H.' 3 ? 
# 
_cell.entry_id           3O3Y 
_cell.length_a           33.036 
_cell.length_b           33.036 
_cell.length_c           48.900 
_cell.angle_alpha        90.00 
_cell.angle_beta         90.00 
_cell.angle_gamma        120.00 
_cell.Z_PDB              6 
_cell.pdbx_unique_axis   ? 
_cell.length_a_esd       ? 
_cell.length_b_esd       ? 
_cell.length_c_esd       ? 
_cell.angle_alpha_esd    ? 
_cell.angle_beta_esd     ? 
_cell.angle_gamma_esd    ? 
# 
_symmetry.entry_id                         3O3Y 
_symmetry.space_group_name_H-M             'P 31 2 1' 
_symmetry.pdbx_full_space_group_name_H-M   ? 
_symmetry.cell_setting                     ? 
_symmetry.Int_Tables_number                152 
_symmetry.space_group_name_Hall            ? 
# 
loop_
_entity.id 
_entity.type 
_entity.src_method 
_entity.pdbx_description 
_entity.formula_weight 
_entity.pdbx_number_of_molecules 
_entity.pdbx_ec 
_entity.pdbx_mutation 
_entity.pdbx_fragment 
_entity.details 
1 polymer     syn 'chimeric alpha+alpha/beta peptide based on the CHR domain sequence of gp41' 4471.996 1  ? ? ? ? 
2 non-polymer syn 'CHLORIDE ION'                                                               35.453   1  ? ? ? ? 
3 water       nat water                                                                        18.015   28 ? ? ? ? 
# 
_entity_poly.entity_id                      1 
_entity_poly.type                           'polypeptide(L)' 
_entity_poly.nstd_linkage                   no 
_entity_poly.nstd_monomer                   yes 
_entity_poly.pdbx_seq_one_letter_code       
;(ACE)TTWEAWD(XPC)AIA(B3E)YA(XCP)RIE(XCP)LI(XPC)AAQ(B3E)QQ(B3E)KNE(XCP)AL(XPC)EL
(NH2)
;
_entity_poly.pdbx_seq_one_letter_code_can   XTTWEAWDXAIAEYAXRIEXLIXAAQEQQEKNEXALXELX 
_entity_poly.pdbx_strand_id                 A 
_entity_poly.pdbx_target_identifier         ? 
# 
loop_
_entity_poly_seq.entity_id 
_entity_poly_seq.num 
_entity_poly_seq.mon_id 
_entity_poly_seq.hetero 
1 1  ACE n 
1 2  THR n 
1 3  THR n 
1 4  TRP n 
1 5  GLU n 
1 6  ALA n 
1 7  TRP n 
1 8  ASP n 
1 9  XPC n 
1 10 ALA n 
1 11 ILE n 
1 12 ALA n 
1 13 B3E n 
1 14 TYR n 
1 15 ALA n 
1 16 XCP n 
1 17 ARG n 
1 18 ILE n 
1 19 GLU n 
1 20 XCP n 
1 21 LEU n 
1 22 ILE n 
1 23 XPC n 
1 24 ALA n 
1 25 ALA n 
1 26 GLN n 
1 27 B3E n 
1 28 GLN n 
1 29 GLN n 
1 30 B3E n 
1 31 LYS n 
1 32 ASN n 
1 33 GLU n 
1 34 XCP n 
1 35 ALA n 
1 36 LEU n 
1 37 XPC n 
1 38 GLU n 
1 39 LEU n 
1 40 NH2 n 
# 
_pdbx_entity_src_syn.entity_id              1 
_pdbx_entity_src_syn.pdbx_src_id            1 
_pdbx_entity_src_syn.pdbx_alt_source_flag   sample 
_pdbx_entity_src_syn.pdbx_beg_seq_num       ? 
_pdbx_entity_src_syn.pdbx_end_seq_num       ? 
_pdbx_entity_src_syn.organism_scientific    ? 
_pdbx_entity_src_syn.organism_common_name   ? 
_pdbx_entity_src_syn.ncbi_taxonomy_id       32630 
_pdbx_entity_src_syn.details                'synthetic peptide' 
# 
_struct_ref.id                         1 
_struct_ref.db_name                    PDB 
_struct_ref.db_code                    3O3Y 
_struct_ref.pdbx_db_accession          3O3Y 
_struct_ref.entity_id                  1 
_struct_ref.pdbx_align_begin           1 
_struct_ref.pdbx_seq_one_letter_code   XTTWEAWDXAIAEYAXRIEXLIXAAQEQQEKNEXALXELX 
_struct_ref.pdbx_db_isoform            ? 
# 
_struct_ref_seq.align_id                      1 
_struct_ref_seq.ref_id                        1 
_struct_ref_seq.pdbx_PDB_id_code              3O3Y 
_struct_ref_seq.pdbx_strand_id                A 
_struct_ref_seq.seq_align_beg                 1 
_struct_ref_seq.pdbx_seq_align_beg_ins_code   ? 
_struct_ref_seq.seq_align_end                 40 
_struct_ref_seq.pdbx_seq_align_end_ins_code   ? 
_struct_ref_seq.pdbx_db_accession             3O3Y 
_struct_ref_seq.db_align_beg                  0 
_struct_ref_seq.pdbx_db_align_beg_ins_code    ? 
_struct_ref_seq.db_align_end                  39 
_struct_ref_seq.pdbx_db_align_end_ins_code    ? 
_struct_ref_seq.pdbx_auth_seq_align_beg       0 
_struct_ref_seq.pdbx_auth_seq_align_end       39 
# 
loop_
_chem_comp.id 
_chem_comp.type 
_chem_comp.mon_nstd_flag 
_chem_comp.name 
_chem_comp.pdbx_synonyms 
_chem_comp.formula 
_chem_comp.formula_weight 
ACE non-polymer         . 'ACETYL GROUP'                                 ?                                              'C2 H4 O' 
44.053  
ALA 'L-peptide linking' y ALANINE                                        ?                                              
'C3 H7 N O2'     89.093  
ARG 'L-peptide linking' y ARGININE                                       ?                                              
'C6 H15 N4 O2 1' 175.209 
ASN 'L-peptide linking' y ASPARAGINE                                     ?                                              
'C4 H8 N2 O3'    132.118 
ASP 'L-peptide linking' y 'ASPARTIC ACID'                                ?                                              
'C4 H7 N O4'     133.103 
B3E 'L-peptide linking' n '(3S)-3-AMINOHEXANEDIOIC ACID'                 ?                                              
'C6 H11 N O4'    161.156 
CL  non-polymer         . 'CHLORIDE ION'                                 ?                                              'Cl -1' 
35.453  
GLN 'L-peptide linking' y GLUTAMINE                                      ?                                              
'C5 H10 N2 O3'   146.144 
GLU 'L-peptide linking' y 'GLUTAMIC ACID'                                ?                                              
'C5 H9 N O4'     147.129 
HOH non-polymer         . WATER                                          ?                                              'H2 O' 
18.015  
ILE 'L-peptide linking' y ISOLEUCINE                                     ?                                              
'C6 H13 N O2'    131.173 
LEU 'L-peptide linking' y LEUCINE                                        ?                                              
'C6 H13 N O2'    131.173 
LYS 'L-peptide linking' y LYSINE                                         ?                                              
'C6 H15 N2 O2 1' 147.195 
NH2 non-polymer         . 'AMINO GROUP'                                  ?                                              'H2 N' 
16.023  
THR 'L-peptide linking' y THREONINE                                      ?                                              
'C4 H9 N O3'     119.119 
TRP 'L-peptide linking' y TRYPTOPHAN                                     ?                                              
'C11 H12 N2 O2'  204.225 
TYR 'L-peptide linking' y TYROSINE                                       ?                                              
'C9 H11 N O3'    181.189 
XCP peptide-like        . '(1S,2S)-2-aminocyclopentanecarboxylic acid'   ?                                              
'C6 H11 N O2'    129.157 
XPC peptide-like        . '(3S,4R)-4-aminopyrrolidine-3-carboxylic acid' '(3R,4S)-3-Aminopyrrolidine-4-carboxylic acid' 
'C5 H10 N2 O2'   130.145 
# 
_exptl.entry_id          3O3Y 
_exptl.method            'X-RAY DIFFRACTION' 
_exptl.crystals_number   1 
# 
_exptl_crystal.id                    1 
_exptl_crystal.density_meas          ? 
_exptl_crystal.density_Matthews      1.72 
_exptl_crystal.density_percent_sol   28.59 
_exptl_crystal.description           ? 
_exptl_crystal.F_000                 ? 
_exptl_crystal.preparation           ? 
# 
_exptl_crystal_grow.crystal_id      1 
_exptl_crystal_grow.method          'VAPOR DIFFUSION, HANGING DROP' 
_exptl_crystal_grow.temp            298 
_exptl_crystal_grow.temp_details    ? 
_exptl_crystal_grow.pH              8.5 
_exptl_crystal_grow.pdbx_details    
'0.3 M NaCl, 0.1 M Tris pH 8.5, 35% w/v PEG 3350, VAPOR DIFFUSION, HANGING DROP, temperature 298K' 
_exptl_crystal_grow.pdbx_pH_range   ? 
# 
_diffrn.id                     1 
_diffrn.ambient_temp           100 
_diffrn.ambient_temp_details   ? 
_diffrn.crystal_id             1 
# 
_diffrn_detector.diffrn_id              1 
_diffrn_detector.detector               CCD 
_diffrn_detector.type                   'MARMOSAIC 225 mm CCD' 
_diffrn_detector.pdbx_collection_date   2008-02-05 
_diffrn_detector.details                ? 
# 
_diffrn_radiation.diffrn_id                        1 
_diffrn_radiation.wavelength_id                    1 
_diffrn_radiation.pdbx_monochromatic_or_laue_m_l   M 
_diffrn_radiation.monochromator                    'C(111)' 
_diffrn_radiation.pdbx_diffrn_protocol             'SINGLE WAVELENGTH' 
_diffrn_radiation.pdbx_scattering_type             x-ray 
# 
_diffrn_radiation_wavelength.id           1 
_diffrn_radiation_wavelength.wavelength   0.97857 
_diffrn_radiation_wavelength.wt           1.0 
# 
_diffrn_source.diffrn_id                   1 
_diffrn_source.source                      SYNCHROTRON 
_diffrn_source.type                        'APS BEAMLINE 21-ID-F' 
_diffrn_source.pdbx_synchrotron_site       APS 
_diffrn_source.pdbx_synchrotron_beamline   21-ID-F 
_diffrn_source.pdbx_wavelength             ? 
_diffrn_source.pdbx_wavelength_list        0.97857 
# 
_reflns.entry_id                     3O3Y 
_reflns.observed_criterion_sigma_I   ? 
_reflns.observed_criterion_sigma_F   ? 
_reflns.d_resolution_low             50 
_reflns.d_resolution_high            1.35 
_reflns.number_obs                   7108 
_reflns.number_all                   ? 
_reflns.percent_possible_obs         99.3 
_reflns.pdbx_Rsym_value              0.042 
_reflns.pdbx_netI_over_sigmaI        44.2 
_reflns.B_iso_Wilson_estimate        ? 
_reflns.pdbx_redundancy              10.4 
_reflns.R_free_details               ? 
_reflns.limit_h_max                  ? 
_reflns.limit_h_min                  ? 
_reflns.limit_k_max                  ? 
_reflns.limit_k_min                  ? 
_reflns.limit_l_max                  ? 
_reflns.limit_l_min                  ? 
_reflns.observed_criterion_F_max     ? 
_reflns.observed_criterion_F_min     ? 
_reflns.pdbx_chi_squared             ? 
_reflns.pdbx_scaling_rejects         ? 
_reflns.pdbx_Rmerge_I_obs            ? 
_reflns.pdbx_ordinal                 1 
_reflns.pdbx_diffrn_id               1 
# 
_refine.entry_id                                 3O3Y 
_refine.ls_number_reflns_obs                     6749 
_refine.ls_number_reflns_all                     ? 
_refine.pdbx_ls_sigma_I                          ? 
_refine.pdbx_ls_sigma_F                          . 
_refine.pdbx_data_cutoff_high_absF               ? 
_refine.pdbx_data_cutoff_low_absF                ? 
_refine.pdbx_data_cutoff_high_rms_absF           ? 
_refine.ls_d_res_low                             25.00 
_refine.ls_d_res_high                            1.35 
_refine.ls_percent_reflns_obs                    99.26 
_refine.ls_R_factor_obs                          0.14401 
_refine.ls_R_factor_R_work                       0.14274 
_refine.ls_R_factor_R_free                       0.17092 
_refine.ls_R_factor_R_free_error                 ? 
_refine.ls_R_factor_R_free_error_details         ? 
_refine.ls_percent_reflns_R_free                 4.7 
_refine.ls_number_reflns_R_free                  333 
_refine.ls_number_parameters                     ? 
_refine.ls_number_restraints                     ? 
_refine.occupancy_min                            ? 
_refine.occupancy_max                            ? 
_refine.correlation_coeff_Fo_to_Fc               0.978 
_refine.correlation_coeff_Fo_to_Fc_free          0.972 
_refine.B_iso_mean                               19.130 
_refine.aniso_B[1][1]                            1.18 
_refine.aniso_B[2][2]                            1.18 
_refine.aniso_B[3][3]                            -1.77 
_refine.aniso_B[1][2]                            0.59 
_refine.aniso_B[1][3]                            0.00 
_refine.aniso_B[2][3]                            0.00 
_refine.solvent_model_details                    MASK 
_refine.solvent_model_param_ksol                 ? 
_refine.solvent_model_param_bsol                 ? 
_refine.pdbx_solvent_vdw_probe_radii             1.40 
_refine.pdbx_solvent_ion_probe_radii             0.80 
_refine.pdbx_solvent_shrinkage_radii             0.80 
_refine.pdbx_ls_cross_valid_method               THROUGHOUT 
_refine.details                                  'HYDROGENS HAVE BEEN ADDED IN THE RIDING POSITIONS' 
_refine.pdbx_starting_model                      'PDB entry 3F4Z' 
_refine.pdbx_method_to_determine_struct          'MOLECULAR REPLACEMENT' 
_refine.pdbx_isotropic_thermal_model             ? 
_refine.pdbx_stereochemistry_target_values       'MAXIMUM LIKELIHOOD' 
_refine.pdbx_stereochem_target_val_spec_case     ? 
_refine.pdbx_R_Free_selection_details            RANDOM 
_refine.pdbx_overall_ESU_R_Free                  0.053 
_refine.overall_SU_ML                            0.035 
_refine.overall_SU_B                             1.970 
_refine.overall_SU_R_Cruickshank_DPI             ? 
_refine.ls_redundancy_reflns_obs                 ? 
_refine.B_iso_min                                ? 
_refine.B_iso_max                                ? 
_refine.overall_SU_R_free                        ? 
_refine.ls_wR_factor_R_free                      ? 
_refine.ls_wR_factor_R_work                      ? 
_refine.overall_FOM_free_R_set                   ? 
_refine.overall_FOM_work_R_set                   ? 
_refine.pdbx_overall_phase_error                 ? 
_refine.pdbx_refine_id                           'X-RAY DIFFRACTION' 
_refine.ls_R_factor_all                          ? 
_refine.pdbx_overall_ESU_R                       ? 
_refine.pdbx_diffrn_id                           1 
_refine.pdbx_TLS_residual_ADP_flag               ? 
_refine.pdbx_overall_SU_R_free_Cruickshank_DPI   ? 
_refine.pdbx_overall_SU_R_Blow_DPI               ? 
_refine.pdbx_overall_SU_R_free_Blow_DPI          ? 
# 
_refine_hist.pdbx_refine_id                   'X-RAY DIFFRACTION' 
_refine_hist.cycle_id                         LAST 
_refine_hist.pdbx_number_atoms_protein        301 
_refine_hist.pdbx_number_atoms_nucleic_acid   0 
_refine_hist.pdbx_number_atoms_ligand         1 
_refine_hist.number_atoms_solvent             28 
_refine_hist.number_atoms_total               330 
_refine_hist.d_res_high                       1.35 
_refine_hist.d_res_low                        25.00 
# 
loop_
_refine_ls_restr.type 
_refine_ls_restr.dev_ideal 
_refine_ls_restr.dev_ideal_target 
_refine_ls_restr.weight 
_refine_ls_restr.number 
_refine_ls_restr.pdbx_refine_id 
_refine_ls_restr.pdbx_restraint_function 
r_bond_refined_d             0.017  0.021  ? 332 'X-RAY DIFFRACTION' ? 
r_bond_other_d               0.001  0.020  ? 235 'X-RAY DIFFRACTION' ? 
r_angle_refined_deg          1.916  2.098  ? 459 'X-RAY DIFFRACTION' ? 
r_angle_other_deg            1.352  3.000  ? 580 'X-RAY DIFFRACTION' ? 
r_dihedral_angle_1_deg       5.316  5.000  ? 21  'X-RAY DIFFRACTION' ? 
r_dihedral_angle_2_deg       39.368 25.714 ? 14  'X-RAY DIFFRACTION' ? 
r_dihedral_angle_3_deg       16.174 15.000 ? 39  'X-RAY DIFFRACTION' ? 
r_dihedral_angle_4_deg       3.466  15.000 ? 1   'X-RAY DIFFRACTION' ? 
r_chiral_restr               0.150  0.200  ? 51  'X-RAY DIFFRACTION' ? 
r_gen_planes_refined         0.006  0.015  ? 323 'X-RAY DIFFRACTION' ? 
r_gen_planes_other           0.001  0.014  ? 61  'X-RAY DIFFRACTION' ? 
r_nbd_refined                ?      ?      ? ?   'X-RAY DIFFRACTION' ? 
r_nbd_other                  ?      ?      ? ?   'X-RAY DIFFRACTION' ? 
r_nbtor_refined              ?      ?      ? ?   'X-RAY DIFFRACTION' ? 
r_nbtor_other                ?      ?      ? ?   'X-RAY DIFFRACTION' ? 
r_xyhbond_nbd_refined        ?      ?      ? ?   'X-RAY DIFFRACTION' ? 
r_xyhbond_nbd_other          ?      ?      ? ?   'X-RAY DIFFRACTION' ? 
r_metal_ion_refined          ?      ?      ? ?   'X-RAY DIFFRACTION' ? 
r_metal_ion_other            ?      ?      ? ?   'X-RAY DIFFRACTION' ? 
r_symmetry_vdw_refined       ?      ?      ? ?   'X-RAY DIFFRACTION' ? 
r_symmetry_vdw_other         ?      ?      ? ?   'X-RAY DIFFRACTION' ? 
r_symmetry_hbond_refined     ?      ?      ? ?   'X-RAY DIFFRACTION' ? 
r_symmetry_hbond_other       ?      ?      ? ?   'X-RAY DIFFRACTION' ? 
r_symmetry_metal_ion_refined ?      ?      ? ?   'X-RAY DIFFRACTION' ? 
r_symmetry_metal_ion_other   ?      ?      ? ?   'X-RAY DIFFRACTION' ? 
r_mcbond_it                  2.965  1.500  ? 196 'X-RAY DIFFRACTION' ? 
r_mcbond_other               1.428  1.500  ? 79  'X-RAY DIFFRACTION' ? 
r_mcangle_it                 4.430  2.000  ? 311 'X-RAY DIFFRACTION' ? 
r_scbond_it                  6.687  3.000  ? 136 'X-RAY DIFFRACTION' ? 
r_scangle_it                 10.301 4.500  ? 146 'X-RAY DIFFRACTION' ? 
r_rigid_bond_restr           3.506  3.000  ? 567 'X-RAY DIFFRACTION' ? 
r_sphericity_free            16.897 3.000  ? 29  'X-RAY DIFFRACTION' ? 
r_sphericity_bonded          6.753  3.000  ? 553 'X-RAY DIFFRACTION' ? 
# 
_refine_ls_shell.pdbx_total_number_of_bins_used   20 
_refine_ls_shell.d_res_high                       1.351 
_refine_ls_shell.d_res_low                        1.386 
_refine_ls_shell.number_reflns_R_work             484 
_refine_ls_shell.R_factor_R_work                  0.162 
_refine_ls_shell.percent_reflns_obs               100.00 
_refine_ls_shell.R_factor_R_free                  0.221 
_refine_ls_shell.R_factor_R_free_error            ? 
_refine_ls_shell.percent_reflns_R_free            ? 
_refine_ls_shell.number_reflns_R_free             25 
_refine_ls_shell.number_reflns_all                ? 
_refine_ls_shell.R_factor_all                     ? 
_refine_ls_shell.number_reflns_obs                ? 
_refine_ls_shell.redundancy_reflns_obs            ? 
_refine_ls_shell.pdbx_refine_id                   'X-RAY DIFFRACTION' 
# 
_struct.entry_id                  3O3Y 
_struct.title                     'A chimeric alpha+alpha/beta peptide based on the CHR domain sequence of gp41' 
_struct.pdbx_model_details        ? 
_struct.pdbx_CASP_flag            ? 
_struct.pdbx_model_type_details   ? 
# 
_struct_keywords.entry_id        3O3Y 
_struct_keywords.pdbx_keywords   'VIRAL PROTEIN' 
_struct_keywords.text            'HIV fusion inhibitor, HIV gp41, mixed alpha-residue / beta-residue backbone, VIRAL PROTEIN' 
# 
loop_
_struct_asym.id 
_struct_asym.pdbx_blank_PDB_chainid_flag 
_struct_asym.pdbx_modified 
_struct_asym.entity_id 
_struct_asym.details 
A N N 1 ? 
B N N 2 ? 
C N N 3 ? 
# 
_struct_biol.id        1 
_struct_biol.details   ? 
# 
_struct_conf.conf_type_id            HELX_P 
_struct_conf.id                      HELX_P1 
_struct_conf.pdbx_PDB_helix_id       1 
_struct_conf.beg_label_comp_id       ALA 
_struct_conf.beg_label_asym_id       A 
_struct_conf.beg_label_seq_id        6 
_struct_conf.pdbx_beg_PDB_ins_code   ? 
_struct_conf.end_label_comp_id       XPC 
_struct_conf.end_label_asym_id       A 
_struct_conf.end_label_seq_id        37 
_struct_conf.pdbx_end_PDB_ins_code   ? 
_struct_conf.beg_auth_comp_id        ALA 
_struct_conf.beg_auth_asym_id        A 
_struct_conf.beg_auth_seq_id         5 
_struct_conf.end_auth_comp_id        XPC 
_struct_conf.end_auth_asym_id        A 
_struct_conf.end_auth_seq_id         36 
_struct_conf.pdbx_PDB_helix_class    1 
_struct_conf.details                 ? 
_struct_conf.pdbx_PDB_helix_length   32 
# 
_struct_conf_type.id          HELX_P 
_struct_conf_type.criteria    ? 
_struct_conf_type.reference   ? 
# 
loop_
_struct_conn.id 
_struct_conn.conn_type_id 
_struct_conn.pdbx_leaving_atom_flag 
_struct_conn.pdbx_PDB_id 
_struct_conn.ptnr1_label_asym_id 
_struct_conn.ptnr1_label_comp_id 
_struct_conn.ptnr1_label_seq_id 
_struct_conn.ptnr1_label_atom_id 
_struct_conn.pdbx_ptnr1_label_alt_id 
_struct_conn.pdbx_ptnr1_PDB_ins_code 
_struct_conn.pdbx_ptnr1_standard_comp_id 
_struct_conn.ptnr1_symmetry 
_struct_conn.ptnr2_label_asym_id 
_struct_conn.ptnr2_label_comp_id 
_struct_conn.ptnr2_label_seq_id 
_struct_conn.ptnr2_label_atom_id 
_struct_conn.pdbx_ptnr2_label_alt_id 
_struct_conn.pdbx_ptnr2_PDB_ins_code 
_struct_conn.ptnr1_auth_asym_id 
_struct_conn.ptnr1_auth_comp_id 
_struct_conn.ptnr1_auth_seq_id 
_struct_conn.ptnr2_auth_asym_id 
_struct_conn.ptnr2_auth_comp_id 
_struct_conn.ptnr2_auth_seq_id 
_struct_conn.ptnr2_symmetry 
_struct_conn.pdbx_ptnr3_label_atom_id 
_struct_conn.pdbx_ptnr3_label_seq_id 
_struct_conn.pdbx_ptnr3_label_comp_id 
_struct_conn.pdbx_ptnr3_label_asym_id 
_struct_conn.pdbx_ptnr3_label_alt_id 
_struct_conn.pdbx_ptnr3_PDB_ins_code 
_struct_conn.details 
_struct_conn.pdbx_dist_value 
_struct_conn.pdbx_value_order 
_struct_conn.pdbx_role 
covale1  covale both ? A ASP 8  C ? ? ? 1_555 A XPC 9  N ? ? A ASP 7  A XPC 8  1_555 ? ? ? ? ? ? ? 1.331 ? ? 
covale2  covale both ? A XPC 9  C ? ? ? 1_555 A ALA 10 N ? ? A XPC 8  A ALA 9  1_555 ? ? ? ? ? ? ? 1.310 ? ? 
covale3  covale both ? A ALA 12 C ? ? ? 1_555 A B3E 13 N ? ? A ALA 11 A B3E 12 1_555 ? ? ? ? ? ? ? 1.317 ? ? 
covale4  covale both ? A B3E 13 C ? ? ? 1_555 A TYR 14 N ? ? A B3E 12 A TYR 13 1_555 ? ? ? ? ? ? ? 1.308 ? ? 
covale5  covale both ? A ALA 15 C ? ? ? 1_555 A XCP 16 N ? ? A ALA 14 A XCP 15 1_555 ? ? ? ? ? ? ? 1.326 ? ? 
covale6  covale both ? A XCP 16 C ? ? ? 1_555 A ARG 17 N ? ? A XCP 15 A ARG 16 1_555 ? ? ? ? ? ? ? 1.335 ? ? 
covale7  covale both ? A GLU 19 C ? ? ? 1_555 A XCP 20 N ? ? A GLU 18 A XCP 19 1_555 ? ? ? ? ? ? ? 1.327 ? ? 
covale8  covale both ? A XCP 20 C ? ? ? 1_555 A LEU 21 N ? ? A XCP 19 A LEU 20 1_555 ? ? ? ? ? ? ? 1.330 ? ? 
covale9  covale both ? A ILE 22 C ? ? ? 1_555 A XPC 23 N ? ? A ILE 21 A XPC 22 1_555 ? ? ? ? ? ? ? 1.334 ? ? 
covale10 covale both ? A XPC 23 C ? ? ? 1_555 A ALA 24 N ? ? A XPC 22 A ALA 23 1_555 ? ? ? ? ? ? ? 1.330 ? ? 
covale11 covale both ? A GLN 26 C ? ? ? 1_555 A B3E 27 N ? ? A GLN 25 A B3E 26 1_555 ? ? ? ? ? ? ? 1.324 ? ? 
covale12 covale both ? A B3E 27 C ? ? ? 1_555 A GLN 28 N ? ? A B3E 26 A GLN 27 1_555 ? ? ? ? ? ? ? 1.333 ? ? 
covale13 covale both ? A GLN 29 C ? ? ? 1_555 A B3E 30 N ? ? A GLN 28 A B3E 29 1_555 ? ? ? ? ? ? ? 1.319 ? ? 
covale14 covale both ? A B3E 30 C ? ? ? 1_555 A LYS 31 N ? ? A B3E 29 A LYS 30 1_555 ? ? ? ? ? ? ? 1.333 ? ? 
covale15 covale both ? A GLU 33 C ? ? ? 1_555 A XCP 34 N ? ? A GLU 32 A XCP 33 1_555 ? ? ? ? ? ? ? 1.308 ? ? 
covale16 covale both ? A XCP 34 C ? ? ? 1_555 A ALA 35 N ? ? A XCP 33 A ALA 34 1_555 ? ? ? ? ? ? ? 1.315 ? ? 
covale17 covale both ? A LEU 36 C ? ? ? 1_555 A XPC 37 N ? ? A LEU 35 A XPC 36 1_555 ? ? ? ? ? ? ? 1.299 ? ? 
covale18 covale both ? A XPC 37 C ? ? ? 1_555 A GLU 38 N ? ? A XPC 36 A GLU 37 1_555 ? ? ? ? ? ? ? 1.291 ? ? 
# 
_struct_conn_type.id          covale 
_struct_conn_type.criteria    ? 
_struct_conn_type.reference   ? 
# 
_struct_site.id                   AC1 
_struct_site.pdbx_evidence_code   Software 
_struct_site.pdbx_auth_asym_id    A 
_struct_site.pdbx_auth_comp_id    CL 
_struct_site.pdbx_auth_seq_id     40 
_struct_site.pdbx_auth_ins_code   ? 
_struct_site.pdbx_num_residues    4 
_struct_site.details              'BINDING SITE FOR RESIDUE CL A 40' 
# 
loop_
_struct_site_gen.id 
_struct_site_gen.site_id 
_struct_site_gen.pdbx_num_res 
_struct_site_gen.label_comp_id 
_struct_site_gen.label_asym_id 
_struct_site_gen.label_seq_id 
_struct_site_gen.pdbx_auth_ins_code 
_struct_site_gen.auth_comp_id 
_struct_site_gen.auth_asym_id 
_struct_site_gen.auth_seq_id 
_struct_site_gen.label_atom_id 
_struct_site_gen.label_alt_id 
_struct_site_gen.symmetry 
_struct_site_gen.details 
1 AC1 4 XCP A 20 ? XCP A 19 . ? 1_555 ? 
2 AC1 4 XPC A 23 ? XPC A 22 . ? 1_555 ? 
3 AC1 4 GLN A 28 ? GLN A 27 . ? 5_664 ? 
4 AC1 4 XPC A 37 ? XPC A 36 . ? 2_675 ? 
# 
_atom_sites.entry_id                    3O3Y 
_atom_sites.fract_transf_matrix[1][1]   -0.00019509 
_atom_sites.fract_transf_matrix[1][2]   0.02029749 
_atom_sites.fract_transf_matrix[1][3]   0.02845448 
_atom_sites.fract_transf_matrix[2][1]   0.02391948 
_atom_sites.fract_transf_matrix[2][2]   -0.00477279 
_atom_sites.fract_transf_matrix[2][3]   0.02503580 
_atom_sites.fract_transf_matrix[3][1]   0.01244695 
_atom_sites.fract_transf_matrix[3][2]   0.01324964 
_atom_sites.fract_transf_matrix[3][3]   -0.00936605 
_atom_sites.fract_transf_vector[1]      -0.303192 
_atom_sites.fract_transf_vector[2]      0.502257 
_atom_sites.fract_transf_vector[3]      -0.026274 
# 
loop_
_atom_type.symbol 
C  
CL 
H  
N  
O  
# 
loop_
_atom_site.group_PDB 
_atom_site.id 
_atom_site.type_symbol 
_atom_site.label_atom_id 
_atom_site.label_alt_id 
_atom_site.label_comp_id 
_atom_site.label_asym_id 
_atom_site.label_entity_id 
_atom_site.label_seq_id 
_atom_site.pdbx_PDB_ins_code 
_atom_site.Cartn_x 
_atom_site.Cartn_y 
_atom_site.Cartn_z 
_atom_site.occupancy 
_atom_site.B_iso_or_equiv 
_atom_site.pdbx_formal_charge 
_atom_site.auth_seq_id 
_atom_site.auth_comp_id 
_atom_site.auth_asym_id 
_atom_site.auth_atom_id 
_atom_site.pdbx_PDB_model_num 
ATOM   1   N  N    . THR A 1 3  ? -1.038 25.345  -9.571  1.00 47.00 ? 2  THR A N    1 
ATOM   2   C  CA   . THR A 1 3  ? 0.156  24.518  -9.661  1.00 44.32 ? 2  THR A CA   1 
ATOM   3   C  C    . THR A 1 3  ? 0.115  23.364  -8.663  1.00 42.77 ? 2  THR A C    1 
ATOM   4   O  O    . THR A 1 3  ? -0.017 22.209  -9.085  1.00 44.74 ? 2  THR A O    1 
ATOM   5   C  CB   . THR A 1 3  ? 1.450  25.336  -9.467  1.00 45.39 ? 2  THR A CB   1 
ATOM   6   H  H    . THR A 1 3  ? -1.159 25.700  -8.797  1.00 46.16 ? 2  THR A H    1 
ATOM   7   H  HA   . THR A 1 3  ? 0.188  24.144  -10.562 1.00 44.85 ? 2  THR A HA   1 
ATOM   8   H  HB   . THR A 1 3  ? 1.568  25.652  -8.621  0.00 45.62 ? 2  THR A HB   1 
ATOM   9   N  N    . TRP A 1 4  ? 0.201  23.660  -7.359  1.00 39.83 ? 3  TRP A N    1 
ATOM   10  C  CA   A TRP A 1 4  ? 0.254  22.595  -6.329  0.50 37.97 ? 3  TRP A CA   1 
ATOM   11  C  CA   B TRP A 1 4  ? 0.236  22.614  -6.339  0.50 38.86 ? 3  TRP A CA   1 
ATOM   12  C  C    . TRP A 1 4  ? -1.073 21.824  -6.247  1.00 37.48 ? 3  TRP A C    1 
ATOM   13  O  O    . TRP A 1 4  ? -1.092 20.605  -6.405  1.00 31.62 ? 3  TRP A O    1 
ATOM   14  C  CB   A TRP A 1 4  ? 0.707  23.097  -4.925  0.50 37.08 ? 3  TRP A CB   1 
ATOM   15  C  CB   B TRP A 1 4  ? 0.609  23.198  -4.974  0.50 38.71 ? 3  TRP A CB   1 
ATOM   16  C  CG   A TRP A 1 4  ? 1.061  21.920  -4.010  0.50 31.25 ? 3  TRP A CG   1 
ATOM   17  C  CG   B TRP A 1 4  ? 1.589  22.344  -4.301  0.50 37.43 ? 3  TRP A CG   1 
ATOM   18  C  CD1  A TRP A 1 4  ? 0.213  21.248  -3.182  0.50 28.18 ? 3  TRP A CD1  1 
ATOM   19  C  CD1  B TRP A 1 4  ? 2.933  22.456  -4.361  0.50 36.90 ? 3  TRP A CD1  1 
ATOM   20  C  CD2  A TRP A 1 4  ? 2.341  21.251  -3.898  0.50 28.75 ? 3  TRP A CD2  1 
ATOM   21  C  CD2  B TRP A 1 4  ? 1.310  21.205  -3.498  0.50 38.97 ? 3  TRP A CD2  1 
ATOM   22  N  NE1  A TRP A 1 4  ? 0.878  20.219  -2.556  0.50 29.12 ? 3  TRP A NE1  1 
ATOM   23  N  NE1  B TRP A 1 4  ? 3.530  21.460  -3.626  0.50 34.26 ? 3  TRP A NE1  1 
ATOM   24  C  CE2  A TRP A 1 4  ? 2.180  20.194  -2.978  0.50 29.66 ? 3  TRP A CE2  1 
ATOM   25  C  CE2  B TRP A 1 4  ? 2.550  20.677  -3.083  0.50 39.80 ? 3  TRP A CE2  1 
ATOM   26  C  CE3  A TRP A 1 4  ? 3.601  21.445  -4.482  0.50 23.60 ? 3  TRP A CE3  1 
ATOM   27  C  CE3  B TRP A 1 4  ? 0.135  20.575  -3.087  0.50 40.95 ? 3  TRP A CE3  1 
ATOM   28  C  CZ2  A TRP A 1 4  ? 3.228  19.327  -2.640  0.50 32.41 ? 3  TRP A CZ2  1 
ATOM   29  C  CZ2  B TRP A 1 4  ? 2.651  19.558  -2.279  0.50 42.62 ? 3  TRP A CZ2  1 
ATOM   30  C  CZ3  A TRP A 1 4  ? 4.630  20.579  -4.162  0.50 26.67 ? 3  TRP A CZ3  1 
ATOM   31  C  CZ3  B TRP A 1 4  ? 0.241  19.459  -2.293  0.50 45.47 ? 3  TRP A CZ3  1 
ATOM   32  C  CH2  A TRP A 1 4  ? 4.443  19.531  -3.242  0.50 31.61 ? 3  TRP A CH2  1 
ATOM   33  C  CH2  B TRP A 1 4  ? 1.495  18.963  -1.890  0.50 44.74 ? 3  TRP A CH2  1 
ATOM   34  H  H    . TRP A 1 4  ? 0.230  24.462  -7.047  1.00 39.83 ? 3  TRP A H    1 
ATOM   35  H  HA   A TRP A 1 4  ? 0.929  21.947  -6.614  0.50 38.16 ? 3  TRP A HA   1 
ATOM   36  H  HA   B TRP A 1 4  ? 0.939  21.976  -6.578  0.50 38.84 ? 3  TRP A HA   1 
ATOM   37  H  HB2  A TRP A 1 4  ? 1.493  23.656  -5.022  0.50 37.30 ? 3  TRP A HB2  1 
ATOM   38  H  HB2  B TRP A 1 4  ? 1.014  24.070  -5.090  0.50 38.69 ? 3  TRP A HB2  1 
ATOM   39  H  HB3  A TRP A 1 4  ? -0.015 23.597  -4.513  0.50 37.11 ? 3  TRP A HB3  1 
ATOM   40  H  HB3  B TRP A 1 4  ? -0.177 23.265  -4.411  0.50 38.86 ? 3  TRP A HB3  1 
ATOM   41  H  HD1  A TRP A 1 4  ? -0.683 21.463  -3.051  0.50 29.51 ? 3  TRP A HD1  1 
ATOM   42  H  HD1  B TRP A 1 4  ? 3.387  23.118  -4.823  0.50 36.60 ? 3  TRP A HD1  1 
ATOM   43  H  HE1  A TRP A 1 4  ? 0.530  19.676  -1.987  0.50 28.17 ? 3  TRP A HE1  1 
ATOM   44  H  HE1  B TRP A 1 4  ? 4.377  21.352  -3.517  0.50 35.32 ? 3  TRP A HE1  1 
ATOM   45  H  HE3  A TRP A 1 4  ? 3.729  22.116  -5.114  0.50 26.72 ? 3  TRP A HE3  1 
ATOM   46  H  HE3  B TRP A 1 4  ? -0.697 20.898  -3.350  0.50 41.32 ? 3  TRP A HE3  1 
ATOM   47  H  HZ2  A TRP A 1 4  ? 3.082  18.590  -2.091  0.50 32.12 ? 3  TRP A HZ2  1 
ATOM   48  H  HZ2  B TRP A 1 4  ? 3.475  19.263  -1.963  0.50 42.08 ? 3  TRP A HZ2  1 
ATOM   49  H  HZ3  A TRP A 1 4  ? 5.468  20.705  -4.545  0.50 27.83 ? 3  TRP A HZ3  1 
ATOM   50  H  HZ3  B TRP A 1 4  ? -0.525 19.030  -2.004  0.50 44.59 ? 3  TRP A HZ3  1 
ATOM   51  H  HH2  A TRP A 1 4  ? 5.163  18.988  -3.016  0.50 32.15 ? 3  TRP A HH2  1 
ATOM   52  H  HH2  B TRP A 1 4  ? 1.541  18.215  -1.347  0.50 44.73 ? 3  TRP A HH2  1 
ATOM   53  N  N    . GLU A 1 5  ? -2.175 22.517  -6.013  1.00 38.64 ? 4  GLU A N    1 
ATOM   54  C  CA   . GLU A 1 5  ? -3.488 21.866  -5.976  1.00 40.21 ? 4  GLU A CA   1 
ATOM   55  C  C    . GLU A 1 5  ? -3.702 20.905  -7.145  1.00 38.26 ? 4  GLU A C    1 
ATOM   56  O  O    . GLU A 1 5  ? -4.174 19.794  -6.938  1.00 38.69 ? 4  GLU A O    1 
ATOM   57  C  CB   . GLU A 1 5  ? -4.640 22.906  -5.944  1.00 41.64 ? 4  GLU A CB   1 
ATOM   58  H  H    . GLU A 1 5  ? -2.194 23.365  -5.869  1.00 38.67 ? 4  GLU A H    1 
ATOM   59  H  HA   . GLU A 1 5  ? -3.547 21.341  -5.150  1.00 39.86 ? 4  GLU A HA   1 
ATOM   60  H  HB2  . GLU A 1 5  ? -4.539 23.464  -5.166  0.00 41.76 ? 4  GLU A HB2  1 
ATOM   61  H  HB3  . GLU A 1 5  ? -4.580 23.469  -6.741  0.00 41.76 ? 4  GLU A HB3  1 
ATOM   62  N  N    . ALA A 1 6  ? -3.369 21.318  -8.364  1.00 34.72 ? 5  ALA A N    1 
ATOM   63  C  CA   . ALA A 1 6  ? -3.658 20.478  -9.521  1.00 33.42 ? 5  ALA A CA   1 
ATOM   64  C  C    . ALA A 1 6  ? -2.617 19.373  -9.646  1.00 30.56 ? 5  ALA A C    1 
ATOM   65  O  O    . ALA A 1 6  ? -2.943 18.163  -9.529  1.00 28.80 ? 5  ALA A O    1 
ATOM   66  C  CB   . ALA A 1 6  ? -3.719 21.292  -10.786 1.00 34.67 ? 5  ALA A CB   1 
ATOM   67  H  H    . ALA A 1 6  ? -2.983 22.065  -8.545  1.00 35.34 ? 5  ALA A H    1 
ATOM   68  H  HA   . ALA A 1 6  ? -4.534 20.054  -9.407  1.00 33.40 ? 5  ALA A HA   1 
ATOM   69  H  HB1  . ALA A 1 6  ? -4.413 21.943  -10.716 0.00 34.65 ? 5  ALA A HB1  1 
ATOM   70  H  HB2  . ALA A 1 6  ? -3.914 20.697  -11.534 0.00 34.65 ? 5  ALA A HB2  1 
ATOM   71  H  HB3  . ALA A 1 6  ? -2.873 21.711  -10.933 0.00 34.65 ? 5  ALA A HB3  1 
ATOM   72  N  N    . TRP A 1 7  ? -1.364 19.769  -9.838  1.00 23.96 ? 6  TRP A N    1 
ATOM   73  C  CA   . TRP A 1 7  ? -0.348 18.822  -10.293 1.00 22.67 ? 6  TRP A CA   1 
ATOM   74  C  C    . TRP A 1 7  ? 0.244  18.031  -9.135  1.00 21.65 ? 6  TRP A C    1 
ATOM   75  O  O    . TRP A 1 7  ? 0.268  16.799  -9.125  1.00 20.58 ? 6  TRP A O    1 
ATOM   76  C  CB   . TRP A 1 7  ? 0.760  19.532  -11.075 1.00 24.52 ? 6  TRP A CB   1 
ATOM   77  C  CG   . TRP A 1 7  ? 0.315  20.495  -12.203 1.00 34.54 ? 6  TRP A CG   1 
ATOM   78  C  CD1  . TRP A 1 7  ? 0.258  21.877  -12.125 1.00 43.34 ? 6  TRP A CD1  1 
ATOM   79  C  CD2  . TRP A 1 7  ? -0.056 20.172  -13.559 1.00 36.11 ? 6  TRP A CD2  1 
ATOM   80  N  NE1  . TRP A 1 7  ? -0.148 22.408  -13.331 1.00 45.09 ? 6  TRP A NE1  1 
ATOM   81  C  CE2  . TRP A 1 7  ? -0.346 21.382  -14.221 1.00 40.03 ? 6  TRP A CE2  1 
ATOM   82  C  CE3  . TRP A 1 7  ? -0.200 18.983  -14.256 1.00 40.97 ? 6  TRP A CE3  1 
ATOM   83  C  CZ2  . TRP A 1 7  ? -0.740 21.431  -15.559 1.00 41.02 ? 6  TRP A CZ2  1 
ATOM   84  C  CZ3  . TRP A 1 7  ? -0.591 19.040  -15.602 1.00 42.33 ? 6  TRP A CZ3  1 
ATOM   85  C  CH2  . TRP A 1 7  ? -0.864 20.250  -16.223 1.00 41.37 ? 6  TRP A CH2  1 
ATOM   86  H  H    . TRP A 1 7  ? -1.079 20.569  -9.708  1.00 25.14 ? 6  TRP A H    1 
ATOM   87  H  HA   . TRP A 1 7  ? -0.764 18.179  -10.905 1.00 23.07 ? 6  TRP A HA   1 
ATOM   88  H  HB2  . TRP A 1 7  ? 1.288  20.052  -10.450 1.00 24.25 ? 6  TRP A HB2  1 
ATOM   89  H  HB3  . TRP A 1 7  ? 1.323  18.856  -11.483 1.00 24.99 ? 6  TRP A HB3  1 
ATOM   90  H  HD1  . TRP A 1 7  ? 0.456  22.368  -11.371 1.00 41.89 ? 6  TRP A HD1  1 
ATOM   91  H  HE1  . TRP A 1 7  ? -0.253 23.244  -13.499 1.00 43.73 ? 6  TRP A HE1  1 
ATOM   92  H  HE3  . TRP A 1 7  ? -0.006 18.172  -13.851 1.00 40.49 ? 6  TRP A HE3  1 
ATOM   93  H  HZ2  . TRP A 1 7  ? -0.793 22.242  -16.011 1.00 41.45 ? 6  TRP A HZ2  1 
ATOM   94  H  HZ3  . TRP A 1 7  ? -0.686 18.249  -16.084 1.00 41.55 ? 6  TRP A HZ3  1 
ATOM   95  H  HH2  . TRP A 1 7  ? -1.138 20.253  -17.111 1.00 41.39 ? 6  TRP A HH2  1 
ATOM   96  N  N    . ASP A 1 8  ? 0.769  18.728  -8.146  1.00 21.52 ? 7  ASP A N    1 
ATOM   97  C  CA   . ASP A 1 8  ? 1.445  18.003  -7.052  1.00 22.25 ? 7  ASP A CA   1 
ATOM   98  C  C    . ASP A 1 8  ? 0.408  17.260  -6.228  1.00 20.41 ? 7  ASP A C    1 
ATOM   99  O  O    . ASP A 1 8  ? 0.667  16.133  -5.853  1.00 21.14 ? 7  ASP A O    1 
ATOM   100 C  CB   . ASP A 1 8  ? 2.331  18.940  -6.258  1.00 24.63 ? 7  ASP A CB   1 
ATOM   101 C  CG   . ASP A 1 8  ? 3.290  19.676  -7.181  1.00 32.37 ? 7  ASP A CG   1 
ATOM   102 O  OD1  . ASP A 1 8  ? 2.898  20.762  -7.656  1.00 31.90 ? 7  ASP A OD1  1 
ATOM   103 O  OD2  . ASP A 1 8  ? 4.364  19.119  -7.521  1.00 31.57 ? 7  ASP A OD2  1 
ATOM   104 H  H    . ASP A 1 8  ? 0.743  19.584  -8.071  1.00 21.65 ? 7  ASP A H    1 
ATOM   105 H  HA   . ASP A 1 8  ? 2.040  17.329  -7.443  1.00 22.30 ? 7  ASP A HA   1 
ATOM   106 H  HB2  . ASP A 1 8  ? 1.770  19.591  -5.817  1.00 24.51 ? 7  ASP A HB2  1 
ATOM   107 H  HB3  . ASP A 1 8  ? 2.847  18.434  -5.610  1.00 24.29 ? 7  ASP A HB3  1 
HETATM 108 N  N    . XPC A 1 9  ? -0.736 17.884  -5.961  1.00 21.51 ? 8  XPC A N    1 
HETATM 109 C  CB   . XPC A 1 9  ? -1.798 17.267  -5.183  1.00 20.85 ? 8  XPC A CB   1 
HETATM 110 C  CG   . XPC A 1 9  ? -2.527 18.209  -4.213  1.00 24.93 ? 8  XPC A CG   1 
HETATM 111 N  ND   . XPC A 1 9  ? -4.013 17.833  -4.277  1.00 28.59 ? 8  XPC A ND   1 
HETATM 112 C  CE   . XPC A 1 9  ? -4.211 16.778  -5.343  1.00 23.82 ? 8  XPC A CE   1 
HETATM 113 C  CA   . XPC A 1 9  ? -2.920 16.837  -6.163  1.00 20.94 ? 8  XPC A CA   1 
HETATM 114 C  C    . XPC A 1 9  ? -2.715 15.488  -6.813  1.00 18.05 ? 8  XPC A C    1 
HETATM 115 O  O    . XPC A 1 9  ? -2.678 14.470  -6.155  1.00 17.85 ? 8  XPC A O    1 
HETATM 116 H  H2   . XPC A 1 9  ? -0.887 18.682  -6.243  1.00 21.00 ? 8  XPC A H2   1 
HETATM 117 H  HB   . XPC A 1 9  ? -1.466 16.485  -4.694  1.00 21.42 ? 8  XPC A HB   1 
HETATM 118 H  HG   . XPC A 1 9  ? -2.404 19.142  -4.487  1.00 24.75 ? 8  XPC A HG   1 
HETATM 119 H  HGA  . XPC A 1 9  ? -2.187 18.075  -3.306  1.00 25.09 ? 8  XPC A HGA  1 
HETATM 120 H  HND  . XPC A 1 9  ? -4.297 17.473  -3.411  1.00 27.32 ? 8  XPC A HND  1 
HETATM 121 H  HE   . XPC A 1 9  ? -4.984 17.002  -5.905  1.00 22.71 ? 8  XPC A HE   1 
HETATM 122 H  HEA  . XPC A 1 9  ? -4.334 15.900  -4.928  1.00 22.60 ? 8  XPC A HEA  1 
HETATM 123 H  HA   . XPC A 1 9  ? -3.015 17.523  -6.854  1.00 20.85 ? 8  XPC A HA   1 
ATOM   124 N  N    . ALA A 1 10 ? -2.584 15.525  -8.116  1.00 16.98 ? 9  ALA A N    1 
ATOM   125 C  CA   . ALA A 1 10 ? -2.381 14.325  -8.915  1.00 16.89 ? 9  ALA A CA   1 
ATOM   126 C  C    . ALA A 1 10 ? -1.270 13.390  -8.468  1.00 14.08 ? 9  ALA A C    1 
ATOM   127 O  O    . ALA A 1 10 ? -1.463 12.177  -8.371  1.00 14.08 ? 9  ALA A O    1 
ATOM   128 C  CB   . ALA A 1 10 ? -2.255 14.672  -10.439 1.00 17.70 ? 9  ALA A CB   1 
ATOM   129 H  H    . ALA A 1 10 ? -2.611 16.246  -8.583  1.00 17.13 ? 9  ALA A H    1 
ATOM   130 H  HA   . ALA A 1 10 ? -3.206 13.802  -8.836  1.00 16.50 ? 9  ALA A HA   1 
ATOM   131 H  HB1  . ALA A 1 10 ? -3.061 15.106  -10.729 0.00 17.72 ? 9  ALA A HB1  1 
ATOM   132 H  HB2  . ALA A 1 10 ? -2.122 13.863  -10.935 0.00 17.72 ? 9  ALA A HB2  1 
ATOM   133 H  HB3  . ALA A 1 10 ? -1.504 15.261  -10.565 0.00 17.72 ? 9  ALA A HB3  1 
ATOM   134 N  N    . ILE A 1 11 ? -0.114 13.958  -8.228  1.00 13.99 ? 10 ILE A N    1 
ATOM   135 C  CA   . ILE A 1 11 ? 1.024  13.152  -7.897  1.00 13.22 ? 10 ILE A CA   1 
ATOM   136 C  C    . ILE A 1 11 ? 0.886  12.542  -6.502  1.00 13.83 ? 10 ILE A C    1 
ATOM   137 O  O    . ILE A 1 11 ? 1.168  11.368  -6.318  1.00 14.09 ? 10 ILE A O    1 
ATOM   138 C  CB   . ILE A 1 11 ? 2.353  13.931  -8.045  1.00 14.80 ? 10 ILE A CB   1 
ATOM   139 C  CG1  . ILE A 1 11 ? 2.567  14.389  -9.490  1.00 18.23 ? 10 ILE A CG1  1 
ATOM   140 C  CG2  . ILE A 1 11 ? 3.523  13.100  -7.560  1.00 17.94 ? 10 ILE A CG2  1 
ATOM   141 C  CD1  . ILE A 1 11 ? 3.807  15.325  -9.602  1.00 20.45 ? 10 ILE A CD1  1 
ATOM   142 H  H    . ILE A 1 11 ? 0.033  14.805  -8.247  1.00 13.71 ? 10 ILE A H    1 
ATOM   143 H  HA   . ILE A 1 11 ? 1.070  12.406  -8.532  1.00 13.77 ? 10 ILE A HA   1 
ATOM   144 H  HB   . ILE A 1 11 ? 2.299  14.722  -7.488  1.00 14.55 ? 10 ILE A HB   1 
ATOM   145 H  HG12 . ILE A 1 11 ? 2.725  13.612  -10.050 1.00 17.91 ? 10 ILE A HG12 1 
ATOM   146 H  HG13 . ILE A 1 11 ? 1.791  14.874  -9.803  1.00 18.99 ? 10 ILE A HG13 1 
ATOM   147 H  HG21 . ILE A 1 11 ? 3.389  12.883  -6.636  0.00 17.96 ? 10 ILE A HG21 1 
ATOM   148 H  HG22 . ILE A 1 11 ? 4.329  13.607  -7.665  0.00 17.96 ? 10 ILE A HG22 1 
ATOM   149 H  HG23 . ILE A 1 11 ? 3.570  12.296  -8.084  0.00 17.96 ? 10 ILE A HG23 1 
ATOM   150 H  HD11 . ILE A 1 11 ? 3.911  15.598  -10.519 0.00 20.46 ? 10 ILE A HD11 1 
ATOM   151 H  HD12 . ILE A 1 11 ? 4.585  14.850  -9.310  0.00 20.46 ? 10 ILE A HD12 1 
ATOM   152 H  HD13 . ILE A 1 11 ? 3.665  16.099  -9.050  0.00 20.46 ? 10 ILE A HD13 1 
ATOM   153 N  N    . ALA A 1 12 ? 0.482  13.341  -5.535  1.00 14.05 ? 11 ALA A N    1 
ATOM   154 C  CA   . ALA A 1 12 ? 0.388  12.867  -4.166  1.00 14.22 ? 11 ALA A CA   1 
ATOM   155 C  C    . ALA A 1 12 ? -0.764 11.911  -3.933  1.00 13.61 ? 11 ALA A C    1 
ATOM   156 O  O    . ALA A 1 12 ? -0.679 11.017  -3.111  1.00 14.86 ? 11 ALA A O    1 
ATOM   157 C  CB   . ALA A 1 12 ? 0.226  14.065  -3.213  1.00 15.70 ? 11 ALA A CB   1 
ATOM   158 H  H    . ALA A 1 12 ? 0.256  14.165  -5.643  1.00 14.05 ? 11 ALA A H    1 
ATOM   159 H  HA   . ALA A 1 12 ? 1.218  12.406  -3.925  1.00 14.34 ? 11 ALA A HA   1 
ATOM   160 H  HB1  . ALA A 1 12 ? 0.990  14.642  -3.300  0.00 15.68 ? 11 ALA A HB1  1 
ATOM   161 H  HB2  . ALA A 1 12 ? 0.166  13.742  -2.310  0.00 15.68 ? 11 ALA A HB2  1 
ATOM   162 H  HB3  . ALA A 1 12 ? -0.574 14.546  -3.442  0.00 15.68 ? 11 ALA A HB3  1 
HETATM 163 N  N    . B3E A 1 13 ? -1.837 12.119  -4.668  1.00 13.69 ? 12 B3E A N    1 
HETATM 164 C  CA   . B3E A 1 13 ? -3.026 11.284  -4.553  1.00 15.27 ? 12 B3E A CA   1 
HETATM 165 C  CG   . B3E A 1 13 ? -4.166 12.253  -4.108  1.00 18.72 ? 12 B3E A CG   1 
HETATM 166 C  CD   . B3E A 1 13 ? -3.898 12.945  -2.759  1.00 21.41 ? 12 B3E A CD   1 
HETATM 167 C  CE   . B3E A 1 13 ? -4.778 14.183  -2.543  1.00 28.07 ? 12 B3E A CE   1 
HETATM 168 O  OF2  . B3E A 1 13 ? -4.282 15.083  -1.855  1.00 41.80 ? 12 B3E A OF2  1 
HETATM 169 O  OF1  . B3E A 1 13 ? -5.922 14.281  -3.010  1.00 35.37 ? 12 B3E A OF1  1 
HETATM 170 C  CB   . B3E A 1 13 ? -3.400 10.593  -5.788  1.00 14.29 ? 12 B3E A CB   1 
HETATM 171 C  C    . B3E A 1 13 ? -2.536 9.389   -6.013  1.00 14.60 ? 12 B3E A C    1 
HETATM 172 O  O    . B3E A 1 13 ? -2.709 8.358   -5.387  1.00 15.52 ? 12 B3E A O    1 
HETATM 173 H  H    . B3E A 1 13 ? -1.876 12.759  -5.240  1.00 14.04 ? 12 B3E A H    1 
HETATM 174 H  HA   . B3E A 1 13 ? -2.901 10.531  -3.763  1.00 14.69 ? 12 B3E A HA   1 
HETATM 175 H  HG2  . B3E A 1 13 ? -4.313 13.013  -4.877  1.00 17.99 ? 12 B3E A HG2  1 
HETATM 176 H  HG3  . B3E A 1 13 ? -5.099 11.692  -4.030  1.00 18.27 ? 12 B3E A HG3  1 
HETATM 177 H  HD2  . B3E A 1 13 ? -4.080 12.227  -1.957  1.00 22.50 ? 12 B3E A HD2  1 
HETATM 178 H  HD3  . B3E A 1 13 ? -2.854 13.250  -2.692  1.00 22.21 ? 12 B3E A HD3  1 
HETATM 179 H  HB1  . B3E A 1 13 ? -3.315 11.281  -6.630  1.00 14.44 ? 12 B3E A HB1  1 
HETATM 180 H  HB2  . B3E A 1 13 ? -4.442 10.274  -5.723  1.00 14.43 ? 12 B3E A HB2  1 
ATOM   181 N  N    . TYR A 1 14 ? -1.602 9.532   -6.917  1.00 13.13 ? 13 TYR A N    1 
ATOM   182 C  CA   . TYR A 1 14 ? -0.694 8.440   -7.239  1.00 12.42 ? 13 TYR A CA   1 
ATOM   183 C  C    . TYR A 1 14 ? 0.132  7.868   -6.111  1.00 12.07 ? 13 TYR A C    1 
ATOM   184 O  O    . TYR A 1 14 ? 0.203  6.647   -5.929  1.00 13.49 ? 13 TYR A O    1 
ATOM   185 C  CB   . TYR A 1 14 ? 0.171  8.811   -8.475  1.00 14.14 ? 13 TYR A CB   1 
ATOM   186 C  CG   . TYR A 1 14 ? 1.024  7.673   -8.974  1.00 13.12 ? 13 TYR A CG   1 
ATOM   187 C  CD1  . TYR A 1 14 ? 0.454  6.644   -9.687  1.00 14.43 ? 13 TYR A CD1  1 
ATOM   188 C  CD2  . TYR A 1 14 ? 2.392  7.600   -8.681  1.00 14.56 ? 13 TYR A CD2  1 
ATOM   189 C  CE1  . TYR A 1 14 ? 1.216  5.582   -10.117 1.00 17.63 ? 13 TYR A CE1  1 
ATOM   190 C  CE2  . TYR A 1 14 ? 3.150  6.542   -9.118  1.00 18.03 ? 13 TYR A CE2  1 
ATOM   191 C  CZ   . TYR A 1 14 ? 2.564  5.540   -9.840  1.00 18.82 ? 13 TYR A CZ   1 
ATOM   192 O  OH   . TYR A 1 14 ? 3.289  4.457   -10.251 1.00 22.50 ? 13 TYR A OH   1 
ATOM   193 H  H    . TYR A 1 14 ? -1.464 10.250  -7.371  1.00 13.31 ? 13 TYR A H    1 
ATOM   194 H  HA   . TYR A 1 14 ? -1.259 7.699   -7.540  1.00 12.87 ? 13 TYR A HA   1 
ATOM   195 H  HB2  . TYR A 1 14 ? -0.416 9.082   -9.198  1.00 12.98 ? 13 TYR A HB2  1 
ATOM   196 H  HB3  . TYR A 1 14 ? 0.761  9.545   -8.239  1.00 13.05 ? 13 TYR A HB3  1 
ATOM   197 H  HD1  . TYR A 1 14 ? -0.455 6.666   -9.880  1.00 14.92 ? 13 TYR A HD1  1 
ATOM   198 H  HD2  . TYR A 1 14 ? 2.794  8.282   -8.193  1.00 14.36 ? 13 TYR A HD2  1 
ATOM   199 H  HE1  . TYR A 1 14 ? 0.818  4.897   -10.600 1.00 16.38 ? 13 TYR A HE1  1 
ATOM   200 H  HE2  . TYR A 1 14 ? 4.058  6.505   -8.920  1.00 17.57 ? 13 TYR A HE2  1 
ATOM   201 H  HH   . TYR A 1 14 ? 3.246  4.385   -11.068 0.00 22.43 ? 13 TYR A HH   1 
ATOM   202 N  N    . ALA A 1 15 ? 0.770  8.739   -5.347  1.00 11.82 ? 14 ALA A N    1 
ATOM   203 C  CA   . ALA A 1 15 ? 1.654  8.266   -4.305  1.00 12.73 ? 14 ALA A CA   1 
ATOM   204 C  C    . ALA A 1 15 ? 0.881  7.569   -3.161  1.00 12.56 ? 14 ALA A C    1 
ATOM   205 O  O    . ALA A 1 15 ? 1.318  6.558   -2.659  1.00 14.33 ? 14 ALA A O    1 
ATOM   206 C  CB   . ALA A 1 15 ? 2.469  9.420   -3.750  1.00 15.35 ? 14 ALA A CB   1 
ATOM   207 H  H    . ALA A 1 15 ? 0.706  9.595   -5.414  1.00 12.05 ? 14 ALA A H    1 
ATOM   208 H  HA   . ALA A 1 15 ? 2.282  7.616   -4.684  1.00 13.01 ? 14 ALA A HA   1 
ATOM   209 H  HB1  . ALA A 1 15 ? 2.990  9.804   -4.456  0.00 15.34 ? 14 ALA A HB1  1 
ATOM   210 H  HB2  . ALA A 1 15 ? 3.050  9.088   -3.060  0.00 15.34 ? 14 ALA A HB2  1 
ATOM   211 H  HB3  . ALA A 1 15 ? 1.871  10.078  -3.385  0.00 15.34 ? 14 ALA A HB3  1 
HETATM 212 N  N    . XCP A 1 16 ? -0.254 8.141   -2.783  1.00 13.75 ? 15 XCP A N    1 
HETATM 213 C  CB   . XCP A 1 16 ? -1.133 7.631   -1.713  1.00 13.62 ? 15 XCP A CB   1 
HETATM 214 C  CG   . XCP A 1 16 ? -1.612 8.710   -0.754  1.00 16.70 ? 15 XCP A CG   1 
HETATM 215 C  CD   . XCP A 1 16 ? -2.959 8.248   -0.189  1.00 20.25 ? 15 XCP A CD   1 
HETATM 216 C  CE   . XCP A 1 16 ? -3.437 7.081   -1.043  1.00 15.85 ? 15 XCP A CE   1 
HETATM 217 C  CA   . XCP A 1 16 ? -2.453 7.065   -2.234  1.00 15.44 ? 15 XCP A CA   1 
HETATM 218 C  C    . XCP A 1 16 ? -2.364 5.680   -2.872  1.00 13.33 ? 15 XCP A C    1 
HETATM 219 O  O    . XCP A 1 16 ? -2.283 4.693   -2.174  1.00 13.89 ? 15 XCP A O    1 
HETATM 220 H  H2   . XCP A 1 16 ? -0.526 8.859   -3.168  1.00 13.45 ? 15 XCP A H2   1 
HETATM 221 H  HB   . XCP A 1 16 ? -0.667 6.937   -1.201  1.00 14.51 ? 15 XCP A HB   1 
HETATM 222 H  HG   . XCP A 1 16 ? -1.727 9.557   -1.231  1.00 16.85 ? 15 XCP A HG   1 
HETATM 223 H  HGA  . XCP A 1 16 ? -0.964 8.822   -0.026  1.00 17.02 ? 15 XCP A HGA  1 
HETATM 224 H  HD   . XCP A 1 16 ? -3.608 8.980   -0.233  1.00 19.34 ? 15 XCP A HD   1 
HETATM 225 H  HDA  . XCP A 1 16 ? -2.848 7.956   0.740   1.00 18.85 ? 15 XCP A HDA  1 
HETATM 226 H  HE   . XCP A 1 16 ? -4.351 7.240   -1.357  1.00 16.25 ? 15 XCP A HE   1 
HETATM 227 H  HEA  . XCP A 1 16 ? -3.388 6.247   -0.532  1.00 16.09 ? 15 XCP A HEA  1 
HETATM 228 H  HA   . XCP A 1 16 ? -2.799 7.688   -2.904  1.00 14.69 ? 15 XCP A HA   1 
ATOM   229 N  N    . ARG A 1 17 ? -2.381 5.640   -4.206  1.00 13.72 ? 16 ARG A N    1 
ATOM   230 C  CA   . ARG A 1 17 ? -2.304 4.390   -4.932  1.00 14.35 ? 16 ARG A CA   1 
ATOM   231 C  C    . ARG A 1 17 ? -1.128 3.501   -4.579  1.00 12.12 ? 16 ARG A C    1 
ATOM   232 O  O    . ARG A 1 17 ? -1.323 2.341   -4.308  1.00 13.25 ? 16 ARG A O    1 
ATOM   233 C  CB   . ARG A 1 17 ? -2.392 4.657   -6.422  1.00 14.67 ? 16 ARG A CB   1 
ATOM   234 C  CG   . ARG A 1 17 ? -2.436 3.402   -7.256  1.00 17.03 ? 16 ARG A CG   1 
ATOM   235 C  CD   . ARG A 1 17 ? -2.607 3.808   -8.711  1.00 22.86 ? 16 ARG A CD   1 
ATOM   236 N  NE   . ARG A 1 17 ? -2.814 2.691   -9.627  1.00 25.48 ? 16 ARG A NE   1 
ATOM   237 C  CZ   . ARG A 1 17 ? -1.832 2.101   -10.283 1.00 25.12 ? 16 ARG A CZ   1 
ATOM   238 N  NH1  . ARG A 1 17 ? -2.127 1.121   -11.127 1.00 26.01 ? 16 ARG A NH1  1 
ATOM   239 N  NH2  . ARG A 1 17 ? -0.549 2.486   -10.127 1.00 32.83 ? 16 ARG A NH2  1 
ATOM   240 H  H    . ARG A 1 17 ? -2.440 6.336   -4.709  1.00 13.72 ? 16 ARG A H    1 
ATOM   241 H  HA   . ARG A 1 17 ? -3.109 3.879   -4.703  1.00 13.88 ? 16 ARG A HA   1 
ATOM   242 H  HB2  . ARG A 1 17 ? -3.200 5.162   -6.600  1.00 14.62 ? 16 ARG A HB2  1 
ATOM   243 H  HB3  . ARG A 1 17 ? -1.617 5.166   -6.700  1.00 14.95 ? 16 ARG A HB3  1 
ATOM   244 H  HG2  . ARG A 1 17 ? -1.604 2.911   -7.172  1.00 18.20 ? 16 ARG A HG2  1 
ATOM   245 H  HG3  . ARG A 1 17 ? -3.190 2.855   -6.990  1.00 18.24 ? 16 ARG A HG3  1 
ATOM   246 H  HD2  . ARG A 1 17 ? -3.390 4.369   -8.775  1.00 23.51 ? 16 ARG A HD2  1 
ATOM   247 H  HD3  . ARG A 1 17 ? -1.836 4.320   -8.992  1.00 23.60 ? 16 ARG A HD3  1 
ATOM   248 H  HE   . ARG A 1 17 ? -3.704 2.607   -9.999  1.00 26.63 ? 16 ARG A HE   1 
ATOM   249 H  HH11 . ARG A 1 17 ? -1.498 0.715   -11.551 1.00 27.04 ? 16 ARG A HH11 1 
ATOM   250 H  HH12 . ARG A 1 17 ? -2.940 0.865   -11.230 1.00 26.45 ? 16 ARG A HH12 1 
ATOM   251 H  HH21 . ARG A 1 17 ? -0.335 3.122   -9.594  1.00 29.82 ? 16 ARG A HH21 1 
ATOM   252 H  HH22 . ARG A 1 17 ? 0.071  2.080   -10.563 1.00 31.76 ? 16 ARG A HH22 1 
ATOM   253 N  N    . ILE A 1 18 ? 0.076  4.046   -4.597  1.00 11.46 ? 17 ILE A N    1 
ATOM   254 C  CA   . ILE A 1 18 ? 1.227  3.201   -4.327  1.00 12.26 ? 17 ILE A CA   1 
ATOM   255 C  C    . ILE A 1 18 ? 1.351  2.802   -2.852  1.00 13.06 ? 17 ILE A C    1 
ATOM   256 O  O    . ILE A 1 18 ? 1.586  1.653   -2.534  1.00 12.50 ? 17 ILE A O    1 
ATOM   257 C  CB   . ILE A 1 18 ? 2.542  3.848   -4.856  1.00 13.09 ? 17 ILE A CB   1 
ATOM   258 C  CG1  . ILE A 1 18 ? 2.410  4.013   -6.391  1.00 13.93 ? 17 ILE A CG1  1 
ATOM   259 C  CG2  . ILE A 1 18 ? 3.750  3.033   -4.473  1.00 15.01 ? 17 ILE A CG2  1 
ATOM   260 C  CD1  . ILE A 1 18 ? 2.134  2.767   -7.208  1.00 16.17 ? 17 ILE A CD1  1 
ATOM   261 H  H    . ILE A 1 18 ? 0.247  4.875   -4.752  1.00 11.89 ? 17 ILE A H    1 
ATOM   262 H  HA   . ILE A 1 18 ? 1.115  2.365   -4.823  1.00 12.46 ? 17 ILE A HA   1 
ATOM   263 H  HB   . ILE A 1 18 ? 2.631  4.730   -4.461  1.00 12.94 ? 17 ILE A HB   1 
ATOM   264 H  HG12 . ILE A 1 18 ? 1.693  4.638   -6.575  1.00 14.31 ? 17 ILE A HG12 1 
ATOM   265 H  HG13 . ILE A 1 18 ? 3.242  4.385   -6.722  1.00 14.27 ? 17 ILE A HG13 1 
ATOM   266 H  HG21 . ILE A 1 18 ? 3.796  2.979   -3.513  0.00 15.03 ? 17 ILE A HG21 1 
ATOM   267 H  HG22 . ILE A 1 18 ? 4.536  3.461   -4.813  0.00 15.03 ? 17 ILE A HG22 1 
ATOM   268 H  HG23 . ILE A 1 18 ? 3.663  2.153   -4.845  0.00 15.03 ? 17 ILE A HG23 1 
ATOM   269 H  HD11 . ILE A 1 18 ? 2.079  3.009   -8.135  0.00 16.12 ? 17 ILE A HD11 1 
ATOM   270 H  HD12 . ILE A 1 18 ? 1.307  2.381   -6.918  0.00 16.12 ? 17 ILE A HD12 1 
ATOM   271 H  HD13 . ILE A 1 18 ? 2.854  2.145   -7.077  0.00 16.12 ? 17 ILE A HD13 1 
ATOM   272 N  N    . GLU A 1 19 ? 1.137  3.741   -1.963  1.00 12.01 ? 18 GLU A N    1 
ATOM   273 C  CA   . GLU A 1 19 ? 1.249  3.449   -0.559  1.00 13.20 ? 18 GLU A CA   1 
ATOM   274 C  C    . GLU A 1 19 ? 0.194  2.481   -0.053  1.00 12.38 ? 18 GLU A C    1 
ATOM   275 O  O    . GLU A 1 19 ? 0.471  1.593   0.748   1.00 13.02 ? 18 GLU A O    1 
ATOM   276 C  CB   . GLU A 1 19 ? 1.027  4.753   0.213   1.00 17.25 ? 18 GLU A CB   1 
ATOM   277 C  CG   . GLU A 1 19 ? 1.076  4.683   1.685   1.00 25.18 ? 18 GLU A CG   1 
ATOM   278 C  CD   . GLU A 1 19 ? 0.502  5.895   2.367   1.00 30.22 ? 18 GLU A CD   1 
ATOM   279 O  OE1  . GLU A 1 19 ? -0.036 5.678   3.446   1.00 37.25 ? 18 GLU A OE1  1 
ATOM   280 O  OE2  . GLU A 1 19 ? 0.579  7.028   1.848   1.00 31.72 ? 18 GLU A OE2  1 
ATOM   281 H  H    . GLU A 1 19 ? 0.927  4.554   -2.150  1.00 12.46 ? 18 GLU A H    1 
ATOM   282 H  HA   . GLU A 1 19 ? 2.141  3.098   -0.351  1.00 13.59 ? 18 GLU A HA   1 
ATOM   283 H  HB2  . GLU A 1 19 ? 1.707  5.388   -0.064  1.00 15.98 ? 18 GLU A HB2  1 
ATOM   284 H  HB3  . GLU A 1 19 ? 0.152  5.097   -0.026  1.00 16.10 ? 18 GLU A HB3  1 
ATOM   285 H  HG2  . GLU A 1 19 ? 0.575  3.914   1.995   1.00 24.97 ? 18 GLU A HG2  1 
ATOM   286 H  HG3  . GLU A 1 19 ? 2.002  4.600   1.961   1.00 24.96 ? 18 GLU A HG3  1 
HETATM 287 N  N    . XCP A 1 20 ? -1.027 2.669   -0.536  1.00 12.47 ? 19 XCP A N    1 
HETATM 288 C  CB   . XCP A 1 20 ? -2.179 1.829   -0.155  1.00 12.23 ? 19 XCP A CB   1 
HETATM 289 C  CG   . XCP A 1 20 ? -3.187 2.731   0.547   1.00 16.35 ? 19 XCP A CG   1 
HETATM 290 C  CD   . XCP A 1 20 ? -4.426 1.848   0.597   1.00 17.53 ? 19 XCP A CD   1 
HETATM 291 C  CE   . XCP A 1 20 ? -4.411 1.055   -0.708  1.00 14.40 ? 19 XCP A CE   1 
HETATM 292 C  CA   . XCP A 1 20 ? -2.974 1.211   -1.268  1.00 12.81 ? 19 XCP A CA   1 
HETATM 293 C  C    . XCP A 1 20 ? -2.290 -0.093  -1.653  1.00 13.27 ? 19 XCP A C    1 
HETATM 294 O  O    . XCP A 1 20 ? -2.513 -1.143  -1.037  1.00 13.02 ? 19 XCP A O    1 
HETATM 295 H  H2   . XCP A 1 20 ? -1.193 3.301   -1.095  1.00 12.37 ? 19 XCP A H2   1 
HETATM 296 H  HB   . XCP A 1 20 ? -1.896 1.128   0.470   1.00 12.79 ? 19 XCP A HB   1 
HETATM 297 H  HG   . XCP A 1 20 ? -3.359 3.539   0.019   1.00 15.84 ? 19 XCP A HG   1 
HETATM 298 H  HGA  . XCP A 1 20 ? -2.883 2.960   1.448   1.00 15.52 ? 19 XCP A HGA  1 
HETATM 299 H  HD   . XCP A 1 20 ? -5.232 2.401   0.648   1.00 16.23 ? 19 XCP A HD   1 
HETATM 300 H  HDA  . XCP A 1 20 ? -4.380 1.241   1.365   1.00 16.47 ? 19 XCP A HDA  1 
HETATM 301 H  HE   . XCP A 1 20 ? -5.061 1.432   -1.337  1.00 13.66 ? 19 XCP A HE   1 
HETATM 302 H  HEA  . XCP A 1 20 ? -4.619 0.114   -0.532  1.00 14.16 ? 19 XCP A HEA  1 
HETATM 303 H  HA   . XCP A 1 20 ? -2.988 1.818   -2.038  1.00 13.05 ? 19 XCP A HA   1 
ATOM   304 N  N    . LEU A 1 21 ? -1.447 -0.026  -2.679  1.00 12.07 ? 20 LEU A N    1 
ATOM   305 C  CA   . LEU A 1 21 ? -0.748 -1.210  -3.125  1.00 12.95 ? 20 LEU A CA   1 
ATOM   306 C  C    . LEU A 1 21 ? 0.185  -1.842  -2.129  1.00 12.27 ? 20 LEU A C    1 
ATOM   307 O  O    . LEU A 1 21 ? 0.086  -3.031  -1.898  1.00 13.32 ? 20 LEU A O    1 
ATOM   308 C  CB   . LEU A 1 21 ? -0.011 -0.901  -4.427  1.00 14.35 ? 20 LEU A CB   1 
ATOM   309 C  CG   . LEU A 1 21 ? 0.744  -2.065  -5.069  1.00 17.05 ? 20 LEU A CG   1 
ATOM   310 C  CD1  . LEU A 1 21 ? -0.196 -3.223  -5.504  1.00 23.07 ? 20 LEU A CD1  1 
ATOM   311 C  CD2  . LEU A 1 21 ? 1.609  -1.540  -6.234  1.00 23.57 ? 20 LEU A CD2  1 
ATOM   312 H  H    . LEU A 1 21 ? -1.272 0.688   -3.126  1.00 12.61 ? 20 LEU A H    1 
ATOM   313 H  HA   . LEU A 1 21 ? -1.424 -1.885  -3.343  1.00 12.92 ? 20 LEU A HA   1 
ATOM   314 H  HB2  . LEU A 1 21 ? -0.659 -0.585  -5.075  1.00 14.02 ? 20 LEU A HB2  1 
ATOM   315 H  HB3  . LEU A 1 21 ? 0.636  -0.200  -4.251  1.00 13.85 ? 20 LEU A HB3  1 
ATOM   316 H  HG   . LEU A 1 21 ? 1.360  -2.433  -4.416  1.00 18.90 ? 20 LEU A HG   1 
ATOM   317 H  HD11 . LEU A 1 21 ? -0.656 -3.559  -4.729  0.00 23.07 ? 20 LEU A HD11 1 
ATOM   318 H  HD12 . LEU A 1 21 ? 0.330  -3.923  -5.896  0.00 23.07 ? 20 LEU A HD12 1 
ATOM   319 H  HD13 . LEU A 1 21 ? -0.830 -2.890  -6.141  0.00 23.07 ? 20 LEU A HD13 1 
ATOM   320 H  HD21 . LEU A 1 21 ? 2.073  -2.273  -6.640  0.00 23.39 ? 20 LEU A HD21 1 
ATOM   321 H  HD22 . LEU A 1 21 ? 2.230  -0.893  -5.902  0.00 23.39 ? 20 LEU A HD22 1 
ATOM   322 H  HD23 . LEU A 1 21 ? 1.029  -1.126  -6.890  0.00 23.39 ? 20 LEU A HD23 1 
ATOM   323 N  N    . ILE A 1 22 ? 1.073  -1.049  -1.526  1.00 12.16 ? 21 ILE A N    1 
ATOM   324 C  CA   . ILE A 1 22 ? 2.055  -1.612  -0.592  1.00 11.71 ? 21 ILE A CA   1 
ATOM   325 C  C    . ILE A 1 22 ? 1.354  -2.114  0.661   1.00 11.73 ? 21 ILE A C    1 
ATOM   326 O  O    . ILE A 1 22 ? 1.534  -3.244  1.060   1.00 12.43 ? 21 ILE A O    1 
ATOM   327 C  CB   . ILE A 1 22 ? 3.152  -0.585  -0.238  1.00 12.74 ? 21 ILE A CB   1 
ATOM   328 C  CG1  . ILE A 1 22 ? 3.999  -0.274  -1.483  1.00 13.06 ? 21 ILE A CG1  1 
ATOM   329 C  CG2  . ILE A 1 22 ? 4.020  -1.059  0.945   1.00 12.95 ? 21 ILE A CG2  1 
ATOM   330 C  CD1  . ILE A 1 22 ? 4.901  0.960   -1.349  1.00 14.80 ? 21 ILE A CD1  1 
ATOM   331 H  H    . ILE A 1 22 ? 1.123  -0.198  -1.638  1.00 12.05 ? 21 ILE A H    1 
ATOM   332 H  HA   . ILE A 1 22 ? 2.495  -2.378  -1.016  1.00 12.00 ? 21 ILE A HA   1 
ATOM   333 H  HB   . ILE A 1 22 ? 2.713  0.236   0.032   1.00 12.25 ? 21 ILE A HB   1 
ATOM   334 H  HG12 . ILE A 1 22 ? 4.573  -1.034  -1.660  1.00 12.58 ? 21 ILE A HG12 1 
ATOM   335 H  HG13 . ILE A 1 22 ? 3.413  -0.128  -2.242  1.00 13.11 ? 21 ILE A HG13 1 
ATOM   336 H  HG21 . ILE A 1 22 ? 3.458  -1.181  1.713   0.00 13.00 ? 21 ILE A HG21 1 
ATOM   337 H  HG22 . ILE A 1 22 ? 4.686  -0.395  1.129   0.00 13.00 ? 21 ILE A HG22 1 
ATOM   338 H  HG23 . ILE A 1 22 ? 4.441  -1.891  0.711   0.00 13.00 ? 21 ILE A HG23 1 
ATOM   339 H  HD11 . ILE A 1 22 ? 5.388  1.080   -2.167  0.00 14.84 ? 21 ILE A HD11 1 
ATOM   340 H  HD12 . ILE A 1 22 ? 5.510  0.823   -0.621  0.00 14.84 ? 21 ILE A HD12 1 
ATOM   341 H  HD13 . ILE A 1 22 ? 4.353  1.729   -1.181  0.00 14.84 ? 21 ILE A HD13 1 
HETATM 342 N  N    . XPC A 1 23 ? 0.551  -1.237  1.266   1.00 12.02 ? 22 XPC A N    1 
HETATM 343 C  CB   . XPC A 1 23 ? -0.169 -1.598  2.465   1.00 12.23 ? 22 XPC A CB   1 
HETATM 344 C  CG   . XPC A 1 23 ? -0.239 -0.386  3.408   1.00 14.35 ? 22 XPC A CG   1 
HETATM 345 N  ND   . XPC A 1 23 ? -1.383 -0.706  4.347   1.00 15.64 ? 22 XPC A ND   1 
HETATM 346 C  CE   . XPC A 1 23 ? -2.298 -1.627  3.590   1.00 14.68 ? 22 XPC A CE   1 
HETATM 347 C  CA   . XPC A 1 23 ? -1.632 -1.914  2.234   1.00 12.83 ? 22 XPC A CA   1 
HETATM 348 C  C    . XPC A 1 23 ? -1.875 -3.353  1.774   1.00 13.36 ? 22 XPC A C    1 
HETATM 349 O  O    . XPC A 1 23 ? -1.680 -4.309  2.518   1.00 13.62 ? 22 XPC A O    1 
HETATM 350 H  H2   . XPC A 1 23 ? 0.441  -0.440  0.963   1.00 12.02 ? 22 XPC A H2   1 
HETATM 351 H  HB   . XPC A 1 23 ? 0.265  -2.344  2.928   1.00 12.50 ? 22 XPC A HB   1 
HETATM 352 H  HG   . XPC A 1 23 ? -0.434 0.433   2.909   1.00 14.11 ? 22 XPC A HG   1 
HETATM 353 H  HGA  . XPC A 1 23 ? 0.599  -0.292  3.909   1.00 14.42 ? 22 XPC A HGA  1 
HETATM 354 H  HND  . XPC A 1 23 ? -1.045 -1.170  5.139   1.00 15.24 ? 22 XPC A HND  1 
HETATM 355 H  HE   . XPC A 1 23 ? -3.159 -1.185  3.447   1.00 13.82 ? 22 XPC A HE   1 
HETATM 356 H  HEA  . XPC A 1 23 ? -2.428 -2.455  4.097   1.00 14.11 ? 22 XPC A HEA  1 
HETATM 357 H  HA   . XPC A 1 23 ? -1.991 -1.290  1.569   1.00 13.16 ? 22 XPC A HA   1 
ATOM   358 N  N    . ALA A 1 24 ? -2.306 -3.495  0.524   1.00 12.86 ? 23 ALA A N    1 
ATOM   359 C  CA   . ALA A 1 24 ? -2.591 -4.802  -0.072  1.00 12.25 ? 23 ALA A CA   1 
ATOM   360 C  C    . ALA A 1 24 ? -1.494 -5.864  0.016   1.00 11.70 ? 23 ALA A C    1 
ATOM   361 O  O    . ALA A 1 24 ? -1.757 -7.007  0.397   1.00 13.14 ? 23 ALA A O    1 
ATOM   362 C  CB   . ALA A 1 24 ? -3.092 -4.651  -1.509  1.00 12.97 ? 23 ALA A CB   1 
ATOM   363 H  H    . ALA A 1 24 ? -2.448 -2.836  -0.010  1.00 12.76 ? 23 ALA A H    1 
ATOM   364 H  HA   . ALA A 1 24 ? -3.347 -5.170  0.430   1.00 12.39 ? 23 ALA A HA   1 
ATOM   365 H  HB1  . ALA A 1 24 ? -3.898 -4.128  -1.504  0.00 12.99 ? 23 ALA A HB1  1 
ATOM   366 H  HB2  . ALA A 1 24 ? -3.270 -5.521  -1.868  0.00 12.99 ? 23 ALA A HB2  1 
ATOM   367 H  HB3  . ALA A 1 24 ? -2.418 -4.209  -2.029  0.00 12.99 ? 23 ALA A HB3  1 
ATOM   368 N  N    . ALA A 1 25 ? -0.283 -5.492  -0.398  1.00 11.97 ? 24 ALA A N    1 
ATOM   369 C  CA   . ALA A 1 25 ? 0.793  -6.447  -0.454  1.00 12.14 ? 24 ALA A CA   1 
ATOM   370 C  C    . ALA A 1 25 ? 1.253  -6.896  0.935   1.00 12.40 ? 24 ALA A C    1 
ATOM   371 O  O    . ALA A 1 25 ? 1.543  -8.051  1.134   1.00 13.69 ? 24 ALA A O    1 
ATOM   372 C  CB   . ALA A 1 25 ? 1.922  -5.906  -1.309  1.00 12.90 ? 24 ALA A CB   1 
ATOM   373 H  H    . ALA A 1 25 ? -0.074 -4.695  -0.645  1.00 11.97 ? 24 ALA A H    1 
ATOM   374 H  HA   . ALA A 1 25 ? 0.464  -7.248  -0.913  1.00 12.30 ? 24 ALA A HA   1 
ATOM   375 H  HB1  . ALA A 1 25 ? 1.589  -5.744  -2.195  0.00 12.88 ? 24 ALA A HB1  1 
ATOM   376 H  HB2  . ALA A 1 25 ? 2.628  -6.553  -1.337  0.00 12.88 ? 24 ALA A HB2  1 
ATOM   377 H  HB3  . ALA A 1 25 ? 2.238  -5.087  -0.923  0.00 12.88 ? 24 ALA A HB3  1 
ATOM   378 N  N    . GLN A 1 26 ? 1.282  -5.962  1.896   1.00 12.65 ? 25 GLN A N    1 
ATOM   379 C  CA   . GLN A 1 26 ? 1.741  -6.244  3.244   1.00 13.53 ? 25 GLN A CA   1 
ATOM   380 C  C    . GLN A 1 26 ? 0.687  -6.983  4.079   1.00 14.30 ? 25 GLN A C    1 
ATOM   381 O  O    . GLN A 1 26 ? 1.029  -7.767  4.932   1.00 15.88 ? 25 GLN A O    1 
ATOM   382 C  CB   . GLN A 1 26 ? 2.129  -4.963  3.966   1.00 14.94 ? 25 GLN A CB   1 
ATOM   383 C  CG   . GLN A 1 26 ? 3.434  -4.359  3.480   1.00 17.10 ? 25 GLN A CG   1 
ATOM   384 C  CD   . GLN A 1 26 ? 3.754  -3.002  4.069   1.00 19.39 ? 25 GLN A CD   1 
ATOM   385 O  OE1  . GLN A 1 26 ? 2.858  -2.187  4.351   1.00 20.27 ? 25 GLN A OE1  1 
ATOM   386 N  NE2  . GLN A 1 26 ? 5.063  -2.737  4.225   1.00 20.96 ? 25 GLN A NE2  1 
ATOM   387 H  H    . GLN A 1 26 ? 1.035  -5.147  1.778   1.00 12.72 ? 25 GLN A H    1 
ATOM   388 H  HA   . GLN A 1 26 ? 2.539  -6.810  3.198   1.00 13.77 ? 25 GLN A HA   1 
ATOM   389 H  HB2  . GLN A 1 26 ? 1.426  -4.306  3.842   1.00 14.31 ? 25 GLN A HB2  1 
ATOM   390 H  HB3  . GLN A 1 26 ? 2.232  -5.155  4.912   1.00 14.38 ? 25 GLN A HB3  1 
ATOM   391 H  HG2  . GLN A 1 26 ? 4.156  -4.961  3.717   1.00 16.91 ? 25 GLN A HG2  1 
ATOM   392 H  HG3  . GLN A 1 26 ? 3.396  -4.264  2.516   1.00 17.12 ? 25 GLN A HG3  1 
ATOM   393 H  HE21 . GLN A 1 26 ? 5.655  -3.324  3.992   0.00 20.92 ? 25 GLN A HE21 1 
ATOM   394 H  HE22 . GLN A 1 26 ? 5.318  -1.985  4.552   0.00 20.92 ? 25 GLN A HE22 1 
HETATM 395 N  N    . B3E A 1 27 ? -0.577 -6.703  3.802   1.00 15.57 ? 26 B3E A N    1 
HETATM 396 C  CA   . B3E A 1 27 ? -1.701 -7.310  4.497   1.00 15.40 ? 26 B3E A CA   1 
HETATM 397 C  CG   . B3E A 1 27 ? -2.625 -6.225  5.062   1.00 17.30 ? 26 B3E A CG   1 
HETATM 398 C  CD   . B3E A 1 27 ? -1.900 -5.315  6.054   1.00 22.81 ? 26 B3E A CD   1 
HETATM 399 C  CE   . B3E A 1 27 ? -2.774 -4.203  6.672   1.00 33.91 ? 26 B3E A CE   1 
HETATM 400 O  OF2  . B3E A 1 27 ? -2.184 -3.327  7.350   1.00 46.40 ? 26 B3E A OF2  1 
HETATM 401 O  OF1  . B3E A 1 27 ? -4.029 -4.150  6.490   1.00 40.86 ? 26 B3E A OF1  1 
HETATM 402 C  CB   . B3E A 1 27 ? -2.520 -8.141  3.542   1.00 15.32 ? 26 B3E A CB   1 
HETATM 403 C  C    . B3E A 1 27 ? -1.846 -9.456  3.207   1.00 14.98 ? 26 B3E A C    1 
HETATM 404 O  O    . B3E A 1 27 ? -1.849 -10.393 3.995   1.00 16.78 ? 26 B3E A O    1 
HETATM 405 H  H    . B3E A 1 27 ? -0.782 -6.138  3.187   1.00 15.14 ? 26 B3E A H    1 
HETATM 406 H  HA   . B3E A 1 27 ? -1.362 -7.951  5.323   1.00 15.52 ? 26 B3E A HA   1 
HETATM 407 H  HG2  . B3E A 1 27 ? -3.032 -5.626  4.246   1.00 17.52 ? 26 B3E A HG2  1 
HETATM 408 H  HG3  . B3E A 1 27 ? -3.466 -6.699  5.573   1.00 17.69 ? 26 B3E A HG3  1 
HETATM 409 H  HD2  . B3E A 1 27 ? -1.495 -5.930  6.860   1.00 23.42 ? 26 B3E A HD2  1 
HETATM 410 H  HD3  . B3E A 1 27 ? -1.053 -4.845  5.550   1.00 23.55 ? 26 B3E A HD3  1 
HETATM 411 H  HB1  . B3E A 1 27 ? -2.700 -7.571  2.630   1.00 15.18 ? 26 B3E A HB1  1 
HETATM 412 H  HB2  . B3E A 1 27 ? -3.493 -8.352  3.991   1.00 15.15 ? 26 B3E A HB2  1 
ATOM   413 N  N    . GLN A 1 28 ? -1.254 -9.536  2.015   1.00 13.89 ? 27 GLN A N    1 
ATOM   414 C  CA   . GLN A 1 28 ? -0.582 -10.762 1.600   1.00 14.71 ? 27 GLN A CA   1 
ATOM   415 C  C    . GLN A 1 28 ? 0.561  -11.270 2.421   1.00 13.41 ? 27 GLN A C    1 
ATOM   416 O  O    . GLN A 1 28 ? 0.643  -12.441 2.700   1.00 15.25 ? 27 GLN A O    1 
ATOM   417 C  CB   . GLN A 1 28 ? -0.208 -10.717 0.093   1.00 14.59 ? 27 GLN A CB   1 
ATOM   418 C  CG   . GLN A 1 28 ? 0.189  -12.052 -0.505  1.00 15.20 ? 27 GLN A CG   1 
ATOM   419 C  CD   . GLN A 1 28 ? -0.953 -13.058 -0.553  1.00 17.02 ? 27 GLN A CD   1 
ATOM   420 O  OE1  . GLN A 1 28 ? -2.006 -12.718 -1.027  1.00 24.24 ? 27 GLN A OE1  1 
ATOM   421 N  NE2  . GLN A 1 28 ? -0.734 -14.289 -0.128  1.00 15.77 ? 27 GLN A NE2  1 
ATOM   422 H  H    . GLN A 1 28 ? -1.233 -8.902  1.436   1.00 14.32 ? 27 GLN A H    1 
ATOM   423 H  HA   . GLN A 1 28 ? -1.263 -11.463 1.668   1.00 14.31 ? 27 GLN A HA   1 
ATOM   424 H  HB2  . GLN A 1 28 ? -0.970 -10.383 -0.407  1.00 14.43 ? 27 GLN A HB2  1 
ATOM   425 H  HB3  . GLN A 1 28 ? 0.542  -10.114 -0.023  1.00 14.58 ? 27 GLN A HB3  1 
ATOM   426 H  HG2  . GLN A 1 28 ? 0.488  -11.905 -1.416  1.00 15.62 ? 27 GLN A HG2  1 
ATOM   427 H  HG3  . GLN A 1 28 ? 0.911  -12.440 0.015   1.00 14.97 ? 27 GLN A HG3  1 
ATOM   428 H  HE21 . GLN A 1 28 ? 0.038  -14.449 0.190   0.00 15.78 ? 27 GLN A HE21 1 
ATOM   429 H  HE22 . GLN A 1 28 ? -1.365 -14.821 -0.145  0.00 15.78 ? 27 GLN A HE22 1 
ATOM   430 N  N    . GLN A 1 29 ? 1.500  -10.408 2.737   1.00 13.91 ? 28 GLN A N    1 
ATOM   431 C  CA   . GLN A 1 29 ? 2.678  -10.844 3.435   1.00 13.34 ? 28 GLN A CA   1 
ATOM   432 C  C    . GLN A 1 29 ? 2.373  -11.336 4.847   1.00 14.70 ? 28 GLN A C    1 
ATOM   433 O  O    . GLN A 1 29 ? 2.836  -12.365 5.261   1.00 17.58 ? 28 GLN A O    1 
ATOM   434 C  CB   . GLN A 1 29 ? 3.694  -9.689  3.470   1.00 15.95 ? 28 GLN A CB   1 
ATOM   435 C  CG   . GLN A 1 29 ? 5.053  -9.986  4.149   1.00 22.04 ? 28 GLN A CG   1 
ATOM   436 C  CD   . GLN A 1 29 ? 6.041  -8.790  4.028   1.00 31.05 ? 28 GLN A CD   1 
ATOM   437 O  OE1  . GLN A 1 29 ? 7.195  -8.954  3.586   1.00 43.61 ? 28 GLN A OE1  1 
ATOM   438 N  NE2  . GLN A 1 29 ? 5.587  -7.592  4.399   1.00 25.64 ? 28 GLN A NE2  1 
ATOM   439 H  H    . GLN A 1 29 ? 1.474  -9.567  2.559   1.00 13.54 ? 28 GLN A H    1 
ATOM   440 H  HA   . GLN A 1 29 ? 3.090  -11.585 2.941   1.00 14.26 ? 28 GLN A HA   1 
ATOM   441 H  HB2  . GLN A 1 29 ? 3.880  -9.421  2.557   1.00 15.33 ? 28 GLN A HB2  1 
ATOM   442 H  HB3  . GLN A 1 29 ? 3.290  -8.948  3.947   1.00 15.36 ? 28 GLN A HB3  1 
ATOM   443 H  HG2  . GLN A 1 29 ? 4.908  -10.154 5.093   1.00 22.84 ? 28 GLN A HG2  1 
ATOM   444 H  HG3  . GLN A 1 29 ? 5.463  -10.757 3.735   1.00 22.84 ? 28 GLN A HG3  1 
ATOM   445 H  HE21 . GLN A 1 29 ? 4.778  -7.508  4.686   0.00 25.73 ? 28 GLN A HE21 1 
ATOM   446 H  HE22 . GLN A 1 29 ? 6.097  -6.904  4.348   0.00 25.73 ? 28 GLN A HE22 1 
HETATM 447 N  N    . B3E A 1 30 ? 1.581  -10.568 5.570   1.00 15.86 ? 29 B3E A N    1 
HETATM 448 C  CA   . B3E A 1 30 ? 1.188  -10.882 6.934   1.00 16.64 ? 29 B3E A CA   1 
HETATM 449 C  CG   . B3E A 1 30 ? 1.363  -9.635  7.782   1.00 20.59 ? 29 B3E A CG   1 
HETATM 450 C  CD   . B3E A 1 30 ? 2.819  -9.227  7.890   1.00 29.14 ? 29 B3E A CD   1 
HETATM 451 C  CE   . B3E A 1 30 ? 2.906  -7.809  8.450   1.00 44.59 ? 29 B3E A CE   1 
HETATM 452 O  OF2  . B3E A 1 30 ? 2.324  -7.549  9.546   1.00 46.54 ? 29 B3E A OF2  1 
HETATM 453 O  OF1  . B3E A 1 30 ? 3.548  -6.959  7.768   1.00 58.09 ? 29 B3E A OF1  1 
HETATM 454 C  CB   . B3E A 1 30 ? -0.260 -11.281 6.961   1.00 16.25 ? 29 B3E A CB   1 
HETATM 455 C  C    . B3E A 1 30 ? -0.497 -12.748 6.574   1.00 15.95 ? 29 B3E A C    1 
HETATM 456 O  O    . B3E A 1 30 ? -0.144 -13.684 7.286   1.00 17.96 ? 29 B3E A O    1 
HETATM 457 H  H    . B3E A 1 30 ? 1.265  -9.836  5.248   1.00 15.62 ? 29 B3E A H    1 
HETATM 458 H  HA   . B3E A 1 30 ? 1.797  -11.693 7.359   1.00 16.57 ? 29 B3E A HA   1 
HETATM 459 H  HG2  . B3E A 1 30 ? 0.784  -8.817  7.349   1.00 20.86 ? 29 B3E A HG2  1 
HETATM 460 H  HG3  . B3E A 1 30 ? 0.975  -9.819  8.786   1.00 20.93 ? 29 B3E A HG3  1 
HETATM 461 H  HD2  . B3E A 1 30 ? 3.347  -9.918  8.551   1.00 30.81 ? 29 B3E A HD2  1 
HETATM 462 H  HD3  . B3E A 1 30 ? 3.298  -9.262  6.910   1.00 30.21 ? 29 B3E A HD3  1 
HETATM 463 H  HB1  . B3E A 1 30 ? -0.818 -10.629 6.288   1.00 16.02 ? 29 B3E A HB1  1 
HETATM 464 H  HB2  . B3E A 1 30 ? -0.660 -11.123 7.964   1.00 16.08 ? 29 B3E A HB2  1 
ATOM   465 N  N    . LYS A 1 31 ? -1.113 -12.961 5.412   1.00 15.87 ? 30 LYS A N    1 
ATOM   466 C  CA   . LYS A 1 31 ? -1.408 -14.300 4.915   1.00 16.63 ? 30 LYS A CA   1 
ATOM   467 C  C    . LYS A 1 31 ? -0.250 -15.260 4.775   1.00 14.81 ? 30 LYS A C    1 
ATOM   468 O  O    . LYS A 1 31 ? -0.371 -16.419 5.162   1.00 15.39 ? 30 LYS A O    1 
ATOM   469 C  CB   . LYS A 1 31 ? -2.229 -14.237 3.649   1.00 18.13 ? 30 LYS A CB   1 
ATOM   470 C  CG   . LYS A 1 31 ? -2.895 -15.503 3.362   1.00 21.73 ? 30 LYS A CG   1 
ATOM   471 C  CD   . LYS A 1 31 ? -3.789 -15.301 2.202   1.00 27.85 ? 30 LYS A CD   1 
ATOM   472 C  CE   . LYS A 1 31 ? -4.922 -16.259 2.152   1.00 35.91 ? 30 LYS A CE   1 
ATOM   473 N  NZ   . LYS A 1 31 ? -5.774 -15.831 1.006   1.00 41.03 ? 30 LYS A NZ   1 
ATOM   474 H  H    . LYS A 1 31 ? -1.374 -12.330 4.888   1.00 16.06 ? 30 LYS A H    1 
ATOM   475 H  HA   . LYS A 1 31 ? -1.995 -14.705 5.588   1.00 16.42 ? 30 LYS A HA   1 
ATOM   476 H  HB2  . LYS A 1 31 ? -2.907 -13.550 3.753   1.00 17.49 ? 30 LYS A HB2  1 
ATOM   477 H  HB3  . LYS A 1 31 ? -1.648 -14.024 2.902   1.00 17.62 ? 30 LYS A HB3  1 
ATOM   478 H  HG2  . LYS A 1 31 ? -2.244 -16.182 3.132   1.00 21.83 ? 30 LYS A HG2  1 
ATOM   479 H  HG3  . LYS A 1 31 ? -3.426 -15.777 4.127   1.00 22.65 ? 30 LYS A HG3  1 
ATOM   480 H  HD2  . LYS A 1 31 ? -4.169 -14.408 2.229   1.00 28.32 ? 30 LYS A HD2  1 
ATOM   481 H  HD3  . LYS A 1 31 ? -3.272 -15.412 1.388   1.00 28.33 ? 30 LYS A HD3  1 
ATOM   482 H  HE2  . LYS A 1 31 ? -4.594 -17.158 1.993   1.00 36.09 ? 30 LYS A HE2  1 
ATOM   483 H  HE3  . LYS A 1 31 ? -5.440 -16.211 2.971   1.00 35.24 ? 30 LYS A HE3  1 
ATOM   484 H  HZ1  . LYS A 1 31 ? -6.091 -14.930 1.176   0.00 40.95 ? 30 LYS A HZ1  1 
ATOM   485 H  HZ2  . LYS A 1 31 ? -6.527 -16.409 0.932   0.00 40.95 ? 30 LYS A HZ2  1 
ATOM   486 H  HZ3  . LYS A 1 31 ? -5.271 -15.836 0.200   0.00 40.95 ? 30 LYS A HZ3  1 
ATOM   487 N  N    . ASN A 1 32 ? 0.859  -14.793 4.199   1.00 13.98 ? 31 ASN A N    1 
ATOM   488 C  CA   . ASN A 1 32 ? 1.995  -15.639 3.998   1.00 15.20 ? 31 ASN A CA   1 
ATOM   489 C  C    . ASN A 1 32 ? 2.557  -16.100 5.322   1.00 16.21 ? 31 ASN A C    1 
ATOM   490 O  O    . ASN A 1 32 ? 2.936  -17.288 5.457   1.00 16.30 ? 31 ASN A O    1 
ATOM   491 C  CB   . ASN A 1 32 ? 3.090  -14.967 3.154   1.00 13.68 ? 31 ASN A CB   1 
ATOM   492 C  CG   . ASN A 1 32 ? 2.679  -14.713 1.708   1.00 14.45 ? 31 ASN A CG   1 
ATOM   493 O  OD1  . ASN A 1 32 ? 1.699  -15.250 1.246   1.00 15.39 ? 31 ASN A OD1  1 
ATOM   494 N  ND2  . ASN A 1 32 ? 3.456  -13.901 0.990   1.00 15.44 ? 31 ASN A ND2  1 
ATOM   495 H  H    . ASN A 1 32 ? 0.961  -13.984 3.925   1.00 14.47 ? 31 ASN A H    1 
ATOM   496 H  HA   . ASN A 1 32 ? 1.704  -16.441 3.514   1.00 14.98 ? 31 ASN A HA   1 
ATOM   497 H  HB2  . ASN A 1 32 ? 3.318  -14.114 3.551   1.00 14.83 ? 31 ASN A HB2  1 
ATOM   498 H  HB3  . ASN A 1 32 ? 3.871  -15.542 3.140   1.00 14.46 ? 31 ASN A HB3  1 
ATOM   499 H  HD21 . ASN A 1 32 ? 4.251  -13.501 1.397   0.00 15.41 ? 31 ASN A HD21 1 
ATOM   500 H  HD22 . ASN A 1 32 ? 3.232  -13.710 0.057   0.00 15.41 ? 31 ASN A HD22 1 
ATOM   501 N  N    . GLU A 1 33 ? 2.587  -15.191 6.293   1.00 16.23 ? 32 GLU A N    1 
ATOM   502 C  CA   . GLU A 1 33 ? 3.167  -15.521 7.576   1.00 18.43 ? 32 GLU A CA   1 
ATOM   503 C  C    . GLU A 1 33 ? 2.241  -16.400 8.421   1.00 17.86 ? 32 GLU A C    1 
ATOM   504 O  O    . GLU A 1 33 ? 2.696  -17.242 9.159   1.00 19.33 ? 32 GLU A O    1 
ATOM   505 C  CB   . GLU A 1 33 ? 3.489  -14.262 8.341   1.00 20.16 ? 32 GLU A CB   1 
ATOM   506 C  CG   . GLU A 1 33 ? 4.263  -13.186 7.638   1.00 35.63 ? 32 GLU A CG   1 
ATOM   507 C  CD   . GLU A 1 33 ? 5.779  -13.346 7.449   1.00 47.35 ? 32 GLU A CD   1 
ATOM   508 O  OE1  . GLU A 1 33 ? 6.373  -12.297 7.027   1.00 48.09 ? 32 GLU A OE1  1 
ATOM   509 O  OE2  . GLU A 1 33 ? 6.357  -14.454 7.674   1.00 51.69 ? 32 GLU A OE2  1 
ATOM   510 H  H    . GLU A 1 33 ? 2.265  -14.398 6.232   1.00 16.78 ? 32 GLU A H    1 
ATOM   511 H  HA   . GLU A 1 33 ? 4.007  -16.008 7.440   1.00 18.22 ? 32 GLU A HA   1 
ATOM   512 H  HB2  . GLU A 1 33 ? 2.652  -13.862 8.627   1.00 21.16 ? 32 GLU A HB2  1 
ATOM   513 H  HB3  . GLU A 1 33 ? 4.004  -14.513 9.125   1.00 20.27 ? 32 GLU A HB3  1 
ATOM   514 H  HG2  . GLU A 1 33 ? 3.902  -13.079 6.754   1.00 34.66 ? 32 GLU A HG2  1 
ATOM   515 H  HG3  . GLU A 1 33 ? 4.132  -12.360 8.131   1.00 35.42 ? 32 GLU A HG3  1 
HETATM 516 N  N    . XCP A 1 34 ? 0.953  -16.200 8.308   1.00 17.88 ? 33 XCP A N    1 
HETATM 517 C  CB   . XCP A 1 34 ? -0.008 -16.988 9.072   1.00 18.36 ? 33 XCP A CB   1 
HETATM 518 C  CG   . XCP A 1 34 ? -1.087 -16.219 9.830   1.00 22.85 ? 33 XCP A CG   1 
HETATM 519 C  CD   . XCP A 1 34 ? -2.077 -17.356 10.120  1.00 25.26 ? 33 XCP A CD   1 
HETATM 520 C  CE   . XCP A 1 34 ? -2.155 -18.195 8.836   1.00 20.74 ? 33 XCP A CE   1 
HETATM 521 C  CA   . XCP A 1 34 ? -0.830 -17.845 8.120   1.00 18.90 ? 33 XCP A CA   1 
HETATM 522 C  C    . XCP A 1 34 ? -0.108 -19.080 7.609   1.00 18.02 ? 33 XCP A C    1 
HETATM 523 O  O    . XCP A 1 34 ? 0.088  -20.071 8.314   1.00 19.49 ? 33 XCP A O    1 
HETATM 524 H  H2   . XCP A 1 34 ? 0.630  -15.601 7.783   1.00 17.91 ? 33 XCP A H2   1 
HETATM 525 H  HB   . XCP A 1 34 ? 0.456  -17.576 9.705   1.00 18.50 ? 33 XCP A HB   1 
HETATM 526 H  HG   . XCP A 1 34 ? -1.494 -15.530 9.264   1.00 22.61 ? 33 XCP A HG   1 
HETATM 527 H  HGA  . XCP A 1 34 ? -0.733 -15.837 10.660  1.00 22.98 ? 33 XCP A HGA  1 
HETATM 528 H  HD   . XCP A 1 34 ? -2.958 -16.999 10.344  1.00 24.01 ? 33 XCP A HD   1 
HETATM 529 H  HDA  . XCP A 1 34 ? -1.744 -17.907 10.859  1.00 23.58 ? 33 XCP A HDA  1 
HETATM 530 H  HE   . XCP A 1 34 ? -2.923 -17.922 8.292   1.00 20.56 ? 33 XCP A HE   1 
HETATM 531 H  HEA  . XCP A 1 34 ? -2.204 -19.149 9.050   1.00 20.64 ? 33 XCP A HEA  1 
HETATM 532 H  HA   . XCP A 1 34 ? -1.064 -17.286 7.353   1.00 18.85 ? 33 XCP A HA   1 
ATOM   533 N  N    . ALA A 1 35 ? 0.293  -19.011 6.359   1.00 16.98 ? 34 ALA A N    1 
ATOM   534 C  CA   . ALA A 1 35 ? 0.984  -20.101 5.746   1.00 18.02 ? 34 ALA A CA   1 
ATOM   535 C  C    . ALA A 1 35 ? 2.225  -20.670 6.371   1.00 20.63 ? 34 ALA A C    1 
ATOM   536 O  O    . ALA A 1 35 ? 2.325  -21.863 6.379   1.00 24.30 ? 34 ALA A O    1 
ATOM   537 C  CB   . ALA A 1 35 ? 1.203  -19.794 4.253   1.00 18.71 ? 34 ALA A CB   1 
ATOM   538 H  H    . ALA A 1 35 ? 0.170  -18.333 5.842   1.00 17.47 ? 34 ALA A H    1 
ATOM   539 H  HA   . ALA A 1 35 ? 0.344  -20.844 5.752   1.00 18.38 ? 34 ALA A HA   1 
ATOM   540 H  HB1  . ALA A 1 35 ? 0.353  -19.675 3.828   0.00 18.72 ? 34 ALA A HB1  1 
ATOM   541 H  HB2  . ALA A 1 35 ? 1.670  -20.534 3.846   0.00 18.72 ? 34 ALA A HB2  1 
ATOM   542 H  HB3  . ALA A 1 35 ? 1.729  -18.996 4.171   0.00 18.72 ? 34 ALA A HB3  1 
ATOM   543 N  N    . LEU A 1 36 ? 3.151  -19.814 6.849   1.00 17.99 ? 35 LEU A N    1 
ATOM   544 C  CA   . LEU A 1 36 ? 4.490  -20.183 7.247   1.00 19.53 ? 35 LEU A CA   1 
ATOM   545 C  C    . LEU A 1 36 ? 4.768  -20.245 8.731   1.00 20.91 ? 35 LEU A C    1 
ATOM   546 O  O    . LEU A 1 36 ? 5.698  -20.901 9.134   1.00 28.05 ? 35 LEU A O    1 
ATOM   547 C  CB   . LEU A 1 36 ? 5.468  -19.162 6.684   1.00 18.58 ? 35 LEU A CB   1 
ATOM   548 C  CG   . LEU A 1 36 ? 5.712  -19.263 5.177   1.00 18.69 ? 35 LEU A CG   1 
ATOM   549 C  CD1  . LEU A 1 36 ? 6.430  -18.023 4.697   1.00 23.15 ? 35 LEU A CD1  1 
ATOM   550 C  CD2  . LEU A 1 36 ? 6.446  -20.550 4.717   1.00 21.32 ? 35 LEU A CD2  1 
ATOM   551 H  H    . LEU A 1 36 ? 2.992  -18.974 6.950   1.00 18.97 ? 35 LEU A H    1 
ATOM   552 H  HA   . LEU A 1 36 ? 4.714  -21.058 6.867   1.00 19.31 ? 35 LEU A HA   1 
ATOM   553 H  HB2  . LEU A 1 36 ? 5.131  -18.270 6.870   1.00 19.21 ? 35 LEU A HB2  1 
ATOM   554 H  HB3  . LEU A 1 36 ? 6.327  -19.277 7.118   1.00 18.77 ? 35 LEU A HB3  1 
ATOM   555 H  HG   . LEU A 1 36 ? 4.846  -19.268 4.740   1.00 19.04 ? 35 LEU A HG   1 
ATOM   556 H  HD11 . LEU A 1 36 ? 5.880  -17.254 4.886   0.00 23.11 ? 35 LEU A HD11 1 
ATOM   557 H  HD12 . LEU A 1 36 ? 6.573  -18.093 3.751   0.00 23.11 ? 35 LEU A HD12 1 
ATOM   558 H  HD13 . LEU A 1 36 ? 7.266  -17.948 5.157   0.00 23.11 ? 35 LEU A HD13 1 
ATOM   559 H  HD21 . LEU A 1 36 ? 6.556  -20.521 3.766   0.00 21.31 ? 35 LEU A HD21 1 
ATOM   560 H  HD22 . LEU A 1 36 ? 5.925  -21.312 4.970   0.00 21.31 ? 35 LEU A HD22 1 
ATOM   561 H  HD23 . LEU A 1 36 ? 7.306  -20.582 5.145   0.00 21.31 ? 35 LEU A HD23 1 
HETATM 562 N  N    . XPC A 1 37 ? 3.993  -19.583 9.537   1.00 25.13 ? 36 XPC A N    1 
HETATM 563 C  CB   . XPC A 1 37 ? 4.224  -19.612 10.969  1.00 27.35 ? 36 XPC A CB   1 
HETATM 564 C  CG   . XPC A 1 37 ? 5.114  -18.416 11.351  1.00 32.16 ? 36 XPC A CG   1 
HETATM 565 N  ND   . XPC A 1 37 ? 4.185  -17.325 11.885  1.00 35.87 ? 36 XPC A ND   1 
HETATM 566 C  CE   . XPC A 1 37 ? 2.835  -18.008 12.214  1.00 31.61 ? 36 XPC A CE   1 
HETATM 567 C  CA   . XPC A 1 37 ? 2.937  -19.470 11.777  1.00 27.56 ? 36 XPC A CA   1 
HETATM 568 C  C    . XPC A 1 37 ? 3.101  -20.322 13.018  1.00 31.61 ? 36 XPC A C    1 
HETATM 569 O  O    . XPC A 1 37 ? 4.197  -20.459 13.559  1.00 36.13 ? 36 XPC A O    1 
HETATM 570 H  H2   . XPC A 1 37 ? 3.331  -19.114 9.256   1.00 24.45 ? 36 XPC A H2   1 
HETATM 571 H  HB   . XPC A 1 37 ? 4.670  -20.447 11.209  1.00 26.94 ? 36 XPC A HB   1 
HETATM 572 H  HG   . XPC A 1 37 ? 5.604  -18.090 10.568  1.00 31.83 ? 36 XPC A HG   1 
HETATM 573 H  HGA  . XPC A 1 37 ? 5.737  -18.673 12.055  1.00 31.40 ? 36 XPC A HGA  1 
HETATM 574 H  HND  . XPC A 1 37 ? 4.566  -16.928 12.697  1.00 34.71 ? 36 XPC A HND  1 
HETATM 575 H  HE   . XPC A 1 37 ? 2.112  -17.566 11.721  1.00 29.77 ? 36 XPC A HE   1 
HETATM 576 H  HEA  . XPC A 1 37 ? 2.659  -17.949 13.175  1.00 29.79 ? 36 XPC A HEA  1 
HETATM 577 H  HA   . XPC A 1 37 ? 2.158  -19.742 11.250  1.00 29.21 ? 36 XPC A HA   1 
ATOM   578 N  N    . GLU A 1 38 ? 2.028  -20.886 13.461  1.00 32.58 ? 37 GLU A N    1 
ATOM   579 C  CA   A GLU A 1 38 ? 2.049  -21.732 14.648  0.50 33.99 ? 37 GLU A CA   1 
ATOM   580 C  CA   B GLU A 1 38 ? 2.051  -21.733 14.652  0.50 34.43 ? 37 GLU A CA   1 
ATOM   581 C  C    . GLU A 1 38 ? 0.988  -22.809 14.492  1.00 35.27 ? 37 GLU A C    1 
ATOM   582 O  O    . GLU A 1 38 ? 0.186  -22.767 13.529  1.00 35.41 ? 37 GLU A O    1 
ATOM   583 C  CB   A GLU A 1 38 ? 1.810  -20.862 15.892  0.50 34.26 ? 37 GLU A CB   1 
ATOM   584 C  CB   B GLU A 1 38 ? 1.835  -20.878 15.921  0.50 35.12 ? 37 GLU A CB   1 
ATOM   585 C  CG   A GLU A 1 38 ? 3.091  -20.376 16.531  0.50 35.42 ? 37 GLU A CG   1 
ATOM   586 C  CG   B GLU A 1 38 ? 0.619  -19.934 15.885  0.50 37.97 ? 37 GLU A CG   1 
ATOM   587 C  CD   A GLU A 1 38 ? 3.125  -18.876 16.768  0.50 42.05 ? 37 GLU A CD   1 
ATOM   588 C  CD   B GLU A 1 38 ? 0.824  -18.668 16.711  0.50 45.40 ? 37 GLU A CD   1 
ATOM   589 O  OE1  A GLU A 1 38 ? 2.944  -18.100 15.797  0.50 44.31 ? 37 GLU A OE1  1 
ATOM   590 O  OE1  B GLU A 1 38 ? 0.946  -18.770 17.953  0.50 52.02 ? 37 GLU A OE1  1 
ATOM   591 O  OE2  A GLU A 1 38 ? 3.367  -18.471 17.932  0.50 46.39 ? 37 GLU A OE2  1 
ATOM   592 O  OE2  B GLU A 1 38 ? 0.859  -17.565 16.120  0.50 47.09 ? 37 GLU A OE2  1 
ATOM   593 H  H    . GLU A 1 38 ? 1.250  -20.805 13.100  1.00 32.97 ? 37 GLU A H    1 
ATOM   594 H  HA   A GLU A 1 38 ? 2.917  -22.176 14.740  0.50 34.08 ? 37 GLU A HA   1 
ATOM   595 H  HA   B GLU A 1 38 ? 2.918  -22.184 14.730  0.50 34.43 ? 37 GLU A HA   1 
ATOM   596 H  HB2  A GLU A 1 38 ? 1.291  -20.084 15.638  0.50 34.23 ? 37 GLU A HB2  1 
ATOM   597 H  HB2  B GLU A 1 38 ? 1.718  -21.474 16.677  0.50 34.83 ? 37 GLU A HB2  1 
ATOM   598 H  HB3  A GLU A 1 38 ? 1.327  -21.378 16.556  0.50 34.02 ? 37 GLU A HB3  1 
ATOM   599 H  HB3  B GLU A 1 38 ? 2.624  -20.330 16.060  0.50 35.06 ? 37 GLU A HB3  1 
ATOM   600 H  HG2  A GLU A 1 38 ? 3.167  -20.806 17.390  0.50 35.89 ? 37 GLU A HG2  1 
ATOM   601 H  HG2  B GLU A 1 38 ? 0.441  -19.664 14.972  0.50 38.53 ? 37 GLU A HG2  1 
ATOM   602 H  HG3  A GLU A 1 38 ? 3.847  -20.617 15.975  0.50 36.71 ? 37 GLU A HG3  1 
ATOM   603 H  HG3  B GLU A 1 38 ? -0.151 -20.403 16.245  0.50 38.94 ? 37 GLU A HG3  1 
ATOM   604 N  N    . LEU A 1 39 ? 0.987  -23.780 15.405  1.00 34.08 ? 38 LEU A N    1 
ATOM   605 C  CA   . LEU A 1 39 ? -0.019 -24.835 15.348  1.00 35.12 ? 38 LEU A CA   1 
ATOM   606 C  C    . LEU A 1 39 ? -1.402 -24.265 15.773  1.00 38.53 ? 38 LEU A C    1 
ATOM   607 O  O    . LEU A 1 39 ? -1.572 -23.730 16.886  1.00 40.95 ? 38 LEU A O    1 
ATOM   608 C  CB   . LEU A 1 39 ? 0.389  -26.044 16.194  1.00 34.24 ? 38 LEU A CB   1 
ATOM   609 C  CG   . LEU A 1 39 ? -0.558 -27.238 16.080  1.00 32.48 ? 38 LEU A CG   1 
ATOM   610 C  CD1  . LEU A 1 39 ? -0.862 -27.591 14.667  1.00 30.89 ? 38 LEU A CD1  1 
ATOM   611 C  CD2  . LEU A 1 39 ? 0.049  -28.440 16.767  1.00 32.06 ? 38 LEU A CD2  1 
ATOM   612 H  H    . LEU A 1 39 ? 1.546  -23.847 16.056  1.00 34.65 ? 38 LEU A H    1 
ATOM   613 H  HA   . LEU A 1 39 ? -0.096 -25.136 14.419  1.00 35.51 ? 38 LEU A HA   1 
ATOM   614 H  HB2  . LEU A 1 39 ? 1.272  -26.335 15.919  1.00 34.47 ? 38 LEU A HB2  1 
ATOM   615 H  HB3  . LEU A 1 39 ? 0.406  -25.774 17.125  1.00 34.98 ? 38 LEU A HB3  1 
ATOM   616 H  HG   . LEU A 1 39 ? -1.393 -27.029 16.527  1.00 32.35 ? 38 LEU A HG   1 
ATOM   617 H  HD11 . LEU A 1 39 ? -1.454 -28.343 14.660  0.00 30.63 ? 38 LEU A HD11 1 
ATOM   618 H  HD12 . LEU A 1 39 ? -0.035 -27.820 14.228  0.00 30.63 ? 38 LEU A HD12 1 
ATOM   619 H  HD13 . LEU A 1 39 ? -1.266 -26.841 14.240  0.00 30.63 ? 38 LEU A HD13 1 
ATOM   620 H  HD21 . LEU A 1 39 ? 0.880  -28.650 16.360  0.00 32.06 ? 38 LEU A HD21 1 
ATOM   621 H  HD22 . LEU A 1 39 ? -0.560 -29.175 16.702  0.00 32.06 ? 38 LEU A HD22 1 
ATOM   622 H  HD23 . LEU A 1 39 ? 0.185  -28.220 17.704  0.00 32.06 ? 38 LEU A HD23 1 
HETATM 623 CL CL   . CL  B 2 .  ? -2.741 2.069   4.153   1.00 28.70 ? 40 CL  A CL   1 
HETATM 624 O  O    . HOH C 3 .  ? 5.660  -12.405 2.148   1.00 20.69 ? 41 HOH A O    1 
HETATM 625 H  H1   . HOH C 3 .  ? 5.267  -11.671 2.665   0.00 20.65 ? 41 HOH A H1   1 
HETATM 626 H  H2   . HOH C 3 .  ? 6.416  -12.746 2.671   0.00 20.65 ? 41 HOH A H2   1 
HETATM 627 O  O    . HOH C 3 .  ? 2.688  1.893   2.519   1.00 24.73 ? 42 HOH A O    1 
HETATM 628 H  H1   . HOH C 3 .  ? 2.290  2.629   3.037   0.00 24.68 ? 42 HOH A H1   1 
HETATM 629 H  H2   . HOH C 3 .  ? 3.439  1.553   3.043   0.00 24.68 ? 42 HOH A H2   1 
HETATM 630 O  O    . HOH C 3 .  ? 0.946  11.270  -0.811  1.00 24.10 ? 43 HOH A O    1 
HETATM 631 H  H1   . HOH C 3 .  ? 0.551  12.008  -0.295  0.00 24.02 ? 43 HOH A H1   1 
HETATM 632 H  H2   . HOH C 3 .  ? 1.700  10.934  -0.289  0.00 24.02 ? 43 HOH A H2   1 
HETATM 633 O  O    . HOH C 3 .  ? -3.848 11.090  -9.463  1.00 22.46 ? 44 HOH A O    1 
HETATM 634 H  H1   . HOH C 3 .  ? -4.242 11.824  -8.948  0.00 22.47 ? 44 HOH A H1   1 
HETATM 635 H  H2   . HOH C 3 .  ? -3.093 10.749  -8.941  0.00 22.47 ? 44 HOH A H2   1 
HETATM 636 O  O    . HOH C 3 .  ? 0.149  -2.190  6.075   1.00 29.38 ? 45 HOH A O    1 
HETATM 637 H  H1   . HOH C 3 .  ? -0.245 -1.454  6.592   0.00 29.35 ? 45 HOH A H1   1 
HETATM 638 H  H2   . HOH C 3 .  ? 0.905  -2.529  6.598   0.00 29.35 ? 45 HOH A H2   1 
HETATM 639 O  O    . HOH C 3 .  ? -0.399 -20.332 11.292  1.00 26.15 ? 46 HOH A O    1 
HETATM 640 H  H1   . HOH C 3 .  ? -0.794 -19.592 11.806  0.00 26.12 ? 46 HOH A H1   1 
HETATM 641 H  H2   . HOH C 3 .  ? 0.356  -20.668 11.812  0.00 26.12 ? 46 HOH A H2   1 
HETATM 642 O  O    . HOH C 3 .  ? 7.062  -5.019  4.085   1.00 33.38 ? 47 HOH A O    1 
HETATM 643 H  H1   . HOH C 3 .  ? 6.663  -4.277  4.607   0.00 33.33 ? 47 HOH A H1   1 
HETATM 644 H  H2   . HOH C 3 .  ? 7.813  -5.352  4.613   0.00 33.33 ? 47 HOH A H2   1 
HETATM 645 O  O    . HOH C 3 .  ? 0.372  -12.889 9.974   1.00 29.97 ? 48 HOH A O    1 
HETATM 646 H  H1   . HOH C 3 .  ? -0.019 -12.160 10.498  0.00 30.06 ? 48 HOH A H1   1 
HETATM 647 H  H2   . HOH C 3 .  ? 1.130  -13.235 10.504  0.00 30.06 ? 48 HOH A H2   1 
HETATM 648 O  O    . HOH C 3 .  ? -4.322 -7.982  -0.007  1.00 26.20 ? 49 HOH A O    1 
HETATM 649 H  H1   . HOH C 3 .  ? -4.716 -7.248  0.504   0.00 26.16 ? 49 HOH A H1   1 
HETATM 650 H  H2   . HOH C 3 .  ? -3.567 -8.323  0.511   0.00 26.16 ? 49 HOH A H2   1 
HETATM 651 O  O    . HOH C 3 .  ? -0.346 9.290   3.054   1.00 32.63 ? 50 HOH A O    1 
HETATM 652 H  H1   . HOH C 3 .  ? -0.736 10.023  3.574   0.00 32.63 ? 50 HOH A H1   1 
HETATM 653 H  H2   . HOH C 3 .  ? 0.413  8.949   3.580   0.00 32.63 ? 50 HOH A H2   1 
HETATM 654 O  O    . HOH C 3 .  ? 4.521  22.893  -7.571  1.00 33.52 ? 51 HOH A O    1 
HETATM 655 H  H1   . HOH C 3 .  ? 4.124  23.625  -7.060  0.00 33.27 ? 51 HOH A H1   1 
HETATM 656 H  H2   . HOH C 3 .  ? 5.273  22.550  -7.053  0.00 33.27 ? 51 HOH A H2   1 
HETATM 657 O  O    . HOH C 3 .  ? 2.937  -24.287 7.460   1.00 35.51 ? 52 HOH A O    1 
HETATM 658 H  H1   . HOH C 3 .  ? 2.516  -23.565 7.980   0.00 35.41 ? 52 HOH A H1   1 
HETATM 659 H  H2   . HOH C 3 .  ? 3.665  -24.640 7.987   0.00 35.41 ? 52 HOH A H2   1 
HETATM 660 O  O    . HOH C 3 .  ? -7.224 13.684  -5.087  1.00 39.84 ? 53 HOH A O    1 
HETATM 661 H  H1   . HOH C 3 .  ? -7.601 14.425  -4.583  0.00 39.46 ? 53 HOH A H1   1 
HETATM 662 H  H2   . HOH C 3 .  ? -6.452 13.351  -4.576  0.00 39.46 ? 53 HOH A H2   1 
HETATM 663 O  O    . HOH C 3 .  ? 5.522  -17.098 18.022  1.00 31.30 ? 54 HOH A O    1 
HETATM 664 H  H1   . HOH C 3 .  ? 5.132  -16.361 18.536  0.00 31.05 ? 54 HOH A H1   1 
HETATM 665 H  H2   . HOH C 3 .  ? 6.281  -17.436 18.542  0.00 31.05 ? 54 HOH A H2   1 
HETATM 666 O  O    . HOH C 3 .  ? 2.863  -23.817 17.375  1.00 34.46 ? 55 HOH A O    1 
HETATM 667 H  H1   . HOH C 3 .  ? 2.470  -23.085 17.887  0.00 34.54 ? 55 HOH A H1   1 
HETATM 668 H  H2   . HOH C 3 .  ? 3.619  -24.159 17.894  0.00 34.54 ? 55 HOH A H2   1 
HETATM 669 O  O    . HOH C 3 .  ? -3.408 6.891   -9.245  1.00 31.08 ? 56 HOH A O    1 
HETATM 670 H  H1   . HOH C 3 .  ? -3.801 7.632   -8.709  0.00 30.91 ? 56 HOH A H1   1 
HETATM 671 H  H2   . HOH C 3 .  ? -2.652 6.557   -8.702  0.00 30.91 ? 56 HOH A H2   1 
HETATM 672 O  O    . HOH C 3 .  ? 0.169  -22.939 8.884   1.00 37.77 ? 57 HOH A O    1 
HETATM 673 H  H1   . HOH C 3 .  ? -0.196 -22.217 9.346   0.00 37.39 ? 57 HOH A H1   1 
HETATM 674 H  H2   . HOH C 3 .  ? 0.954  -23.292 9.353   0.00 37.39 ? 57 HOH A H2   1 
HETATM 675 O  O    . HOH C 3 .  ? -5.402 17.424  -8.779  1.00 44.01 ? 58 HOH A O    1 
HETATM 676 H  H1   . HOH C 3 .  ? -5.800 18.167  -8.259  0.00 44.02 ? 58 HOH A H1   1 
HETATM 677 H  H2   . HOH C 3 .  ? -4.651 17.092  -8.252  0.00 44.02 ? 58 HOH A H2   1 
HETATM 678 O  O    . HOH C 3 .  ? -4.079 -11.268 0.141   1.00 41.24 ? 59 HOH A O    1 
HETATM 679 H  H1   . HOH C 3 .  ? -4.463 -10.527 0.659   0.00 41.24 ? 59 HOH A H1   1 
HETATM 680 H  H2   . HOH C 3 .  ? -3.313 -11.601 0.666   0.00 41.24 ? 59 HOH A H2   1 
HETATM 681 O  O    . HOH C 3 .  ? 3.009  16.129  -0.224  1.00 38.04 ? 60 HOH A O    1 
HETATM 682 H  H1   . HOH C 3 .  ? 2.620  16.856  0.294   0.00 38.07 ? 60 HOH A H1   1 
HETATM 683 H  H2   . HOH C 3 .  ? 3.769  15.781  0.301   0.00 38.07 ? 60 HOH A H2   1 
HETATM 684 O  O    . HOH C 3 .  ? 2.339  8.368   0.290   1.00 42.34 ? 61 HOH A O    1 
HETATM 685 H  H1   . HOH C 3 .  ? 1.941  9.097   0.807   0.00 41.86 ? 61 HOH A H1   1 
HETATM 686 H  H2   . HOH C 3 .  ? 3.090  8.022   0.814   0.00 41.86 ? 61 HOH A H2   1 
HETATM 687 O  O    . HOH C 3 .  ? -7.261 16.526  -2.338  1.00 42.44 ? 62 HOH A O    1 
HETATM 688 H  H1   . HOH C 3 .  ? -7.670 17.261  -1.834  0.00 42.69 ? 62 HOH A H1   1 
HETATM 689 H  H2   . HOH C 3 .  ? -6.521 16.186  -1.827  0.00 42.69 ? 62 HOH A H2   1 
HETATM 690 O  O    . HOH C 3 .  ? 6.106  -13.229 4.833   1.00 41.68 ? 63 HOH A O    1 
HETATM 691 H  H1   . HOH C 3 .  ? 5.708  -12.502 5.352   0.00 41.55 ? 63 HOH A H1   1 
HETATM 692 H  H2   . HOH C 3 .  ? 6.857  -13.577 5.358   0.00 41.55 ? 63 HOH A H2   1 
HETATM 693 O  O    . HOH C 3 .  ? -1.919 13.977  0.310   1.00 44.87 ? 64 HOH A O    1 
HETATM 694 H  H1   . HOH C 3 .  ? -2.330 14.683  0.837   0.00 45.05 ? 64 HOH A H1   1 
HETATM 695 H  H2   . HOH C 3 .  ? -1.181 13.608  0.844   0.00 45.05 ? 64 HOH A H2   1 
HETATM 696 O  O    . HOH C 3 .  ? 1.169  3.262   4.768   1.00 47.29 ? 65 HOH A O    1 
HETATM 697 H  H1   . HOH C 3 .  ? 0.802  3.983   5.288   0.00 47.62 ? 65 HOH A H1   1 
HETATM 698 H  H2   . HOH C 3 .  ? 1.951  2.908   5.295   0.00 47.62 ? 65 HOH A H2   1 
HETATM 699 O  O    . HOH C 3 .  ? -4.773 17.655  -1.972  0.50 44.02 ? 66 HOH A O    1 
HETATM 700 H  H1   . HOH C 3 .  ? -5.154 18.385  -1.449  0.00 44.22 ? 66 HOH A H1   1 
HETATM 701 H  H2   . HOH C 3 .  ? -4.005 17.311  -1.442  0.00 44.22 ? 66 HOH A H2   1 
HETATM 702 O  O    . HOH C 3 .  ? -4.908 -2.162  6.854   1.00 44.64 ? 67 HOH A O    1 
HETATM 703 H  H1   . HOH C 3 .  ? -5.296 -1.458  7.385   0.00 44.81 ? 67 HOH A H1   1 
HETATM 704 H  H2   . HOH C 3 .  ? -4.147 -2.533  7.391   0.00 44.81 ? 67 HOH A H2   1 
HETATM 705 O  O    . HOH C 3 .  ? -5.930 10.540  -7.950  1.00 34.26 ? 68 HOH A O    1 
HETATM 706 H  H1   . HOH C 3 .  ? -6.322 11.276  -7.436  0.00 34.51 ? 68 HOH A H1   1 
HETATM 707 H  H2   . HOH C 3 .  ? -5.173 10.201  -7.430  0.00 34.51 ? 68 HOH A H2   1 
# 
loop_
_atom_site_anisotrop.id 
_atom_site_anisotrop.type_symbol 
_atom_site_anisotrop.pdbx_label_atom_id 
_atom_site_anisotrop.pdbx_label_alt_id 
_atom_site_anisotrop.pdbx_label_comp_id 
_atom_site_anisotrop.pdbx_label_asym_id 
_atom_site_anisotrop.pdbx_label_seq_id 
_atom_site_anisotrop.pdbx_PDB_ins_code 
_atom_site_anisotrop.U[1][1] 
_atom_site_anisotrop.U[2][2] 
_atom_site_anisotrop.U[3][3] 
_atom_site_anisotrop.U[1][2] 
_atom_site_anisotrop.U[1][3] 
_atom_site_anisotrop.U[2][3] 
_atom_site_anisotrop.pdbx_auth_seq_id 
_atom_site_anisotrop.pdbx_auth_comp_id 
_atom_site_anisotrop.pdbx_auth_asym_id 
_atom_site_anisotrop.pdbx_auth_atom_id 
1   N  N    . THR A 3  ? 0.6291 0.5768 0.5796 -0.0129 0.0331  0.0101  2  THR A N    
2   C  CA   . THR A 3  ? 0.6033 0.5251 0.5555 -0.0045 0.0333  0.0058  2  THR A CA   
3   C  C    . THR A 3  ? 0.6028 0.4954 0.5269 -0.0067 0.0268  -0.0087 2  THR A C    
4   O  O    . THR A 3  ? 0.6578 0.4770 0.5649 -0.0422 0.0461  0.0025  2  THR A O    
5   C  CB   . THR A 3  ? 0.6188 0.5549 0.5508 -0.0248 0.0134  -0.0108 2  THR A CB   
6   H  H    . THR A 3  ? 0.6094 0.5663 0.5780 -0.0080 0.0249  0.0066  2  THR A H    
7   H  HA   . THR A 3  ? 0.6033 0.5427 0.5579 -0.0094 0.0236  0.0001  2  THR A HA   
8   H  HB   . THR A 3  ? 0.5777 0.5777 0.5777 0.0000  0.0000  0.0000  2  THR A HB   
9   N  N    . TRP A 4  ? 0.5691 0.4401 0.5041 0.0095  0.0157  -0.0075 3  TRP A N    
10  C  CA   A TRP A 4  ? 0.5492 0.4296 0.4639 0.0024  0.0125  -0.0199 3  TRP A CA   
11  C  CA   B TRP A 4  ? 0.5541 0.4426 0.4797 0.0042  0.0105  -0.0200 3  TRP A CA   
12  C  C    . TRP A 4  ? 0.5452 0.4152 0.4637 0.0108  0.0214  -0.0157 3  TRP A C    
13  O  O    . TRP A 4  ? 0.5728 0.2558 0.3725 0.0011  0.0467  -0.0700 3  TRP A O    
14  C  CB   A TRP A 4  ? 0.5357 0.4206 0.4523 0.0112  0.0018  -0.0225 3  TRP A CB   
15  C  CB   B TRP A 4  ? 0.5439 0.4462 0.4805 0.0141  0.0027  -0.0255 3  TRP A CB   
16  C  CG   A TRP A 4  ? 0.4851 0.3414 0.3606 -0.0061 0.0090  -0.0496 3  TRP A CG   
17  C  CG   B TRP A 4  ? 0.5191 0.4376 0.4653 0.0131  -0.0192 -0.0559 3  TRP A CG   
18  C  CD1  A TRP A 4  ? 0.4236 0.3301 0.3169 0.0270  0.0007  -0.0592 3  TRP A CD1  
19  C  CD1  B TRP A 4  ? 0.4906 0.4207 0.4906 0.0083  0.0017  -0.0339 3  TRP A CD1  
20  C  CD2  A TRP A 4  ? 0.4427 0.3607 0.2889 -0.0387 -0.0088 -0.0353 3  TRP A CD2  
21  C  CD2  B TRP A 4  ? 0.5140 0.4897 0.4768 0.0063  -0.0137 -0.0145 3  TRP A CD2  
22  N  NE1  A TRP A 4  ? 0.4455 0.3443 0.3164 -0.0322 0.0558  -0.0065 3  TRP A NE1  
23  N  NE1  B TRP A 4  ? 0.4283 0.4472 0.4261 -0.0044 -0.0495 -0.0111 3  TRP A NE1  
24  C  CE2  A TRP A 4  ? 0.4266 0.3422 0.3581 -0.0121 0.0000  -0.0193 3  TRP A CE2  
25  C  CE2  B TRP A 4  ? 0.5065 0.5030 0.5025 0.0043  -0.0171 -0.0121 3  TRP A CE2  
26  C  CE3  A TRP A 4  ? 0.4029 0.2165 0.2774 -0.0608 -0.0542 -0.1559 3  TRP A CE3  
27  C  CE3  B TRP A 4  ? 0.5287 0.5349 0.4923 0.0039  -0.0108 -0.0004 3  TRP A CE3  
28  C  CZ2  A TRP A 4  ? 0.4224 0.4424 0.3665 -0.0399 -0.0327 -0.0039 3  TRP A CZ2  
29  C  CZ2  B TRP A 4  ? 0.5269 0.5671 0.5251 -0.0039 -0.0240 0.0079  3  TRP A CZ2  
30  C  CZ3  A TRP A 4  ? 0.3904 0.3683 0.2544 -0.0378 -0.0473 -0.0552 3  TRP A CZ3  
31  C  CZ3  B TRP A 4  ? 0.5815 0.5889 0.5573 0.0067  -0.0048 0.0095  3  TRP A CZ3  
32  C  CH2  A TRP A 4  ? 0.4411 0.4238 0.3360 -0.0503 -0.0236 -0.0347 3  TRP A CH2  
33  C  CH2  B TRP A 4  ? 0.5421 0.6078 0.5497 -0.0014 -0.0006 0.0005  3  TRP A CH2  
34  H  H    . TRP A 4  ? 0.5557 0.4592 0.4983 0.0030  0.0143  -0.0120 3  TRP A H    
35  H  HA   A TRP A 4  ? 0.5364 0.4392 0.4742 0.0064  0.0113  -0.0142 3  TRP A HA   
36  H  HA   B TRP A 4  ? 0.5412 0.4491 0.4852 0.0071  0.0107  -0.0148 3  TRP A HA   
37  H  HB2  A TRP A 4  ? 0.5138 0.4424 0.4606 0.0065  0.0066  -0.0162 3  TRP A HB2  
38  H  HB2  B TRP A 4  ? 0.5229 0.4626 0.4846 0.0059  0.0043  -0.0166 3  TRP A HB2  
39  H  HB3  A TRP A 4  ? 0.5099 0.4402 0.4598 0.0034  0.0069  -0.0152 3  TRP A HB3  
40  H  HB3  B TRP A 4  ? 0.5259 0.4639 0.4865 0.0060  0.0025  -0.0165 3  TRP A HB3  
41  H  HD1  A TRP A 4  ? 0.4052 0.3584 0.3575 0.0041  0.0080  -0.0205 3  TRP A HD1  
42  H  HD1  B TRP A 4  ? 0.4724 0.4517 0.4663 0.0058  -0.0072 -0.0165 3  TRP A HD1  
43  H  HE1  A TRP A 4  ? 0.3870 0.3430 0.3403 -0.0102 0.0200  -0.0021 3  TRP A HE1  
44  H  HE1  B TRP A 4  ? 0.4409 0.4509 0.4502 0.0030  -0.0161 -0.0068 3  TRP A HE1  
45  H  HE3  A TRP A 4  ? 0.3685 0.3258 0.3207 -0.0130 -0.0181 -0.0515 3  TRP A HE3  
46  H  HE3  B TRP A 4  ? 0.5271 0.5285 0.5143 0.0033  -0.0057 -0.0007 3  TRP A HE3  
47  H  HZ2  A TRP A 4  ? 0.4155 0.4154 0.3893 -0.0129 -0.0112 -0.0070 3  TRP A HZ2  
48  H  HZ2  B TRP A 4  ? 0.5261 0.5447 0.5277 0.0005  -0.0102 0.0016  3  TRP A HZ2  
49  H  HZ3  A TRP A 4  ? 0.3799 0.3519 0.3252 -0.0139 -0.0220 -0.0310 3  TRP A HZ3  
50  H  HZ3  B TRP A 4  ? 0.5669 0.5725 0.5546 0.0052  -0.0054 0.0008  3  TRP A HZ3  
51  H  HH2  A TRP A 4  ? 0.4257 0.4189 0.3769 -0.0265 -0.0097 -0.0139 3  TRP A HH2  
52  H  HH2  B TRP A 4  ? 0.5578 0.5822 0.5595 -0.0002 -0.0042 -0.0013 3  TRP A HH2  
53  N  N    . GLU A 5  ? 0.5432 0.4214 0.5031 0.0097  0.0284  -0.0116 4  GLU A N    
54  C  CA   . GLU A 5  ? 0.5533 0.4404 0.5339 0.0165  0.0371  -0.0127 4  GLU A CA   
55  C  C    . GLU A 5  ? 0.5378 0.4169 0.4989 0.0262  0.0517  -0.0029 4  GLU A C    
56  O  O    . GLU A 5  ? 0.5427 0.3875 0.5396 0.0505  0.0824  0.0055  4  GLU A O    
57  C  CB   . GLU A 5  ? 0.5563 0.4673 0.5585 0.0377  0.0397  -0.0144 4  GLU A CB   
58  H  H    . GLU A 5  ? 0.5329 0.4367 0.4994 0.0094  0.0242  -0.0119 4  GLU A H    
59  H  HA   . GLU A 5  ? 0.5403 0.4509 0.5232 0.0175  0.0330  -0.0108 4  GLU A HA   
60  H  HB2  . GLU A 5  ? 0.5288 0.5288 0.5288 0.0000  0.0000  0.0000  4  GLU A HB2  
61  H  HB3  . GLU A 5  ? 0.5288 0.5288 0.5288 0.0000  0.0000  0.0000  4  GLU A HB3  
62  N  N    . ALA A 6  ? 0.4919 0.3873 0.4400 0.0403  0.0409  0.0129  5  ALA A N    
63  C  CA   . ALA A 6  ? 0.4664 0.3716 0.4319 0.0114  0.0104  0.0327  5  ALA A CA   
64  C  C    . ALA A 6  ? 0.4187 0.3500 0.3922 0.0067  -0.0038 0.0275  5  ALA A C    
65  O  O    . ALA A 6  ? 0.3880 0.3345 0.3717 0.0097  -0.0255 0.0996  5  ALA A O    
66  C  CB   . ALA A 6  ? 0.4770 0.4218 0.4182 0.0173  0.0036  0.0452  5  ALA A CB   
67  H  H    . ALA A 6  ? 0.4854 0.4043 0.4532 0.0216  0.0289  0.0089  5  ALA A H    
68  H  HA   . ALA A 6  ? 0.4559 0.3900 0.4231 0.0138  0.0105  0.0233  5  ALA A HA   
69  H  HB1  . ALA A 6  ? 0.4388 0.4388 0.4388 0.0000  0.0000  0.0000  5  ALA A HB1  
70  H  HB2  . ALA A 6  ? 0.4388 0.4388 0.4388 0.0000  0.0000  0.0000  5  ALA A HB2  
71  H  HB3  . ALA A 6  ? 0.4388 0.4388 0.4388 0.0000  0.0000  0.0000  5  ALA A HB3  
72  N  N    . TRP A 7  ? 0.3553 0.2549 0.3002 -0.0086 -0.0084 0.0189  6  TRP A N    
73  C  CA   . TRP A 7  ? 0.3312 0.2753 0.2545 -0.0189 -0.0132 -0.0045 6  TRP A CA   
74  C  C    . TRP A 7  ? 0.3378 0.2377 0.2469 -0.0407 -0.0100 0.0067  6  TRP A C    
75  O  O    . TRP A 7  ? 0.3391 0.1949 0.2480 -0.0397 -0.0057 -0.0088 6  TRP A O    
76  C  CB   . TRP A 7  ? 0.3618 0.2841 0.2857 -0.0456 -0.0297 -0.0017 6  TRP A CB   
77  C  CG   . TRP A 7  ? 0.4777 0.4141 0.4203 0.0000  -0.0406 0.0168  6  TRP A CG   
78  C  CD1  . TRP A 7  ? 0.6018 0.5260 0.5186 0.0074  -0.0384 0.0158  6  TRP A CD1  
79  C  CD2  . TRP A 7  ? 0.5608 0.4000 0.4112 0.0342  0.0161  -0.0672 6  TRP A CD2  
80  N  NE1  . TRP A 7  ? 0.6285 0.5705 0.5142 -0.0122 -0.0252 0.0452  6  TRP A NE1  
81  C  CE2  . TRP A 7  ? 0.5741 0.5260 0.4207 0.0262  -0.0421 0.0037  6  TRP A CE2  
82  C  CE3  . TRP A 7  ? 0.6088 0.4866 0.4610 0.0029  -0.0412 -0.0475 6  TRP A CE3  
83  C  CZ2  . TRP A 7  ? 0.5577 0.5253 0.4754 0.0336  -0.0436 -0.0473 6  TRP A CZ2  
84  C  CZ3  . TRP A 7  ? 0.6167 0.4916 0.5001 0.0241  -0.0765 0.0021  6  TRP A CZ3  
85  C  CH2  . TRP A 7  ? 0.5693 0.4891 0.5133 0.0418  -0.0387 -0.0249 6  TRP A CH2  
86  H  H    . TRP A 7  ? 0.3527 0.2882 0.3144 -0.0080 -0.0060 0.0104  6  TRP A H    
87  H  HA   . TRP A 7  ? 0.3323 0.2705 0.2737 -0.0221 -0.0121 0.0022  6  TRP A HA   
88  H  HB2  . TRP A 7  ? 0.3320 0.2990 0.2901 -0.0165 -0.0160 -0.0032 6  TRP A HB2  
89  H  HB3  . TRP A 7  ? 0.3409 0.3093 0.2991 -0.0175 -0.0147 0.0028  6  TRP A HB3  
90  H  HD1  . TRP A 7  ? 0.5488 0.5252 0.5172 0.0005  -0.0159 0.0105  6  TRP A HD1  
91  H  HE1  . TRP A 7  ? 0.5747 0.5567 0.5299 0.0004  -0.0153 0.0119  6  TRP A HE1  
92  H  HE3  . TRP A 7  ? 0.5477 0.4982 0.4923 0.0093  -0.0149 -0.0206 6  TRP A HE3  
93  H  HZ2  . TRP A 7  ? 0.5408 0.5292 0.5049 0.0174  -0.0197 -0.0181 6  TRP A HZ2  
94  H  HZ3  . TRP A 7  ? 0.5565 0.5102 0.5116 0.0122  -0.0265 -0.0108 6  TRP A HZ3  
95  H  HH2  . TRP A 7  ? 0.5453 0.5157 0.5116 0.0180  -0.0230 -0.0122 6  TRP A HH2  
96  N  N    . ASP A 8  ? 0.3645 0.2256 0.2274 -0.0239 -0.0002 -0.0162 7  ASP A N    
97  C  CA   . ASP A 8  ? 0.3633 0.2278 0.2542 -0.0392 -0.0231 -0.0204 7  ASP A CA   
98  C  C    . ASP A 8  ? 0.3470 0.2032 0.2250 -0.0255 -0.0067 -0.0156 7  ASP A C    
99  O  O    . ASP A 8  ? 0.3663 0.1844 0.2525 -0.0213 -0.0253 -0.0245 7  ASP A O    
100 C  CB   . ASP A 8  ? 0.3748 0.2758 0.2850 -0.0461 -0.0263 -0.0135 7  ASP A CB   
101 C  CG   . ASP A 8  ? 0.4397 0.3845 0.4057 -0.0426 0.0096  0.0088  7  ASP A CG   
102 O  OD1  . ASP A 8  ? 0.4230 0.4018 0.3871 -0.0112 0.0138  -0.0277 7  ASP A OD1  
103 O  OD2  . ASP A 8  ? 0.4632 0.4094 0.3268 -0.0510 0.0102  -0.0005 7  ASP A OD2  
104 H  H    . ASP A 8  ? 0.3358 0.2374 0.2494 -0.0240 -0.0055 -0.0088 7  ASP A H    
105 H  HA   . ASP A 8  ? 0.3460 0.2439 0.2571 -0.0279 -0.0120 -0.0131 7  ASP A HA   
106 H  HB2  . ASP A 8  ? 0.3489 0.2861 0.2962 -0.0269 -0.0125 -0.0053 7  ASP A HB2  
107 H  HB3  . ASP A 8  ? 0.3462 0.2819 0.2946 -0.0243 -0.0094 -0.0089 7  ASP A HB3  
108 N  N    . XPC A 9  ? 0.3739 0.2042 0.2390 -0.0231 0.0055  -0.0137 8  XPC A N    
109 C  CB   . XPC A 9  ? 0.3544 0.1916 0.2463 0.0231  0.0118  -0.0479 8  XPC A CB   
110 C  CG   . XPC A 9  ? 0.3773 0.2668 0.3029 0.0186  0.0336  -0.0505 8  XPC A CG   
111 N  ND   . XPC A 9  ? 0.3801 0.3388 0.3673 0.0170  0.0550  -0.0515 8  XPC A ND   
112 C  CE   . XPC A 9  ? 0.3196 0.2522 0.3330 0.0292  0.0031  0.0113  8  XPC A CE   
113 C  CA   . XPC A 9  ? 0.3191 0.2203 0.2560 0.0390  0.0208  0.0039  8  XPC A CA   
114 C  C    . XPC A 9  ? 0.2691 0.1790 0.2375 0.0432  0.0122  0.0047  8  XPC A C    
115 O  O    . XPC A 9  ? 0.2565 0.2067 0.2151 0.0393  0.0170  0.0396  8  XPC A O    
116 H  H2   . XPC A 9  ? 0.3374 0.2150 0.2454 -0.0075 0.0047  -0.0182 8  XPC A H2   
117 H  HB   . XPC A 9  ? 0.3248 0.2302 0.2589 0.0091  0.0118  -0.0122 8  XPC A HB   
118 H  HG   . XPC A 9  ? 0.3389 0.2893 0.3119 0.0100  0.0174  -0.0233 8  XPC A HG   
119 H  HGA  . XPC A 9  ? 0.3418 0.2938 0.3174 0.0101  0.0186  -0.0246 8  XPC A HGA  
120 H  HND  . XPC A 9  ? 0.3568 0.3277 0.3535 0.0108  0.0162  -0.0212 8  XPC A HND  
121 H  HE   . XPC A 9  ? 0.3111 0.2615 0.2903 0.0199  0.0138  -0.0030 8  XPC A HE   
122 H  HEA  . XPC A 9  ? 0.3099 0.2593 0.2891 0.0199  0.0135  -0.0021 8  XPC A HEA  
123 H  HA   . XPC A 9  ? 0.3057 0.2214 0.2650 0.0283  0.0116  -0.0045 8  XPC A HA   
124 N  N    . ALA A 10 ? 0.2622 0.1693 0.2135 0.0251  0.0065  0.0068  9  ALA A N    
125 C  CA   . ALA A 10 ? 0.2474 0.1766 0.2174 0.0028  0.0000  -0.0085 9  ALA A CA   
126 C  C    . ALA A 10 ? 0.2193 0.1534 0.1620 -0.0021 -0.0042 0.0020  9  ALA A C    
127 O  O    . ALA A 10 ? 0.2078 0.1613 0.1657 -0.0072 -0.0218 -0.0011 9  ALA A O    
128 C  CB   . ALA A 10 ? 0.2741 0.2091 0.1891 0.0171  -0.0457 0.0275  9  ALA A CB   
129 H  H    . ALA A 10 ? 0.2498 0.1817 0.2191 0.0187  0.0056  0.0021  9  ALA A H    
130 H  HA   . ALA A 10 ? 0.2414 0.1840 0.2015 0.0077  -0.0071 0.0029  9  ALA A HA   
131 H  HB1  . ALA A 10 ? 0.2244 0.2244 0.2244 0.0000  0.0000  0.0000  9  ALA A HB1  
132 H  HB2  . ALA A 10 ? 0.2244 0.2244 0.2244 0.0000  0.0000  0.0000  9  ALA A HB2  
133 H  HB3  . ALA A 10 ? 0.2244 0.2244 0.2244 0.0000  0.0000  0.0000  9  ALA A HB3  
134 N  N    . ILE A 11 ? 0.2298 0.1394 0.1624 -0.0112 -0.0155 -0.0165 10 ILE A N    
135 C  CA   . ILE A 11 ? 0.2031 0.1597 0.1392 0.0052  -0.0002 -0.0262 10 ILE A CA   
136 C  C    . ILE A 11 ? 0.1998 0.1604 0.1650 0.0111  0.0101  -0.0308 10 ILE A C    
137 O  O    . ILE A 11 ? 0.2125 0.1614 0.1612 0.0196  0.0007  -0.0189 10 ILE A O    
138 C  CB   . ILE A 11 ? 0.1988 0.1929 0.1703 -0.0008 0.0170  -0.0314 10 ILE A CB   
139 C  CG1  . ILE A 11 ? 0.2841 0.2494 0.1591 -0.0323 0.0361  -0.0118 10 ILE A CG1  
140 C  CG2  . ILE A 11 ? 0.1709 0.2335 0.2769 0.0141  -0.0010 -0.0198 10 ILE A CG2  
141 C  CD1  . ILE A 11 ? 0.2808 0.3168 0.1793 -0.0808 0.0094  0.0063  10 ILE A CD1  
142 H  H    . ILE A 11 ? 0.2083 0.1516 0.1610 -0.0033 -0.0058 -0.0113 10 ILE A H    
143 H  HA   . ILE A 11 ? 0.2007 0.1631 0.1592 0.0024  0.0025  -0.0230 10 ILE A HA   
144 H  HB   . ILE A 11 ? 0.1986 0.1822 0.1719 0.0017  0.0054  -0.0176 10 ILE A HB   
145 H  HG12 . ILE A 11 ? 0.2428 0.2338 0.2039 -0.0152 0.0125  -0.0067 10 ILE A HG12 
146 H  HG13 . ILE A 11 ? 0.2600 0.2471 0.2143 -0.0226 0.0170  -0.0068 10 ILE A HG13 
147 H  HG21 . ILE A 11 ? 0.2274 0.2274 0.2274 0.0000  0.0000  0.0000  10 ILE A HG21 
148 H  HG22 . ILE A 11 ? 0.2274 0.2274 0.2274 0.0000  0.0000  0.0000  10 ILE A HG22 
149 H  HG23 . ILE A 11 ? 0.2274 0.2274 0.2274 0.0000  0.0000  0.0000  10 ILE A HG23 
150 H  HD11 . ILE A 11 ? 0.2591 0.2591 0.2591 0.0000  0.0000  0.0000  10 ILE A HD11 
151 H  HD12 . ILE A 11 ? 0.2591 0.2591 0.2591 0.0000  0.0000  0.0000  10 ILE A HD12 
152 H  HD13 . ILE A 11 ? 0.2591 0.2591 0.2591 0.0000  0.0000  0.0000  10 ILE A HD13 
153 N  N    . ALA A 12 ? 0.2150 0.1730 0.1458 0.0143  -0.0020 -0.0008 11 ALA A N    
154 C  CA   . ALA A 12 ? 0.2129 0.1878 0.1394 0.0378  0.0159  -0.0150 11 ALA A CA   
155 C  C    . ALA A 12 ? 0.1927 0.1806 0.1435 0.0163  0.0121  -0.0060 11 ALA A C    
156 O  O    . ALA A 12 ? 0.2356 0.1677 0.1610 0.0223  0.0138  -0.0133 11 ALA A O    
157 C  CB   . ALA A 12 ? 0.2576 0.1830 0.1556 0.0114  0.0113  -0.0324 11 ALA A CB   
158 H  H    . ALA A 12 ? 0.2026 0.1740 0.1570 0.0160  0.0045  -0.0104 11 ALA A H    
159 H  HA   . ALA A 12 ? 0.2099 0.1815 0.1532 0.0198  0.0080  -0.0119 11 ALA A HA   
160 H  HB1  . ALA A 12 ? 0.1985 0.1985 0.1985 0.0000  0.0000  0.0000  11 ALA A HB1  
161 H  HB2  . ALA A 12 ? 0.1985 0.1985 0.1985 0.0000  0.0000  0.0000  11 ALA A HB2  
162 H  HB3  . ALA A 12 ? 0.1985 0.1985 0.1985 0.0000  0.0000  0.0000  11 ALA A HB3  
163 N  N    . B3E A 13 ? 0.1792 0.1624 0.1783 0.0199  0.0144  0.0066  12 B3E A N    
164 C  CA   . B3E A 13 ? 0.1993 0.1841 0.1964 0.0306  0.0144  0.0031  12 B3E A CA   
165 C  CG   . B3E A 13 ? 0.2344 0.2492 0.2275 -0.0129 -0.0030 0.0421  12 B3E A CG   
166 C  CD   . B3E A 13 ? 0.2391 0.2834 0.2910 0.0591  0.0492  -0.0115 12 B3E A CD   
167 C  CE   . B3E A 13 ? 0.3640 0.3558 0.3465 0.0583  0.0186  -0.0360 12 B3E A CE   
168 O  OF2  . B3E A 13 ? 0.5844 0.4742 0.5294 0.0256  0.0149  -0.1098 12 B3E A OF2  
169 O  OF1  . B3E A 13 ? 0.3926 0.4959 0.4552 0.0708  0.0179  0.0478  12 B3E A OF1  
170 C  CB   . B3E A 13 ? 0.1759 0.1678 0.1991 0.0133  -0.0099 0.0188  12 B3E A CB   
171 C  C    . B3E A 13 ? 0.1971 0.1795 0.1778 0.0181  -0.0038 0.0077  12 B3E A C    
172 O  O    . B3E A 13 ? 0.1980 0.1825 0.2092 0.0032  -0.0089 0.0422  12 B3E A O    
173 H  H    . B3E A 13 ? 0.1861 0.1727 0.1744 0.0166  0.0107  0.0020  12 B3E A H    
174 H  HA   . B3E A 13 ? 0.1862 0.1797 0.1921 0.0111  0.0030  0.0073  12 B3E A HA   
175 H  HG2  . B3E A 13 ? 0.2275 0.2292 0.2266 0.0054  0.0044  0.0131  12 B3E A HG2  
176 H  HG3  . B3E A 13 ? 0.2271 0.2341 0.2327 0.0033  0.0056  0.0089  12 B3E A HG3  
177 H  HD2  . B3E A 13 ? 0.2791 0.2876 0.2882 0.0183  0.0122  -0.0054 12 B3E A HD2  
178 H  HD3  . B3E A 13 ? 0.2743 0.2845 0.2851 0.0169  0.0123  -0.0041 12 B3E A HD3  
179 H  HB1  . B3E A 13 ? 0.1843 0.1759 0.1884 0.0111  -0.0045 0.0102  12 B3E A HB1  
180 H  HB2  . B3E A 13 ? 0.1828 0.1763 0.1891 0.0108  -0.0045 0.0096  12 B3E A HB2  
181 N  N    . TYR A 14 ? 0.1984 0.1708 0.1296 0.0166  -0.0099 0.0050  13 TYR A N    
182 C  CA   . TYR A 14 ? 0.1694 0.1688 0.1337 0.0124  -0.0163 -0.0062 13 TYR A CA   
183 C  C    . TYR A 14 ? 0.1898 0.1530 0.1157 -0.0031 0.0070  0.0036  13 TYR A C    
184 O  O    . TYR A 14 ? 0.2093 0.1526 0.1506 -0.0011 -0.0044 0.0033  13 TYR A O    
185 C  CB   . TYR A 14 ? 0.2199 0.1899 0.1273 -0.0235 -0.0274 0.0103  13 TYR A CB   
186 C  CG   . TYR A 14 ? 0.2112 0.1734 0.1136 -0.0302 -0.0254 -0.0051 13 TYR A CG   
187 C  CD1  . TYR A 14 ? 0.2087 0.1973 0.1423 -0.0343 -0.0081 0.0020  13 TYR A CD1  
188 C  CD2  . TYR A 14 ? 0.2041 0.2107 0.1383 -0.0233 -0.0288 -0.0127 13 TYR A CD2  
189 C  CE1  . TYR A 14 ? 0.3289 0.1903 0.1505 -0.0160 -0.0080 -0.0250 13 TYR A CE1  
190 C  CE2  . TYR A 14 ? 0.2373 0.2850 0.1628 0.0014  -0.0048 0.0442  13 TYR A CE2  
191 C  CZ   . TYR A 14 ? 0.2815 0.2595 0.1737 0.0308  0.0442  0.0160  13 TYR A CZ   
192 O  OH   . TYR A 14 ? 0.3716 0.2640 0.2191 0.0683  0.0878  0.0484  13 TYR A OH   
193 H  H    . TYR A 14 ? 0.1850 0.1710 0.1495 0.0123  -0.0081 0.0023  13 TYR A H    
194 H  HA   . TYR A 14 ? 0.1842 0.1694 0.1354 0.0021  -0.0105 0.0011  13 TYR A HA   
195 H  HB2  . TYR A 14 ? 0.1770 0.1718 0.1444 -0.0005 -0.0133 -0.0006 13 TYR A HB2  
196 H  HB3  . TYR A 14 ? 0.1779 0.1727 0.1453 -0.0002 -0.0130 -0.0006 13 TYR A HB3  
197 H  HD1  . TYR A 14 ? 0.2075 0.1901 0.1692 -0.0117 -0.0051 -0.0016 13 TYR A HD1  
198 H  HD2  . TYR A 14 ? 0.1914 0.1926 0.1615 -0.0109 -0.0134 -0.0020 13 TYR A HD2  
199 H  HE1  . TYR A 14 ? 0.2375 0.2008 0.1839 -0.0067 -0.0004 -0.0091 13 TYR A HE1  
200 H  HE2  . TYR A 14 ? 0.2304 0.2390 0.1980 0.0002  -0.0008 0.0106  13 TYR A HE2  
201 H  HH   . TYR A 14 ? 0.2840 0.2840 0.2840 0.0000  0.0000  0.0000  13 TYR A HH   
202 N  N    . ALA A 15 ? 0.1644 0.1360 0.1484 0.0183  -0.0120 -0.0056 14 ALA A N    
203 C  CA   . ALA A 15 ? 0.1657 0.1679 0.1497 0.0252  -0.0015 -0.0078 14 ALA A CA   
204 C  C    . ALA A 15 ? 0.1808 0.1674 0.1290 0.0201  -0.0095 -0.0051 14 ALA A C    
205 O  O    . ALA A 15 ? 0.2301 0.1665 0.1478 0.0135  -0.0155 -0.0028 14 ALA A O    
206 C  CB   . ALA A 15 ? 0.2184 0.1544 0.2102 0.0070  -0.0050 -0.0171 14 ALA A CB   
207 H  H    . ALA A 15 ? 0.1669 0.1472 0.1436 0.0118  -0.0033 -0.0033 14 ALA A H    
208 H  HA   . ALA A 15 ? 0.1759 0.1590 0.1591 0.0167  -0.0045 -0.0083 14 ALA A HA   
209 H  HB1  . ALA A 15 ? 0.1942 0.1942 0.1942 0.0000  0.0000  0.0000  14 ALA A HB1  
210 H  HB2  . ALA A 15 ? 0.1942 0.1942 0.1942 0.0000  0.0000  0.0000  14 ALA A HB2  
211 H  HB3  . ALA A 15 ? 0.1942 0.1942 0.1942 0.0000  0.0000  0.0000  14 ALA A HB3  
212 N  N    . XCP A 16 ? 0.1855 0.1827 0.1541 0.0105  0.0035  0.0071  15 XCP A N    
213 C  CB   . XCP A 16 ? 0.1994 0.1651 0.1530 0.0118  0.0081  0.0034  15 XCP A CB   
214 C  CG   . XCP A 16 ? 0.2553 0.2043 0.1749 -0.0089 0.0222  -0.0131 15 XCP A CG   
215 C  CD   . XCP A 16 ? 0.2718 0.2727 0.2246 -0.0086 0.0199  -0.0199 15 XCP A CD   
216 C  CE   . XCP A 16 ? 0.2227 0.1820 0.1974 0.0333  0.0223  -0.0031 15 XCP A CE   
217 C  CA   . XCP A 16 ? 0.2167 0.1879 0.1819 0.0332  0.0179  0.0241  15 XCP A CA   
218 C  C    . XCP A 16 ? 0.1684 0.1668 0.1713 0.0348  -0.0128 0.0118  15 XCP A C    
219 O  O    . XCP A 16 ? 0.1946 0.1523 0.1807 0.0408  0.0005  0.0219  15 XCP A O    
220 H  H2   . XCP A 16 ? 0.1837 0.1739 0.1535 0.0101  0.0008  0.0015  15 XCP A H2   
221 H  HB   . XCP A 16 ? 0.1976 0.1821 0.1715 0.0131  0.0069  0.0082  15 XCP A HB   
222 H  HG   . XCP A 16 ? 0.2269 0.2113 0.2020 -0.0012 0.0086  -0.0047 15 XCP A HG   
223 H  HGA  . XCP A 16 ? 0.2291 0.2127 0.2046 -0.0011 0.0101  -0.0048 15 XCP A HGA  
224 H  HD   . XCP A 16 ? 0.2557 0.2478 0.2311 -0.0066 0.0101  -0.0065 15 XCP A HD   
225 H  HDA  . XCP A 16 ? 0.2472 0.2376 0.2311 0.0002  0.0102  -0.0079 15 XCP A HDA  
226 H  HE   . XCP A 16 ? 0.2188 0.1999 0.1985 0.0159  0.0123  0.0052  15 XCP A HE   
227 H  HEA  . XCP A 16 ? 0.2164 0.1979 0.1971 0.0162  0.0116  0.0061  15 XCP A HEA  
228 H  HA   . XCP A 16 ? 0.2006 0.1788 0.1786 0.0235  0.0080  0.0089  15 XCP A HA   
229 N  N    . ARG A 17 ? 0.1854 0.1625 0.1733 0.0121  -0.0075 0.0250  16 ARG A N    
230 C  CA   . ARG A 17 ? 0.1968 0.1841 0.1642 -0.0020 -0.0217 0.0252  16 ARG A CA   
231 C  C    . ARG A 17 ? 0.1610 0.1481 0.1512 0.0091  -0.0038 -0.0028 16 ARG A C    
232 O  O    . ARG A 17 ? 0.1814 0.1587 0.1632 0.0059  -0.0026 0.0114  16 ARG A O    
233 C  CB   . ARG A 17 ? 0.1930 0.1988 0.1655 0.0151  -0.0239 0.0135  16 ARG A CB   
234 C  CG   . ARG A 17 ? 0.2851 0.2071 0.1548 0.0058  -0.0289 0.0061  16 ARG A CG   
235 C  CD   . ARG A 17 ? 0.4327 0.2520 0.1835 0.0080  -0.0071 -0.0290 16 ARG A CD   
236 N  NE   . ARG A 17 ? 0.4511 0.2612 0.2555 0.0056  0.0280  -0.0038 16 ARG A NE   
237 C  CZ   . ARG A 17 ? 0.3925 0.2657 0.2961 0.0014  -0.0111 0.0380  16 ARG A CZ   
238 N  NH1  . ARG A 17 ? 0.3932 0.3156 0.2794 -0.0131 -0.0732 -0.0152 16 ARG A NH1  
239 N  NH2  . ARG A 17 ? 0.4694 0.3872 0.3906 -0.0747 -0.0084 -0.0453 16 ARG A NH2  
240 H  H    . ARG A 17 ? 0.1812 0.1696 0.1704 0.0107  -0.0102 0.0175  16 ARG A H    
241 H  HA   . ARG A 17 ? 0.1844 0.1765 0.1664 0.0057  -0.0131 0.0134  16 ARG A HA   
242 H  HB2  . ARG A 17 ? 0.1935 0.1890 0.1728 0.0040  -0.0157 0.0121  16 ARG A HB2  
243 H  HB3  . ARG A 17 ? 0.2003 0.1927 0.1748 0.0038  -0.0159 0.0110  16 ARG A HB3  
244 H  HG2  . ARG A 17 ? 0.2599 0.2269 0.2047 0.0031  -0.0101 -0.0012 16 ARG A HG2  
245 H  HG3  . ARG A 17 ? 0.2601 0.2277 0.2050 0.0072  -0.0117 -0.0021 16 ARG A HG3  
246 H  HD2  . ARG A 17 ? 0.3521 0.2828 0.2584 -0.0037 -0.0001 -0.0086 16 ARG A HD2  
247 H  HD3  . ARG A 17 ? 0.3538 0.2831 0.2598 0.0140  -0.0065 -0.0124 16 ARG A HD3  
248 H  HE   . ARG A 17 ? 0.3987 0.3046 0.3085 0.0051  0.0180  -0.0018 16 ARG A HE   
249 H  HH11 . ARG A 17 ? 0.3664 0.3349 0.3260 -0.0080 -0.0271 0.0055  16 ARG A HH11 
250 H  HH12 . ARG A 17 ? 0.3592 0.3271 0.3186 -0.0008 -0.0205 0.0010  16 ARG A HH12 
251 H  HH21 . ARG A 17 ? 0.4018 0.3617 0.3694 -0.0208 -0.0048 -0.0127 16 ARG A HH21 
252 H  HH22 . ARG A 17 ? 0.4251 0.3883 0.3930 -0.0260 -0.0103 -0.0002 16 ARG A HH22 
253 N  N    . ILE A 18 ? 0.1555 0.1559 0.1238 0.0076  -0.0048 0.0008  17 ILE A N    
254 C  CA   . ILE A 18 ? 0.1637 0.1428 0.1592 0.0349  0.0110  -0.0031 17 ILE A CA   
255 C  C    . ILE A 18 ? 0.1702 0.1502 0.1760 0.0098  -0.0024 -0.0110 17 ILE A C    
256 O  O    . ILE A 18 ? 0.1568 0.1613 0.1567 0.0231  0.0065  -0.0049 17 ILE A O    
257 C  CB   . ILE A 18 ? 0.1599 0.1602 0.1771 0.0009  0.0090  -0.0041 17 ILE A CB   
258 C  CG1  . ILE A 18 ? 0.2023 0.1757 0.1513 0.0090  0.0253  0.0001  17 ILE A CG1  
259 C  CG2  . ILE A 18 ? 0.1425 0.2216 0.2063 0.0358  0.0131  0.0042  17 ILE A CG2  
260 C  CD1  . ILE A 18 ? 0.2866 0.1753 0.1524 -0.0068 0.0116  -0.0115 17 ILE A CD1  
261 H  H    . ILE A 18 ? 0.1573 0.1511 0.1432 0.0120  -0.0004 -0.0016 17 ILE A H    
262 H  HA   . ILE A 18 ? 0.1620 0.1520 0.1591 0.0137  0.0036  -0.0040 17 ILE A HA   
263 H  HB   . ILE A 18 ? 0.1651 0.1601 0.1665 0.0148  0.0076  -0.0028 17 ILE A HB   
264 H  HG12 . ILE A 18 ? 0.1940 0.1768 0.1729 0.0014  0.0085  -0.0022 17 ILE A HG12 
265 H  HG13 . ILE A 18 ? 0.1932 0.1764 0.1725 0.0013  0.0087  -0.0021 17 ILE A HG13 
266 H  HG21 . ILE A 18 ? 0.1903 0.1903 0.1903 0.0000  0.0000  0.0000  17 ILE A HG21 
267 H  HG22 . ILE A 18 ? 0.1903 0.1903 0.1903 0.0000  0.0000  0.0000  17 ILE A HG22 
268 H  HG23 . ILE A 18 ? 0.1903 0.1903 0.1903 0.0000  0.0000  0.0000  17 ILE A HG23 
269 H  HD11 . ILE A 18 ? 0.2041 0.2041 0.2041 0.0000  0.0000  0.0000  17 ILE A HD11 
270 H  HD12 . ILE A 18 ? 0.2041 0.2041 0.2041 0.0000  0.0000  0.0000  17 ILE A HD12 
271 H  HD13 . ILE A 18 ? 0.2041 0.2041 0.2041 0.0000  0.0000  0.0000  17 ILE A HD13 
272 N  N    . GLU A 19 ? 0.1744 0.1328 0.1492 0.0315  -0.0161 0.0150  18 GLU A N    
273 C  CA   . GLU A 19 ? 0.1890 0.1456 0.1667 0.0370  -0.0136 -0.0188 18 GLU A CA   
274 C  C    . GLU A 19 ? 0.1644 0.1637 0.1419 0.0232  -0.0003 -0.0034 18 GLU A C    
275 O  O    . GLU A 19 ? 0.1907 0.1539 0.1498 0.0395  -0.0029 -0.0081 18 GLU A O    
276 C  CB   . GLU A 19 ? 0.2420 0.2017 0.2115 0.0168  -0.0057 0.0019  18 GLU A CB   
277 C  CG   . GLU A 19 ? 0.3646 0.2774 0.3147 0.0214  -0.0165 -0.0285 18 GLU A CG   
278 C  CD   . GLU A 19 ? 0.5035 0.3396 0.3049 0.0264  0.0283  -0.0316 18 GLU A CD   
279 O  OE1  . GLU A 19 ? 0.6399 0.4709 0.3044 0.0545  0.0764  -0.0750 18 GLU A OE1  
280 O  OE2  . GLU A 19 ? 0.5751 0.3144 0.3154 0.0523  -0.0078 -0.0600 18 GLU A OE2  
281 H  H    . GLU A 19 ? 0.1722 0.1410 0.1599 0.0224  -0.0095 -0.0006 18 GLU A H    
282 H  HA   . GLU A 19 ? 0.1866 0.1616 0.1682 0.0242  -0.0084 -0.0042 18 GLU A HA   
283 H  HB2  . GLU A 19 ? 0.2177 0.1899 0.1995 0.0206  -0.0078 -0.0112 18 GLU A HB2  
284 H  HB3  . GLU A 19 ? 0.2218 0.1895 0.2005 0.0167  -0.0053 -0.0108 18 GLU A HB3  
285 H  HG2  . GLU A 19 ? 0.3396 0.3028 0.3062 0.0137  -0.0018 -0.0134 18 GLU A HG2  
286 H  HG3  . GLU A 19 ? 0.3428 0.2991 0.3063 0.0106  0.0012  -0.0120 18 GLU A HG3  
287 N  N    . XCP A 20 ? 0.1782 0.1643 0.1310 0.0263  -0.0043 -0.0011 19 XCP A N    
288 C  CB   . XCP A 20 ? 0.1500 0.1676 0.1468 0.0436  -0.0019 0.0046  19 XCP A CB   
289 C  CG   . XCP A 20 ? 0.2286 0.2281 0.1642 -0.0004 0.0055  0.0079  19 XCP A CG   
290 C  CD   . XCP A 20 ? 0.2030 0.2506 0.2125 0.0401  -0.0177 0.0261  19 XCP A CD   
291 C  CE   . XCP A 20 ? 0.1597 0.2258 0.1614 0.0270  -0.0407 0.0167  19 XCP A CE   
292 C  CA   . XCP A 20 ? 0.1337 0.2058 0.1470 0.0409  -0.0264 0.0356  19 XCP A CA   
293 C  C    . XCP A 20 ? 0.1608 0.1868 0.1566 0.0387  -0.0135 0.0356  19 XCP A C    
294 O  O    . XCP A 20 ? 0.1565 0.1781 0.1599 0.0241  -0.0006 0.0263  19 XCP A O    
295 H  H2   . XCP A 20 ? 0.1649 0.1627 0.1423 0.0235  -0.0027 -0.0006 19 XCP A H2   
296 H  HB   . XCP A 20 ? 0.1608 0.1777 0.1474 0.0232  -0.0101 0.0102  19 XCP A HB   
297 H  HG   . XCP A 20 ? 0.2020 0.2104 0.1895 0.0078  -0.0018 0.0028  19 XCP A HG   
298 H  HGA  . XCP A 20 ? 0.1993 0.2065 0.1836 0.0080  -0.0032 0.0033  19 XCP A HGA  
299 H  HD   . XCP A 20 ? 0.1990 0.2191 0.1984 0.0143  -0.0096 0.0075  19 XCP A HD   
300 H  HDA  . XCP A 20 ? 0.2040 0.2221 0.1996 0.0117  -0.0098 0.0081  19 XCP A HDA  
301 H  HE   . XCP A 20 ? 0.1570 0.2000 0.1618 0.0228  -0.0229 0.0180  19 XCP A HE   
302 H  HEA  . XCP A 20 ? 0.1618 0.2096 0.1664 0.0232  -0.0212 0.0156  19 XCP A HEA  
303 H  HA   . XCP A 20 ? 0.1517 0.1913 0.1527 0.0304  -0.0191 0.0211  19 XCP A HA   
304 N  N    . LEU A 21 ? 0.1584 0.1553 0.1448 0.0161  -0.0175 0.0017  20 LEU A N    
305 C  CA   . LEU A 21 ? 0.1474 0.1787 0.1657 0.0013  -0.0041 -0.0084 20 LEU A CA   
306 C  C    . LEU A 21 ? 0.1446 0.1554 0.1660 0.0145  -0.0066 -0.0140 20 LEU A C    
307 O  O    . LEU A 21 ? 0.1743 0.1513 0.1804 0.0145  0.0147  -0.0029 20 LEU A O    
308 C  CB   . LEU A 21 ? 0.2001 0.1780 0.1669 -0.0112 -0.0021 -0.0145 20 LEU A CB   
309 C  CG   . LEU A 21 ? 0.2633 0.1920 0.1922 -0.0002 0.0449  -0.0283 20 LEU A CG   
310 C  CD1  . LEU A 21 ? 0.3660 0.2468 0.2635 -0.0499 0.0421  -0.0662 20 LEU A CD1  
311 C  CD2  . LEU A 21 ? 0.3286 0.2949 0.2720 -0.0120 0.1130  -0.0468 20 LEU A CD2  
312 H  H    . LEU A 21 ? 0.1570 0.1673 0.1546 0.0137  -0.0106 0.0064  20 LEU A H    
313 H  HA   . LEU A 21 ? 0.1609 0.1677 0.1623 0.0037  -0.0060 -0.0071 20 LEU A HA   
314 H  HB2  . LEU A 21 ? 0.1785 0.1790 0.1749 -0.0016 0.0033  -0.0080 20 LEU A HB2  
315 H  HB3  . LEU A 21 ? 0.1758 0.1776 0.1725 -0.0012 0.0015  -0.0074 20 LEU A HB3  
316 H  HG   . LEU A 21 ? 0.2600 0.2272 0.2307 -0.0055 0.0254  -0.0179 20 LEU A HG   
317 H  HD11 . LEU A 21 ? 0.2921 0.2921 0.2921 0.0000  0.0000  0.0000  20 LEU A HD11 
318 H  HD12 . LEU A 21 ? 0.2921 0.2921 0.2921 0.0000  0.0000  0.0000  20 LEU A HD12 
319 H  HD13 . LEU A 21 ? 0.2921 0.2921 0.2921 0.0000  0.0000  0.0000  20 LEU A HD13 
320 H  HD21 . LEU A 21 ? 0.2962 0.2962 0.2962 0.0000  0.0000  0.0000  20 LEU A HD21 
321 H  HD22 . LEU A 21 ? 0.2962 0.2962 0.2962 0.0000  0.0000  0.0000  20 LEU A HD22 
322 H  HD23 . LEU A 21 ? 0.2962 0.2962 0.2962 0.0000  0.0000  0.0000  20 LEU A HD23 
323 N  N    . ILE A 22 ? 0.1360 0.1410 0.1850 0.0170  0.0109  -0.0145 21 ILE A N    
324 C  CA   . ILE A 22 ? 0.1164 0.1568 0.1715 0.0271  0.0152  -0.0096 21 ILE A CA   
325 C  C    . ILE A 22 ? 0.1482 0.1359 0.1614 0.0307  -0.0188 -0.0001 21 ILE A C    
326 O  O    . ILE A 22 ? 0.1332 0.1567 0.1822 0.0365  -0.0090 0.0012  21 ILE A O    
327 C  CB   . ILE A 22 ? 0.1458 0.1719 0.1662 0.0131  0.0157  -0.0335 21 ILE A CB   
328 C  CG1  . ILE A 22 ? 0.1392 0.1605 0.1962 0.0461  -0.0075 -0.0169 21 ILE A CG1  
329 C  CG2  . ILE A 22 ? 0.1453 0.2116 0.1350 0.0439  -0.0209 -0.0022 21 ILE A CG2  
330 C  CD1  . ILE A 22 ? 0.1574 0.1627 0.2421 -0.0127 0.0054  -0.0028 21 ILE A CD1  
331 H  H    . ILE A 22 ? 0.1390 0.1481 0.1706 0.0148  0.0059  -0.0104 21 ILE A H    
332 H  HA   . ILE A 22 ? 0.1378 0.1510 0.1669 0.0192  0.0062  -0.0120 21 ILE A HA   
333 H  HB   . ILE A 22 ? 0.1409 0.1613 0.1633 0.0177  0.0052  -0.0105 21 ILE A HB   
334 H  HG12 . ILE A 22 ? 0.1505 0.1524 0.1749 0.0182  0.0022  -0.0113 21 ILE A HG12 
335 H  HG13 . ILE A 22 ? 0.1570 0.1637 0.1771 0.0120  -0.0010 -0.0085 21 ILE A HG13 
336 H  HG21 . ILE A 22 ? 0.1646 0.1646 0.1646 0.0000  0.0000  0.0000  21 ILE A HG21 
337 H  HG22 . ILE A 22 ? 0.1646 0.1646 0.1646 0.0000  0.0000  0.0000  21 ILE A HG22 
338 H  HG23 . ILE A 22 ? 0.1646 0.1646 0.1646 0.0000  0.0000  0.0000  21 ILE A HG23 
339 H  HD11 . ILE A 22 ? 0.1879 0.1879 0.1879 0.0000  0.0000  0.0000  21 ILE A HD11 
340 H  HD12 . ILE A 22 ? 0.1879 0.1879 0.1879 0.0000  0.0000  0.0000  21 ILE A HD12 
341 H  HD13 . ILE A 22 ? 0.1879 0.1879 0.1879 0.0000  0.0000  0.0000  21 ILE A HD13 
342 N  N    . XPC A 23 ? 0.1488 0.1642 0.1437 0.0183  0.0076  0.0117  22 XPC A N    
343 C  CB   . XPC A 23 ? 0.1310 0.1776 0.1560 0.0420  -0.0096 -0.0127 22 XPC A CB   
344 C  CG   . XPC A 23 ? 0.1837 0.1970 0.1644 0.0359  0.0055  0.0037  22 XPC A CG   
345 N  ND   . XPC A 23 ? 0.1692 0.2398 0.1852 0.0206  0.0073  0.0036  22 XPC A ND   
346 C  CE   . XPC A 23 ? 0.1625 0.2148 0.1802 0.0217  0.0038  -0.0109 22 XPC A CE   
347 C  CA   . XPC A 23 ? 0.1419 0.1911 0.1543 0.0402  0.0094  0.0100  22 XPC A CA   
348 C  C    . XPC A 23 ? 0.1375 0.1804 0.1896 0.0351  -0.0176 0.0209  22 XPC A C    
349 O  O    . XPC A 23 ? 0.1538 0.1811 0.1825 0.0265  -0.0127 0.0210  22 XPC A O    
350 H  H2   . XPC A 23 ? 0.1463 0.1584 0.1517 0.0215  -0.0037 0.0011  22 XPC A H2   
351 H  HB   . XPC A 23 ? 0.1499 0.1716 0.1532 0.0228  0.0022  0.0042  22 XPC A HB   
352 H  HG   . XPC A 23 ? 0.1751 0.1870 0.1738 0.0149  -0.0004 -0.0003 22 XPC A HG   
353 H  HGA  . XPC A 23 ? 0.1800 0.1903 0.1774 0.0149  0.0017  -0.0012 22 XPC A HGA  
354 H  HND  . XPC A 23 ? 0.1849 0.2061 0.1879 0.0101  0.0013  -0.0007 22 XPC A HND  
355 H  HE   . XPC A 23 ? 0.1633 0.1921 0.1697 0.0188  0.0033  0.0007  22 XPC A HE   
356 H  HEA  . XPC A 23 ? 0.1638 0.1991 0.1731 0.0206  0.0023  -0.0029 22 XPC A HEA  
357 H  HA   . XPC A 23 ? 0.1481 0.1856 0.1663 0.0292  -0.0026 0.0028  22 XPC A HA   
358 N  N    . ALA A 24 ? 0.1285 0.1735 0.1865 0.0401  -0.0219 0.0404  23 ALA A N    
359 C  CA   . ALA A 24 ? 0.1181 0.1650 0.1822 0.0078  -0.0356 0.0376  23 ALA A CA   
360 C  C    . ALA A 24 ? 0.1261 0.1560 0.1624 0.0271  -0.0118 0.0107  23 ALA A C    
361 O  O    . ALA A 24 ? 0.1316 0.1620 0.2055 0.0055  -0.0247 0.0428  23 ALA A O    
362 C  CB   . ALA A 24 ? 0.1359 0.1807 0.1759 0.0272  -0.0418 0.0169  23 ALA A CB   
363 H  H    . ALA A 24 ? 0.1365 0.1700 0.1782 0.0228  -0.0204 0.0277  23 ALA A H    
364 H  HA   . ALA A 24 ? 0.1313 0.1671 0.1723 0.0173  -0.0239 0.0231  23 ALA A HA   
365 H  HB1  . ALA A 24 ? 0.1645 0.1645 0.1645 0.0000  0.0000  0.0000  23 ALA A HB1  
366 H  HB2  . ALA A 24 ? 0.1645 0.1645 0.1645 0.0000  0.0000  0.0000  23 ALA A HB2  
367 H  HB3  . ALA A 24 ? 0.1645 0.1645 0.1645 0.0000  0.0000  0.0000  23 ALA A HB3  
368 N  N    . ALA A 25 ? 0.1228 0.1545 0.1774 0.0047  -0.0086 0.0037  24 ALA A N    
369 C  CA   . ALA A 25 ? 0.1234 0.1308 0.2070 0.0320  -0.0325 -0.0013 24 ALA A CA   
370 C  C    . ALA A 25 ? 0.1508 0.1383 0.1820 0.0135  -0.0182 -0.0032 24 ALA A C    
371 O  O    . ALA A 25 ? 0.1646 0.1528 0.2025 0.0198  -0.0202 0.0113  24 ALA A O    
372 C  CB   . ALA A 25 ? 0.1283 0.1702 0.1914 0.0161  0.0149  0.0193  24 ALA A CB   
373 H  H    . ALA A 25 ? 0.1312 0.1498 0.1734 0.0135  -0.0125 0.0031  24 ALA A H    
374 H  HA   . ALA A 25 ? 0.1357 0.1474 0.1840 0.0150  -0.0122 0.0021  24 ALA A HA   
375 H  HB1  . ALA A 25 ? 0.1631 0.1631 0.1631 0.0000  0.0000  0.0000  24 ALA A HB1  
376 H  HB2  . ALA A 25 ? 0.1631 0.1631 0.1631 0.0000  0.0000  0.0000  24 ALA A HB2  
377 H  HB3  . ALA A 25 ? 0.1631 0.1631 0.1631 0.0000  0.0000  0.0000  24 ALA A HB3  
378 N  N    . GLN A 26 ? 0.1445 0.1510 0.1851 0.0303  -0.0368 0.0247  25 GLN A N    
379 C  CA   . GLN A 26 ? 0.1640 0.1879 0.1621 0.0302  -0.0357 0.0220  25 GLN A CA   
380 C  C    . GLN A 26 ? 0.1971 0.1659 0.1801 0.0176  -0.0288 0.0273  25 GLN A C    
381 O  O    . GLN A 26 ? 0.2031 0.1994 0.2006 0.0397  -0.0262 0.0454  25 GLN A O    
382 C  CB   . GLN A 26 ? 0.2019 0.1856 0.1800 0.0299  -0.0313 0.0117  25 GLN A CB   
383 C  CG   . GLN A 26 ? 0.2387 0.1996 0.2112 0.0164  -0.0589 -0.0165 25 GLN A CG   
384 C  CD   . GLN A 26 ? 0.2721 0.2451 0.2194 0.0053  -0.0622 -0.0134 25 GLN A CD   
385 O  OE1  . GLN A 26 ? 0.2807 0.2331 0.2560 -0.0084 -0.0223 -0.0356 25 GLN A OE1  
386 N  NE2  . GLN A 26 ? 0.2874 0.2477 0.2611 -0.0359 -0.0838 0.0100  25 GLN A NE2  
387 H  H    . GLN A 26 ? 0.1535 0.1563 0.1733 0.0208  -0.0253 0.0128  25 GLN A H    
388 H  HA   . GLN A 26 ? 0.1734 0.1758 0.1740 0.0229  -0.0281 0.0169  25 GLN A HA   
389 H  HB2  . GLN A 26 ? 0.1813 0.1870 0.1754 0.0178  -0.0243 0.0080  25 GLN A HB2  
390 H  HB3  . GLN A 26 ? 0.1823 0.1880 0.1759 0.0172  -0.0241 0.0079  25 GLN A HB3  
391 H  HG2  . GLN A 26 ? 0.2207 0.2121 0.2095 0.0112  -0.0253 -0.0040 25 GLN A HG2  
392 H  HG3  . GLN A 26 ? 0.2244 0.2150 0.2111 0.0092  -0.0243 -0.0044 25 GLN A HG3  
393 H  HE21 . GLN A 26 ? 0.2649 0.2649 0.2649 0.0000  0.0000  0.0000  25 GLN A HE21 
394 H  HE22 . GLN A 26 ? 0.2649 0.2649 0.2649 0.0000  0.0000  0.0000  25 GLN A HE22 
395 N  N    . B3E A 27 ? 0.1901 0.1964 0.2047 0.0023  -0.0212 0.0466  26 B3E A N    
396 C  CA   . B3E A 27 ? 0.1842 0.1977 0.2032 0.0154  -0.0036 0.0354  26 B3E A CA   
397 C  CG   . B3E A 27 ? 0.2246 0.2240 0.2085 0.0017  0.0071  0.0414  26 B3E A CG   
398 C  CD   . B3E A 27 ? 0.2548 0.3192 0.2926 0.0102  0.0005  0.0295  26 B3E A CD   
399 C  CE   . B3E A 27 ? 0.4412 0.4596 0.3873 -0.0223 0.0377  -0.0532 26 B3E A CE   
400 O  OF2  . B3E A 27 ? 0.5550 0.6336 0.5743 -0.0753 -0.0091 -0.0867 26 B3E A OF2  
401 O  OF1  . B3E A 27 ? 0.5047 0.5993 0.4483 -0.0169 -0.0283 0.0221  26 B3E A OF1  
402 C  CB   . B3E A 27 ? 0.1584 0.1875 0.2358 0.0277  0.0071  0.0531  26 B3E A CB   
403 C  C    . B3E A 27 ? 0.1663 0.1879 0.2149 0.0152  -0.0063 0.0295  26 B3E A C    
404 O  O    . B3E A 27 ? 0.2081 0.1965 0.2329 0.0279  -0.0014 0.0659  26 B3E A O    
405 H  H    . B3E A 27 ? 0.1902 0.1899 0.1950 0.0068  -0.0153 0.0305  26 B3E A H    
406 H  HA   . B3E A 27 ? 0.1846 0.1963 0.2087 0.0084  -0.0048 0.0336  26 B3E A HA   
407 H  HG2  . B3E A 27 ? 0.2197 0.2274 0.2182 0.0029  -0.0026 0.0205  26 B3E A HG2  
408 H  HG3  . B3E A 27 ? 0.2188 0.2297 0.2234 -0.0013 0.0028  0.0181  26 B3E A HG3  
409 H  HD2  . B3E A 27 ? 0.2926 0.3069 0.2901 0.0013  0.0007  0.0108  26 B3E A HD2  
410 H  HD3  . B3E A 27 ? 0.2905 0.3091 0.2952 -0.0038 0.0070  0.0083  26 B3E A HD3  
411 H  HB1  . B3E A 27 ? 0.1717 0.1900 0.2150 0.0147  0.0011  0.0321  26 B3E A HB1  
412 H  HB2  . B3E A 27 ? 0.1697 0.1902 0.2157 0.0141  0.0021  0.0316  26 B3E A HB2  
413 N  N    . GLN A 28 ? 0.1435 0.1834 0.2006 0.0092  -0.0246 0.0478  27 GLN A N    
414 C  CA   . GLN A 28 ? 0.1738 0.1730 0.2119 0.0159  -0.0052 0.0470  27 GLN A CA   
415 C  C    . GLN A 28 ? 0.1604 0.1645 0.1845 0.0166  -0.0223 0.0416  27 GLN A C    
416 O  O    . GLN A 28 ? 0.1908 0.1689 0.2197 0.0264  -0.0045 0.0404  27 GLN A O    
417 C  CB   . GLN A 28 ? 0.1481 0.1694 0.2366 0.0108  -0.0305 0.0158  27 GLN A CB   
418 C  CG   . GLN A 28 ? 0.1741 0.2003 0.2031 0.0247  -0.0390 0.0021  27 GLN A CG   
419 C  CD   . GLN A 28 ? 0.1705 0.2185 0.2576 0.0070  -0.0559 -0.0104 27 GLN A CD   
420 O  OE1  . GLN A 28 ? 0.2446 0.2574 0.4190 -0.0299 -0.1587 0.0829  27 GLN A OE1  
421 N  NE2  . GLN A 28 ? 0.2145 0.1707 0.2139 0.0063  0.0038  -0.0164 27 GLN A NE2  
422 H  H    . GLN A 28 ? 0.1634 0.1815 0.1992 0.0082  -0.0117 0.0343  27 GLN A H    
423 H  HA   . GLN A 28 ? 0.1644 0.1763 0.2031 0.0106  -0.0152 0.0317  27 GLN A HA   
424 H  HB2  . GLN A 28 ? 0.1690 0.1794 0.1999 0.0098  -0.0133 0.0206  27 GLN A HB2  
425 H  HB3  . GLN A 28 ? 0.1719 0.1793 0.2025 0.0061  -0.0099 0.0197  27 GLN A HB3  
426 H  HG2  . GLN A 28 ? 0.1850 0.1996 0.2089 0.0085  -0.0204 0.0007  27 GLN A HG2  
427 H  HG3  . GLN A 28 ? 0.1751 0.1941 0.1993 0.0112  -0.0239 0.0032  27 GLN A HG3  
428 H  HE21 . GLN A 28 ? 0.1998 0.1998 0.1998 0.0000  0.0000  0.0000  27 GLN A HE21 
429 H  HE22 . GLN A 28 ? 0.1998 0.1998 0.1998 0.0000  0.0000  0.0000  27 GLN A HE22 
430 N  N    . GLN A 29 ? 0.1562 0.1552 0.2169 0.0342  -0.0182 0.0437  28 GLN A N    
431 C  CA   . GLN A 29 ? 0.1581 0.1740 0.1746 0.0661  -0.0433 0.0370  28 GLN A CA   
432 C  C    . GLN A 29 ? 0.1810 0.1597 0.2176 0.0635  -0.0177 0.0281  28 GLN A C    
433 O  O    . GLN A 29 ? 0.2155 0.2408 0.2114 0.0903  -0.0448 0.0430  28 GLN A O    
434 C  CB   . GLN A 29 ? 0.1913 0.2071 0.2075 0.0593  -0.0514 0.0379  28 GLN A CB   
435 C  CG   . GLN A 29 ? 0.2388 0.2893 0.3092 0.0551  -0.0403 0.0605  28 GLN A CG   
436 C  CD   . GLN A 29 ? 0.3246 0.4011 0.4539 -0.0063 -0.0274 0.0140  28 GLN A CD   
437 O  OE1  . GLN A 29 ? 0.4422 0.6174 0.5972 0.0590  -0.0408 -0.0509 28 GLN A OE1  
438 N  NE2  . GLN A 29 ? 0.2557 0.3881 0.3303 -0.0219 -0.0841 -0.0235 28 GLN A NE2  
439 H  H    . GLN A 29 ? 0.1611 0.1634 0.1900 0.0284  -0.0210 0.0317  28 GLN A H    
440 H  HA   . GLN A 29 ? 0.1714 0.1760 0.1943 0.0465  -0.0287 0.0278  28 GLN A HA   
441 H  HB2  . GLN A 29 ? 0.1840 0.1992 0.1991 0.0369  -0.0304 0.0209  28 GLN A HB2  
442 H  HB3  . GLN A 29 ? 0.1846 0.2017 0.1971 0.0350  -0.0308 0.0239  28 GLN A HB3  
443 H  HG2  . GLN A 29 ? 0.2722 0.2950 0.3002 0.0165  -0.0197 0.0181  28 GLN A HG2  
444 H  HG3  . GLN A 29 ? 0.2723 0.2957 0.2998 0.0161  -0.0198 0.0186  28 GLN A HG3  
445 H  HE21 . GLN A 29 ? 0.3258 0.3258 0.3258 0.0000  0.0000  0.0000  28 GLN A HE21 
446 H  HE22 . GLN A 29 ? 0.3258 0.3258 0.3258 0.0000  0.0000  0.0000  28 GLN A HE22 
447 N  N    . B3E A 30 ? 0.2092 0.1886 0.2048 0.0514  -0.0218 0.0412  29 B3E A N    
448 C  CA   . B3E A 30 ? 0.2414 0.2023 0.1883 0.0372  -0.0008 0.0143  29 B3E A CA   
449 C  CG   . B3E A 30 ? 0.3131 0.2414 0.2273 0.0271  0.0049  0.0193  29 B3E A CG   
450 C  CD   . B3E A 30 ? 0.4306 0.3258 0.3506 -0.0106 0.0172  -0.0414 29 B3E A CD   
451 C  CE   . B3E A 30 ? 0.6340 0.4821 0.5779 -0.0229 0.0366  -0.0367 29 B3E A CE   
452 O  OF2  . B3E A 30 ? 0.6709 0.5189 0.5784 -0.0686 0.0534  -0.0409 29 B3E A OF2  
453 O  OF1  . B3E A 30 ? 0.7602 0.6410 0.8057 -0.0839 0.0564  -0.0078 29 B3E A OF1  
454 C  CB   . B3E A 30 ? 0.2316 0.2141 0.1717 0.0531  -0.0028 0.0307  29 B3E A CB   
455 C  C    . B3E A 30 ? 0.1908 0.2067 0.2083 0.0355  -0.0081 0.0225  29 B3E A C    
456 O  O    . B3E A 30 ? 0.2484 0.1916 0.2423 0.0532  0.0224  0.0520  29 B3E A O    
457 H  H    . B3E A 30 ? 0.2065 0.1856 0.2013 0.0400  -0.0131 0.0234  29 B3E A H    
458 H  HA   . B3E A 30 ? 0.2243 0.2078 0.1972 0.0324  -0.0073 0.0197  29 B3E A HA   
459 H  HG2  . B3E A 30 ? 0.2845 0.2526 0.2552 0.0138  0.0005  0.0035  29 B3E A HG2  
460 H  HG3  . B3E A 30 ? 0.2869 0.2584 0.2498 0.0086  0.0064  0.0020  29 B3E A HG3  
461 H  HD2  . B3E A 30 ? 0.4151 0.3700 0.3855 -0.0016 0.0116  -0.0133 29 B3E A HD2  
462 H  HD3  . B3E A 30 ? 0.4089 0.3651 0.3735 -0.0009 0.0148  -0.0129 29 B3E A HD3  
463 H  HB1  . B3E A 30 ? 0.2127 0.2076 0.1883 0.0342  -0.0061 0.0197  29 B3E A HB1  
464 H  HB2  . B3E A 30 ? 0.2136 0.2094 0.1880 0.0330  -0.0035 0.0176  29 B3E A HB2  
465 N  N    . LYS A 31 ? 0.1683 0.2019 0.2326 0.0467  -0.0050 0.0218  30 LYS A N    
466 C  CA   . LYS A 31 ? 0.1994 0.1953 0.2369 0.0428  0.0105  0.0371  30 LYS A CA   
467 C  C    . LYS A 31 ? 0.1768 0.1657 0.2202 0.0242  -0.0026 0.0266  30 LYS A C    
468 O  O    . LYS A 31 ? 0.1887 0.1705 0.2255 0.0168  0.0067  0.0467  30 LYS A O    
469 C  CB   . LYS A 31 ? 0.1736 0.2322 0.2829 0.0229  0.0214  0.0155  30 LYS A CB   
470 C  CG   . LYS A 31 ? 0.2591 0.2559 0.3104 0.0471  -0.0328 0.0389  30 LYS A CG   
471 C  CD   . LYS A 31 ? 0.3504 0.3677 0.3400 0.0063  -0.0351 -0.0354 30 LYS A CD   
472 C  CE   . LYS A 31 ? 0.4347 0.4928 0.4367 -0.0292 -0.0052 0.0491  30 LYS A CE   
473 N  NZ   . LYS A 31 ? 0.4292 0.5915 0.5380 -0.0098 -0.0766 0.0917  30 LYS A NZ   
474 H  H    . LYS A 31 ? 0.1879 0.2017 0.2205 0.0324  -0.0023 0.0196  30 LYS A H    
475 H  HA   . LYS A 31 ? 0.1884 0.2005 0.2349 0.0278  0.0054  0.0212  30 LYS A HA   
476 H  HB2  . LYS A 31 ? 0.2077 0.2147 0.2420 0.0231  0.0049  0.0168  30 LYS A HB2  
477 H  HB3  . LYS A 31 ? 0.2100 0.2173 0.2421 0.0210  0.0050  0.0173  30 LYS A HB3  
478 H  HG2  . LYS A 31 ? 0.2668 0.2732 0.2895 0.0188  -0.0083 0.0033  30 LYS A HG2  
479 H  HG3  . LYS A 31 ? 0.2778 0.2839 0.2987 0.0152  -0.0127 0.0039  30 LYS A HG3  
480 H  HD2  . LYS A 31 ? 0.3545 0.3647 0.3566 0.0039  -0.0131 0.0010  30 LYS A HD2  
481 H  HD3  . LYS A 31 ? 0.3546 0.3653 0.3566 0.0037  -0.0130 0.0010  30 LYS A HD3  
482 H  HE2  . LYS A 31 ? 0.4393 0.4836 0.4483 -0.0135 -0.0159 0.0220  30 LYS A HE2  
483 H  HE3  . LYS A 31 ? 0.4318 0.4666 0.4405 -0.0089 -0.0133 0.0191  30 LYS A HE3  
484 H  HZ1  . LYS A 31 ? 0.5186 0.5186 0.5186 0.0000  0.0000  0.0000  30 LYS A HZ1  
485 H  HZ2  . LYS A 31 ? 0.5186 0.5186 0.5186 0.0000  0.0000  0.0000  30 LYS A HZ2  
486 H  HZ3  . LYS A 31 ? 0.5186 0.5186 0.5186 0.0000  0.0000  0.0000  30 LYS A HZ3  
487 N  N    . ASN A 32 ? 0.1765 0.1656 0.1890 0.0099  -0.0020 0.0199  31 ASN A N    
488 C  CA   . ASN A 32 ? 0.1822 0.1760 0.2194 0.0540  -0.0082 0.0279  31 ASN A CA   
489 C  C    . ASN A 32 ? 0.2172 0.1868 0.2117 0.0203  0.0078  0.0262  31 ASN A C    
490 O  O    . ASN A 32 ? 0.2130 0.1929 0.2132 0.0581  -0.0072 0.0335  31 ASN A O    
491 C  CB   . ASN A 32 ? 0.1629 0.1720 0.1848 0.0372  -0.0058 0.0334  31 ASN A CB   
492 C  CG   . ASN A 32 ? 0.1652 0.1654 0.2184 0.0346  -0.0446 -0.0126 31 ASN A CG   
493 O  OD1  . ASN A 32 ? 0.1608 0.2151 0.2085 0.0112  -0.0231 0.0139  31 ASN A OD1  
494 N  ND2  . ASN A 32 ? 0.1848 0.1828 0.2191 0.0175  0.0067  0.0546  31 ASN A ND2  
495 H  H    . ASN A 32 ? 0.1795 0.1707 0.1994 0.0186  -0.0029 0.0182  31 ASN A H    
496 H  HA   . ASN A 32 ? 0.1860 0.1814 0.2019 0.0279  -0.0023 0.0225  31 ASN A HA   
497 H  HB2  . ASN A 32 ? 0.1806 0.1829 0.2000 0.0281  -0.0078 0.0139  31 ASN A HB2  
498 H  HB3  . ASN A 32 ? 0.1747 0.1768 0.1976 0.0306  -0.0079 0.0126  31 ASN A HB3  
499 H  HD21 . ASN A 32 ? 0.1951 0.1951 0.1951 0.0000  0.0000  0.0000  31 ASN A HD21 
500 H  HD22 . ASN A 32 ? 0.1951 0.1951 0.1951 0.0000  0.0000  0.0000  31 ASN A HD22 
501 N  N    . GLU A 33 ? 0.2206 0.2059 0.1902 0.0236  -0.0191 0.0359  32 GLU A N    
502 C  CA   . GLU A 33 ? 0.2511 0.2257 0.2234 0.0367  -0.0420 0.0326  32 GLU A CA   
503 C  C    . GLU A 33 ? 0.2797 0.2040 0.1948 0.0613  -0.0328 0.0224  32 GLU A C    
504 O  O    . GLU A 33 ? 0.3153 0.2300 0.1889 0.0308  -0.0711 0.0278  32 GLU A O    
505 C  CB   . GLU A 33 ? 0.3173 0.2431 0.2054 0.0495  -0.0692 0.0128  32 GLU A CB   
506 C  CG   . GLU A 33 ? 0.4635 0.4598 0.4304 0.0045  -0.0279 0.0378  32 GLU A CG   
507 C  CD   . GLU A 33 ? 0.5521 0.6206 0.6263 0.0121  -0.0139 0.0137  32 GLU A CD   
508 O  OE1  . GLU A 33 ? 0.5352 0.6153 0.6765 -0.0241 -0.0447 0.0192  32 GLU A OE1  
509 O  OE2  . GLU A 33 ? 0.6507 0.5951 0.7180 0.0037  -0.0190 0.0022  32 GLU A OE2  
510 H  H    . GLU A 33 ? 0.2234 0.2076 0.2065 0.0200  -0.0148 0.0244  32 GLU A H    
511 H  HA   . GLU A 33 ? 0.2566 0.2243 0.2112 0.0339  -0.0342 0.0207  32 GLU A HA   
512 H  HB2  . GLU A 33 ? 0.2853 0.2661 0.2526 0.0198  -0.0324 0.0164  32 GLU A HB2  
513 H  HB3  . GLU A 33 ? 0.2725 0.2604 0.2370 0.0239  -0.0387 0.0191  32 GLU A HB3  
514 H  HG2  . GLU A 33 ? 0.4421 0.4459 0.4290 0.0069  -0.0185 0.0121  32 GLU A HG2  
515 H  HG3  . GLU A 33 ? 0.4476 0.4582 0.4397 0.0050  -0.0180 0.0167  32 GLU A HG3  
516 N  N    . XCP A 34 ? 0.2658 0.2021 0.2112 0.0569  0.0205  0.0396  33 XCP A N    
517 C  CB   . XCP A 34 ? 0.2804 0.2040 0.2132 0.0653  0.0084  0.0208  33 XCP A CB   
518 C  CG   . XCP A 34 ? 0.3015 0.2895 0.2772 0.0460  0.0505  0.0048  33 XCP A CG   
519 C  CD   . XCP A 34 ? 0.3453 0.3178 0.2967 0.0202  0.0493  0.0522  33 XCP A CD   
520 C  CE   . XCP A 34 ? 0.2766 0.3043 0.2070 -0.0043 0.0416  0.0425  33 XCP A CE   
521 C  CA   . XCP A 34 ? 0.2596 0.2334 0.2249 0.0253  0.0060  0.0534  33 XCP A CA   
522 C  C    . XCP A 34 ? 0.2619 0.2192 0.2035 0.0005  0.0030  0.0070  33 XCP A C    
523 O  O    . XCP A 34 ? 0.2827 0.2008 0.2570 0.0059  -0.0008 0.0042  33 XCP A O    
524 H  H2   . XCP A 34 ? 0.2612 0.2078 0.2111 0.0468  0.0012  0.0223  33 XCP A H2   
525 H  HB   . XCP A 34 ? 0.2561 0.2230 0.2235 0.0323  0.0082  0.0278  33 XCP A HB   
526 H  HG   . XCP A 34 ? 0.2960 0.2818 0.2811 0.0175  0.0184  0.0055  33 XCP A HG   
527 H  HGA  . XCP A 34 ? 0.2993 0.2846 0.2890 0.0187  0.0209  0.0089  33 XCP A HGA  
528 H  HD   . XCP A 34 ? 0.3147 0.3052 0.2924 0.0045  0.0194  0.0163  33 XCP A HD   
529 H  HDA  . XCP A 34 ? 0.3073 0.3008 0.2879 0.0069  0.0198  0.0168  33 XCP A HDA  
530 H  HE   . XCP A 34 ? 0.2725 0.2628 0.2459 0.0060  0.0154  0.0278  33 XCP A HE   
531 H  HEA  . XCP A 34 ? 0.2687 0.2712 0.2443 0.0081  0.0117  0.0271  33 XCP A HEA  
532 H  HA   . XCP A 34 ? 0.2615 0.2376 0.2171 0.0177  0.0095  0.0294  33 XCP A HA   
533 N  N    . ALA A 35 ? 0.2056 0.2170 0.2224 0.0187  -0.0040 0.0164  34 ALA A N    
534 C  CA   . ALA A 35 ? 0.2063 0.1996 0.2787 0.0170  -0.0062 0.0015  34 ALA A CA   
535 C  C    . ALA A 35 ? 0.2807 0.2150 0.2879 0.0353  -0.0097 0.0087  34 ALA A C    
536 O  O    . ALA A 35 ? 0.3134 0.2079 0.4019 0.0190  -0.0096 0.0027  34 ALA A O    
537 C  CB   . ALA A 35 ? 0.2589 0.2599 0.1917 0.0072  0.0069  -0.0116 34 ALA A CB   
538 H  H    . ALA A 35 ? 0.2209 0.2138 0.2287 0.0103  -0.0023 0.0085  34 ALA A H    
539 H  HA   . ALA A 35 ? 0.2314 0.2199 0.2470 0.0133  -0.0028 0.0022  34 ALA A HA   
540 H  HB1  . ALA A 35 ? 0.2370 0.2370 0.2370 0.0000  0.0000  0.0000  34 ALA A HB1  
541 H  HB2  . ALA A 35 ? 0.2370 0.2370 0.2370 0.0000  0.0000  0.0000  34 ALA A HB2  
542 H  HB3  . ALA A 35 ? 0.2370 0.2370 0.2370 0.0000  0.0000  0.0000  34 ALA A HB3  
543 N  N    . LEU A 36 ? 0.2315 0.2047 0.2472 0.0444  0.0132  0.0022  35 LEU A N    
544 C  CA   . LEU A 36 ? 0.2524 0.2402 0.2492 0.0734  -0.0206 0.0202  35 LEU A CA   
545 C  C    . LEU A 36 ? 0.2646 0.2725 0.2572 0.1159  -0.0100 0.0308  35 LEU A C    
546 O  O    . LEU A 36 ? 0.3660 0.3874 0.3122 0.1349  -0.0368 0.1034  35 LEU A O    
547 C  CB   . LEU A 36 ? 0.2098 0.2739 0.2220 0.0566  -0.0238 0.0109  35 LEU A CB   
548 C  CG   . LEU A 36 ? 0.2078 0.3102 0.1921 0.0487  -0.0424 0.0261  35 LEU A CG   
549 C  CD1  . LEU A 36 ? 0.2250 0.3361 0.3184 -0.0352 -0.0067 0.0917  35 LEU A CD1  
550 C  CD2  . LEU A 36 ? 0.2571 0.3169 0.2358 0.1057  0.0025  0.0272  35 LEU A CD2  
551 H  H    . LEU A 36 ? 0.2480 0.2186 0.2539 0.0390  -0.0013 0.0043  35 LEU A H    
552 H  HA   . LEU A 36 ? 0.2426 0.2465 0.2443 0.0587  -0.0107 0.0114  35 LEU A HA   
553 H  HB2  . LEU A 36 ? 0.2383 0.2541 0.2373 0.0387  -0.0172 0.0088  35 LEU A HB2  
554 H  HB3  . LEU A 36 ? 0.2288 0.2511 0.2332 0.0402  -0.0211 0.0092  35 LEU A HB3  
555 H  HG   . LEU A 36 ? 0.2172 0.2753 0.2309 0.0208  -0.0234 0.0170  35 LEU A HG   
556 H  HD11 . LEU A 36 ? 0.2926 0.2926 0.2926 0.0000  0.0000  0.0000  35 LEU A HD11 
557 H  HD12 . LEU A 36 ? 0.2926 0.2926 0.2926 0.0000  0.0000  0.0000  35 LEU A HD12 
558 H  HD13 . LEU A 36 ? 0.2926 0.2926 0.2926 0.0000  0.0000  0.0000  35 LEU A HD13 
559 H  HD21 . LEU A 36 ? 0.2698 0.2698 0.2698 0.0000  0.0000  0.0000  35 LEU A HD21 
560 H  HD22 . LEU A 36 ? 0.2698 0.2698 0.2698 0.0000  0.0000  0.0000  35 LEU A HD22 
561 H  HD23 . LEU A 36 ? 0.2698 0.2698 0.2698 0.0000  0.0000  0.0000  35 LEU A HD23 
562 N  N    . XPC A 37 ? 0.3239 0.3823 0.2484 0.0971  -0.0316 0.0744  36 XPC A N    
563 C  CB   . XPC A 37 ? 0.3434 0.3967 0.2988 0.0446  -0.0307 0.0750  36 XPC A CB   
564 C  CG   . XPC A 37 ? 0.4321 0.4484 0.3414 0.0384  -0.0255 0.0171  36 XPC A CG   
565 N  ND   . XPC A 37 ? 0.4426 0.4707 0.4493 0.0035  -0.0221 0.0339  36 XPC A ND   
566 C  CE   . XPC A 37 ? 0.4041 0.4585 0.3380 -0.0062 -0.0324 0.0933  36 XPC A CE   
567 C  CA   . XPC A 37 ? 0.3638 0.4013 0.2819 0.0432  -0.0281 0.0791  36 XPC A CA   
568 C  C    . XPC A 37 ? 0.3997 0.4593 0.3419 0.0128  -0.0335 0.0841  36 XPC A C    
569 O  O    . XPC A 37 ? 0.4146 0.5480 0.4099 0.0304  -0.0260 0.1203  36 XPC A O    
570 H  H2   . XPC A 37 ? 0.3089 0.3458 0.2739 0.0689  -0.0243 0.0471  36 XPC A H2   
571 H  HB   . XPC A 37 ? 0.3461 0.3811 0.2964 0.0431  -0.0248 0.0490  36 XPC A HB   
572 H  HG   . XPC A 37 ? 0.4056 0.4205 0.3829 0.0130  -0.0145 0.0144  36 XPC A HG   
573 H  HGA  . XPC A 37 ? 0.3993 0.4177 0.3758 0.0146  -0.0193 0.0160  36 XPC A HGA  
574 H  HND  . XPC A 37 ? 0.4366 0.4526 0.4294 0.0038  -0.0095 0.0223  36 XPC A HND  
575 H  HE   . XPC A 37 ? 0.3802 0.4078 0.3431 0.0118  -0.0200 0.0455  36 XPC A HE   
576 H  HEA  . XPC A 37 ? 0.3795 0.4076 0.3447 0.0123  -0.0209 0.0460  36 XPC A HEA  
577 H  HA   . XPC A 37 ? 0.3729 0.4153 0.3217 0.0196  -0.0277 0.0661  36 XPC A HA   
578 N  N    . GLU A 38 ? 0.3972 0.4536 0.3870 -0.0065 -0.0374 0.0683  37 GLU A N    
579 C  CA   A GLU A 38 ? 0.4332 0.4447 0.4134 -0.0100 -0.0260 0.0525  37 GLU A CA   
580 C  CA   B GLU A 38 ? 0.4391 0.4475 0.4213 -0.0095 -0.0227 0.0528  37 GLU A CA   
581 C  C    . GLU A 38 ? 0.4420 0.4558 0.4421 -0.0105 -0.0296 0.0404  37 GLU A C    
582 O  O    . GLU A 38 ? 0.4616 0.4525 0.4313 0.0068  -0.0716 0.0515  37 GLU A O    
583 C  CB   A GLU A 38 ? 0.4371 0.4427 0.4218 -0.0156 -0.0146 0.0530  37 GLU A CB   
584 C  CB   B GLU A 38 ? 0.4486 0.4506 0.4350 -0.0167 -0.0099 0.0511  37 GLU A CB   
585 C  CG   A GLU A 38 ? 0.4552 0.4819 0.4084 -0.0027 -0.0389 0.0223  37 GLU A CG   
586 C  CG   B GLU A 38 ? 0.4903 0.4878 0.4643 0.0068  -0.0068 0.0258  37 GLU A CG   
587 C  CD   A GLU A 38 ? 0.5432 0.5330 0.5214 -0.0007 -0.0156 0.0085  37 GLU A CD   
588 C  CD   B GLU A 38 ? 0.5858 0.5670 0.5721 -0.0024 -0.0109 0.0106  37 GLU A CD   
589 O  OE1  A GLU A 38 ? 0.5794 0.5909 0.5132 0.0082  -0.0211 0.0037  37 GLU A OE1  
590 O  OE1  B GLU A 38 ? 0.6684 0.6820 0.6262 -0.0042 -0.0032 0.0139  37 GLU A OE1  
591 O  OE2  A GLU A 38 ? 0.6075 0.5818 0.5733 -0.0020 -0.0029 -0.0073 37 GLU A OE2  
592 O  OE2  B GLU A 38 ? 0.6189 0.5561 0.6140 0.0270  -0.0011 0.0140  37 GLU A OE2  
593 H  H    . GLU A 38 ? 0.4106 0.4466 0.3953 -0.0044 -0.0284 0.0532  37 GLU A H    
594 H  HA   A GLU A 38 ? 0.4287 0.4468 0.4191 -0.0101 -0.0225 0.0436  37 GLU A HA   
595 H  HA   B GLU A 38 ? 0.4336 0.4500 0.4247 -0.0102 -0.0206 0.0433  37 GLU A HA   
596 H  HB2  A GLU A 38 ? 0.4338 0.4437 0.4227 -0.0078 -0.0159 0.0304  37 GLU A HB2  
597 H  HB2  B GLU A 38 ? 0.4439 0.4480 0.4314 -0.0083 -0.0107 0.0332  37 GLU A HB2  
598 H  HB3  A GLU A 38 ? 0.4316 0.4417 0.4192 -0.0100 -0.0136 0.0324  37 GLU A HB3  
599 H  HB3  B GLU A 38 ? 0.4447 0.4510 0.4361 -0.0080 -0.0113 0.0300  37 GLU A HB3  
600 H  HG2  A GLU A 38 ? 0.4604 0.4668 0.4365 -0.0027 -0.0152 0.0184  37 GLU A HG2  
601 H  HG2  B GLU A 38 ? 0.4934 0.4931 0.4773 -0.0011 -0.0065 0.0153  37 GLU A HG2  
602 H  HG3  A GLU A 38 ? 0.4669 0.4746 0.4530 -0.0032 -0.0146 0.0129  37 GLU A HG3  
603 H  HG3  B GLU A 38 ? 0.4952 0.4959 0.4883 -0.0023 -0.0038 0.0129  37 GLU A HG3  
604 N  N    . LEU A 39 ? 0.4320 0.3973 0.4656 0.0078  -0.0278 0.0434  38 LEU A N    
605 C  CA   . LEU A 39 ? 0.4336 0.4140 0.4866 0.0028  -0.0095 0.0368  38 LEU A CA   
606 C  C    . LEU A 39 ? 0.5099 0.4218 0.5320 -0.0127 0.0344  0.0166  38 LEU A C    
607 O  O    . LEU A 39 ? 0.5847 0.4228 0.5484 -0.0156 0.0510  -0.0159 38 LEU A O    
608 C  CB   . LEU A 39 ? 0.4214 0.3886 0.4908 0.0179  -0.0027 0.0372  38 LEU A CB   
609 C  CG   . LEU A 39 ? 0.4066 0.3659 0.4613 0.0481  -0.0087 0.0391  38 LEU A CG   
610 C  CD1  . LEU A 39 ? 0.4323 0.3335 0.4079 0.0328  -0.0156 -0.0180 38 LEU A CD1  
611 C  CD2  . LEU A 39 ? 0.3948 0.3697 0.4535 0.0733  -0.0771 0.0928  38 LEU A CD2  
612 H  H    . LEU A 39 ? 0.4352 0.4243 0.4570 0.0001  -0.0191 0.0315  38 LEU A H    
613 H  HA   . LEU A 39 ? 0.4477 0.4166 0.4847 0.0019  -0.0014 0.0275  38 LEU A HA   
614 H  HB2  . LEU A 39 ? 0.4282 0.4175 0.4638 0.0067  -0.0028 0.0212  38 LEU A HB2  
615 H  HB3  . LEU A 39 ? 0.4339 0.4210 0.4740 0.0054  -0.0035 0.0239  38 LEU A HB3  
616 H  HG   . LEU A 39 ? 0.4095 0.3906 0.4289 0.0205  -0.0099 0.0160  38 LEU A HG   
617 H  HD11 . LEU A 39 ? 0.3879 0.3879 0.3879 0.0000  0.0000  0.0000  38 LEU A HD11 
618 H  HD12 . LEU A 39 ? 0.3879 0.3879 0.3879 0.0000  0.0000  0.0000  38 LEU A HD12 
619 H  HD13 . LEU A 39 ? 0.3879 0.3879 0.3879 0.0000  0.0000  0.0000  38 LEU A HD13 
620 H  HD21 . LEU A 39 ? 0.4060 0.4060 0.4060 0.0000  0.0000  0.0000  38 LEU A HD21 
621 H  HD22 . LEU A 39 ? 0.4060 0.4060 0.4060 0.0000  0.0000  0.0000  38 LEU A HD22 
622 H  HD23 . LEU A 39 ? 0.4060 0.4060 0.4060 0.0000  0.0000  0.0000  38 LEU A HD23 
623 CL CL   . CL  B .  ? 0.3041 0.4358 0.3503 0.0984  -0.0126 -0.0305 40 CL  A CL   
624 O  O    . HOH C .  ? 0.2220 0.2296 0.3346 0.0314  -0.0534 0.0109  41 HOH A O    
625 H  H1   . HOH C .  ? 0.2615 0.2615 0.2615 0.0000  0.0000  0.0000  41 HOH A H1   
626 H  H2   . HOH C .  ? 0.2615 0.2615 0.2615 0.0000  0.0000  0.0000  41 HOH A H2   
627 O  O    . HOH C .  ? 0.3367 0.2644 0.3384 -0.0140 -0.0984 -0.0466 42 HOH A O    
628 H  H1   . HOH C .  ? 0.3125 0.3125 0.3125 0.0000  0.0000  0.0000  42 HOH A H1   
629 H  H2   . HOH C .  ? 0.3125 0.3125 0.3125 0.0000  0.0000  0.0000  42 HOH A H2   
630 O  O    . HOH C .  ? 0.3226 0.3404 0.2527 0.0132  -0.0406 -0.0051 43 HOH A O    
631 H  H1   . HOH C .  ? 0.3042 0.3042 0.3042 0.0000  0.0000  0.0000  43 HOH A H1   
632 H  H2   . HOH C .  ? 0.3042 0.3042 0.3042 0.0000  0.0000  0.0000  43 HOH A H2   
633 O  O    . HOH C .  ? 0.2557 0.2670 0.3306 -0.0142 -0.0156 -0.0174 44 HOH A O    
634 H  H1   . HOH C .  ? 0.2845 0.2845 0.2845 0.0000  0.0000  0.0000  44 HOH A H1   
635 H  H2   . HOH C .  ? 0.2845 0.2845 0.2845 0.0000  0.0000  0.0000  44 HOH A H2   
636 O  O    . HOH C .  ? 0.4576 0.3889 0.2697 -0.0161 -0.0315 0.0027  45 HOH A O    
637 H  H1   . HOH C .  ? 0.3717 0.3717 0.3717 0.0000  0.0000  0.0000  45 HOH A H1   
638 H  H2   . HOH C .  ? 0.3717 0.3717 0.3717 0.0000  0.0000  0.0000  45 HOH A H2   
639 O  O    . HOH C .  ? 0.3165 0.3389 0.3382 0.0020  -0.0235 0.0794  46 HOH A O    
640 H  H1   . HOH C .  ? 0.3308 0.3308 0.3308 0.0000  0.0000  0.0000  46 HOH A H1   
641 H  H2   . HOH C .  ? 0.3308 0.3308 0.3308 0.0000  0.0000  0.0000  46 HOH A H2   
642 O  O    . HOH C .  ? 0.4080 0.5577 0.3024 -0.0147 -0.0734 0.1076  47 HOH A O    
643 H  H1   . HOH C .  ? 0.4221 0.4221 0.4221 0.0000  0.0000  0.0000  47 HOH A H1   
644 H  H2   . HOH C .  ? 0.4221 0.4221 0.4221 0.0000  0.0000  0.0000  47 HOH A H2   
645 O  O    . HOH C .  ? 0.4186 0.3943 0.3258 0.0243  0.0020  -0.0102 48 HOH A O    
646 H  H1   . HOH C .  ? 0.3807 0.3807 0.3807 0.0000  0.0000  0.0000  48 HOH A H1   
647 H  H2   . HOH C .  ? 0.3807 0.3807 0.3807 0.0000  0.0000  0.0000  48 HOH A H2   
648 O  O    . HOH C .  ? 0.2792 0.3709 0.3454 -0.0723 -0.0851 0.0939  49 HOH A O    
649 H  H1   . HOH C .  ? 0.3313 0.3313 0.3313 0.0000  0.0000  0.0000  49 HOH A H1   
650 H  H2   . HOH C .  ? 0.3313 0.3313 0.3313 0.0000  0.0000  0.0000  49 HOH A H2   
651 O  O    . HOH C .  ? 0.5823 0.3135 0.3439 0.0254  0.0014  -0.0861 50 HOH A O    
652 H  H1   . HOH C .  ? 0.4132 0.4132 0.4132 0.0000  0.0000  0.0000  50 HOH A H1   
653 H  H2   . HOH C .  ? 0.4132 0.4132 0.4132 0.0000  0.0000  0.0000  50 HOH A H2   
654 O  O    . HOH C .  ? 0.5182 0.3765 0.3787 -0.1424 0.0872  -0.1317 51 HOH A O    
655 H  H1   . HOH C .  ? 0.4213 0.4213 0.4213 0.0000  0.0000  0.0000  51 HOH A H1   
656 H  H2   . HOH C .  ? 0.4213 0.4213 0.4213 0.0000  0.0000  0.0000  51 HOH A H2   
657 O  O    . HOH C .  ? 0.5960 0.3449 0.4081 0.0883  0.0106  0.0126  52 HOH A O    
658 H  H1   . HOH C .  ? 0.4484 0.4484 0.4484 0.0000  0.0000  0.0000  52 HOH A H1   
659 H  H2   . HOH C .  ? 0.4484 0.4484 0.4484 0.0000  0.0000  0.0000  52 HOH A H2   
660 O  O    . HOH C .  ? 0.4250 0.5893 0.4993 0.1272  -0.0272 -0.0750 53 HOH A O    
661 H  H1   . HOH C .  ? 0.4997 0.4997 0.4997 0.0000  0.0000  0.0000  53 HOH A H1   
662 H  H2   . HOH C .  ? 0.4997 0.4997 0.4997 0.0000  0.0000  0.0000  53 HOH A H2   
663 O  O    . HOH C .  ? 0.4028 0.4611 0.3251 0.1463  0.0088  0.0374  54 HOH A O    
664 H  H1   . HOH C .  ? 0.3932 0.3932 0.3932 0.0000  0.0000  0.0000  54 HOH A H1   
665 H  H2   . HOH C .  ? 0.3932 0.3932 0.3932 0.0000  0.0000  0.0000  54 HOH A H2   
666 O  O    . HOH C .  ? 0.4175 0.4241 0.4675 -0.0733 -0.0990 -0.0210 55 HOH A O    
667 H  H1   . HOH C .  ? 0.4374 0.4374 0.4374 0.0000  0.0000  0.0000  55 HOH A H1   
668 H  H2   . HOH C .  ? 0.4374 0.4374 0.4374 0.0000  0.0000  0.0000  55 HOH A H2   
669 O  O    . HOH C .  ? 0.2848 0.4003 0.4957 0.0361  0.0251  0.0320  56 HOH A O    
670 H  H1   . HOH C .  ? 0.3914 0.3914 0.3914 0.0000  0.0000  0.0000  56 HOH A H1   
671 H  H2   . HOH C .  ? 0.3914 0.3914 0.3914 0.0000  0.0000  0.0000  56 HOH A H2   
672 O  O    . HOH C .  ? 0.4008 0.3802 0.6539 -0.0491 -0.1124 0.0678  57 HOH A O    
673 H  H1   . HOH C .  ? 0.4735 0.4735 0.4735 0.0000  0.0000  0.0000  57 HOH A H1   
674 H  H2   . HOH C .  ? 0.4735 0.4735 0.4735 0.0000  0.0000  0.0000  57 HOH A H2   
675 O  O    . HOH C .  ? 0.4972 0.6558 0.5191 -0.0256 -0.1504 0.0881  58 HOH A O    
676 H  H1   . HOH C .  ? 0.5575 0.5575 0.5575 0.0000  0.0000  0.0000  58 HOH A H1   
677 H  H2   . HOH C .  ? 0.5575 0.5575 0.5575 0.0000  0.0000  0.0000  58 HOH A H2   
678 O  O    . HOH C .  ? 0.4968 0.4727 0.5973 0.1206  -0.0564 0.0369  59 HOH A O    
679 H  H1   . HOH C .  ? 0.5223 0.5223 0.5223 0.0000  0.0000  0.0000  59 HOH A H1   
680 H  H2   . HOH C .  ? 0.5223 0.5223 0.5223 0.0000  0.0000  0.0000  59 HOH A H2   
681 O  O    . HOH C .  ? 0.6374 0.3693 0.4382 -0.0062 0.0162  -0.0722 60 HOH A O    
682 H  H1   . HOH C .  ? 0.4821 0.4821 0.4821 0.0000  0.0000  0.0000  60 HOH A H1   
683 H  H2   . HOH C .  ? 0.4821 0.4821 0.4821 0.0000  0.0000  0.0000  60 HOH A H2   
684 O  O    . HOH C .  ? 0.5779 0.5407 0.4902 -0.0038 -0.0003 -0.1344 61 HOH A O    
685 H  H1   . HOH C .  ? 0.5301 0.5301 0.5301 0.0000  0.0000  0.0000  61 HOH A H1   
686 H  H2   . HOH C .  ? 0.5301 0.5301 0.5301 0.0000  0.0000  0.0000  61 HOH A H2   
687 O  O    . HOH C .  ? 0.5376 0.5668 0.5082 0.1747  -0.0052 -0.0943 62 HOH A O    
688 H  H1   . HOH C .  ? 0.5406 0.5406 0.5406 0.0000  0.0000  0.0000  62 HOH A H1   
689 H  H2   . HOH C .  ? 0.5406 0.5406 0.5406 0.0000  0.0000  0.0000  62 HOH A H2   
690 O  O    . HOH C .  ? 0.6262 0.5132 0.4443 0.0217  -0.0469 -0.0969 63 HOH A O    
691 H  H1   . HOH C .  ? 0.5262 0.5262 0.5262 0.0000  0.0000  0.0000  63 HOH A H1   
692 H  H2   . HOH C .  ? 0.5262 0.5262 0.5262 0.0000  0.0000  0.0000  63 HOH A H2   
693 O  O    . HOH C .  ? 0.6614 0.6650 0.3782 -0.0309 -0.1075 -0.1327 64 HOH A O    
694 H  H1   . HOH C .  ? 0.5705 0.5705 0.5705 0.0000  0.0000  0.0000  64 HOH A H1   
695 H  H2   . HOH C .  ? 0.5705 0.5705 0.5705 0.0000  0.0000  0.0000  64 HOH A H2   
696 O  O    . HOH C .  ? 0.7279 0.5598 0.5090 0.0314  0.0568  -0.1141 65 HOH A O    
697 H  H1   . HOH C .  ? 0.6031 0.6031 0.6031 0.0000  0.0000  0.0000  65 HOH A H1   
698 H  H2   . HOH C .  ? 0.6031 0.6031 0.6031 0.0000  0.0000  0.0000  65 HOH A H2   
699 O  O    . HOH C .  ? 0.5988 0.6076 0.4661 0.0128  0.0604  -0.0292 66 HOH A O    
700 H  H1   . HOH C .  ? 0.5600 0.5600 0.5600 0.0000  0.0000  0.0000  66 HOH A H1   
701 H  H2   . HOH C .  ? 0.5600 0.5600 0.5600 0.0000  0.0000  0.0000  66 HOH A H2   
702 O  O    . HOH C .  ? 0.4575 0.6526 0.5860 0.0257  0.0056  -0.0494 67 HOH A O    
703 H  H1   . HOH C .  ? 0.5675 0.5675 0.5675 0.0000  0.0000  0.0000  67 HOH A H1   
704 H  H2   . HOH C .  ? 0.5675 0.5675 0.5675 0.0000  0.0000  0.0000  67 HOH A H2   
705 O  O    . HOH C .  ? 0.3448 0.5419 0.4150 0.1016  0.0137  0.0792  68 HOH A O    
706 H  H1   . HOH C .  ? 0.4370 0.4370 0.4370 0.0000  0.0000  0.0000  68 HOH A H1   
707 H  H2   . HOH C .  ? 0.4370 0.4370 0.4370 0.0000  0.0000  0.0000  68 HOH A H2   
# 
loop_
_pdbx_poly_seq_scheme.asym_id 
_pdbx_poly_seq_scheme.entity_id 
_pdbx_poly_seq_scheme.seq_id 
_pdbx_poly_seq_scheme.mon_id 
_pdbx_poly_seq_scheme.ndb_seq_num 
_pdbx_poly_seq_scheme.pdb_seq_num 
_pdbx_poly_seq_scheme.auth_seq_num 
_pdbx_poly_seq_scheme.pdb_mon_id 
_pdbx_poly_seq_scheme.auth_mon_id 
_pdbx_poly_seq_scheme.pdb_strand_id 
_pdbx_poly_seq_scheme.pdb_ins_code 
_pdbx_poly_seq_scheme.hetero 
A 1 1  ACE 1  0  ?  ?   ?   A . n 
A 1 2  THR 2  1  ?  ?   ?   A . n 
A 1 3  THR 3  2  2  THR THR A . n 
A 1 4  TRP 4  3  3  TRP TRP A . n 
A 1 5  GLU 5  4  4  GLU GLU A . n 
A 1 6  ALA 6  5  5  ALA ALA A . n 
A 1 7  TRP 7  6  6  TRP TRP A . n 
A 1 8  ASP 8  7  7  ASP ASP A . n 
A 1 9  XPC 9  8  8  XPC XPC A . n 
A 1 10 ALA 10 9  9  ALA ALA A . n 
A 1 11 ILE 11 10 10 ILE ILE A . n 
A 1 12 ALA 12 11 11 ALA ALA A . n 
A 1 13 B3E 13 12 12 B3E B3E A . n 
A 1 14 TYR 14 13 13 TYR TYR A . n 
A 1 15 ALA 15 14 14 ALA ALA A . n 
A 1 16 XCP 16 15 15 XCP XCP A . n 
A 1 17 ARG 17 16 16 ARG ARG A . n 
A 1 18 ILE 18 17 17 ILE ILE A . n 
A 1 19 GLU 19 18 18 GLU GLU A . n 
A 1 20 XCP 20 19 19 XCP XCP A . n 
A 1 21 LEU 21 20 20 LEU LEU A . n 
A 1 22 ILE 22 21 21 ILE ILE A . n 
A 1 23 XPC 23 22 22 XPC XPC A . n 
A 1 24 ALA 24 23 23 ALA ALA A . n 
A 1 25 ALA 25 24 24 ALA ALA A . n 
A 1 26 GLN 26 25 25 GLN GLN A . n 
A 1 27 B3E 27 26 26 B3E B3E A . n 
A 1 28 GLN 28 27 27 GLN GLN A . n 
A 1 29 GLN 29 28 28 GLN GLN A . n 
A 1 30 B3E 30 29 29 B3E B3E A . n 
A 1 31 LYS 31 30 30 LYS LYS A . n 
A 1 32 ASN 32 31 31 ASN ASN A . n 
A 1 33 GLU 33 32 32 GLU GLU A . n 
A 1 34 XCP 34 33 33 XCP XCP A . n 
A 1 35 ALA 35 34 34 ALA ALA A . n 
A 1 36 LEU 36 35 35 LEU LEU A . n 
A 1 37 XPC 37 36 36 XPC XPC A . n 
A 1 38 GLU 38 37 37 GLU GLU A . n 
A 1 39 LEU 39 38 38 LEU LEU A . n 
A 1 40 NH2 40 39 ?  ?   ?   A . n 
# 
loop_
_pdbx_nonpoly_scheme.asym_id 
_pdbx_nonpoly_scheme.entity_id 
_pdbx_nonpoly_scheme.mon_id 
_pdbx_nonpoly_scheme.ndb_seq_num 
_pdbx_nonpoly_scheme.pdb_seq_num 
_pdbx_nonpoly_scheme.auth_seq_num 
_pdbx_nonpoly_scheme.pdb_mon_id 
_pdbx_nonpoly_scheme.auth_mon_id 
_pdbx_nonpoly_scheme.pdb_strand_id 
_pdbx_nonpoly_scheme.pdb_ins_code 
B 2 CL  1  40 1  CL  CL  A . 
C 3 HOH 1  41 1  HOH HOH A . 
C 3 HOH 2  42 2  HOH HOH A . 
C 3 HOH 3  43 3  HOH HOH A . 
C 3 HOH 4  44 4  HOH HOH A . 
C 3 HOH 5  45 5  HOH HOH A . 
C 3 HOH 6  46 6  HOH HOH A . 
C 3 HOH 7  47 7  HOH HOH A . 
C 3 HOH 8  48 8  HOH HOH A . 
C 3 HOH 9  49 9  HOH HOH A . 
C 3 HOH 10 50 10 HOH HOH A . 
C 3 HOH 11 51 11 HOH HOH A . 
C 3 HOH 12 52 12 HOH HOH A . 
C 3 HOH 13 53 13 HOH HOH A . 
C 3 HOH 14 54 14 HOH HOH A . 
C 3 HOH 15 55 15 HOH HOH A . 
C 3 HOH 16 56 16 HOH HOH A . 
C 3 HOH 17 57 17 HOH HOH A . 
C 3 HOH 18 58 18 HOH HOH A . 
C 3 HOH 19 59 19 HOH HOH A . 
C 3 HOH 20 60 20 HOH HOH A . 
C 3 HOH 21 61 21 HOH HOH A . 
C 3 HOH 22 62 22 HOH HOH A . 
C 3 HOH 23 63 23 HOH HOH A . 
C 3 HOH 24 64 24 HOH HOH A . 
C 3 HOH 25 65 25 HOH HOH A . 
C 3 HOH 26 66 26 HOH HOH A . 
C 3 HOH 27 67 27 HOH HOH A . 
C 3 HOH 28 68 28 HOH HOH A . 
# 
loop_
_pdbx_struct_mod_residue.id 
_pdbx_struct_mod_residue.label_asym_id 
_pdbx_struct_mod_residue.label_comp_id 
_pdbx_struct_mod_residue.label_seq_id 
_pdbx_struct_mod_residue.auth_asym_id 
_pdbx_struct_mod_residue.auth_comp_id 
_pdbx_struct_mod_residue.auth_seq_id 
_pdbx_struct_mod_residue.PDB_ins_code 
_pdbx_struct_mod_residue.parent_comp_id 
_pdbx_struct_mod_residue.details 
1 A B3E 13 A B3E 12 ? GLU '(3S)-3-AMINOHEXANEDIOIC ACID' 
2 A B3E 27 A B3E 26 ? GLU '(3S)-3-AMINOHEXANEDIOIC ACID' 
3 A B3E 30 A B3E 29 ? GLU '(3S)-3-AMINOHEXANEDIOIC ACID' 
# 
_pdbx_struct_assembly.id                   1 
_pdbx_struct_assembly.details              author_and_software_defined_assembly 
_pdbx_struct_assembly.method_details       PISA 
_pdbx_struct_assembly.oligomeric_details   monomeric 
_pdbx_struct_assembly.oligomeric_count     1 
# 
_pdbx_struct_assembly_gen.assembly_id       1 
_pdbx_struct_assembly_gen.oper_expression   1 
_pdbx_struct_assembly_gen.asym_id_list      A,B,C 
# 
_pdbx_struct_oper_list.id                   1 
_pdbx_struct_oper_list.type                 'identity operation' 
_pdbx_struct_oper_list.name                 1_555 
_pdbx_struct_oper_list.symmetry_operation   x,y,z 
_pdbx_struct_oper_list.matrix[1][1]         1.0000000000 
_pdbx_struct_oper_list.matrix[1][2]         0.0000000000 
_pdbx_struct_oper_list.matrix[1][3]         0.0000000000 
_pdbx_struct_oper_list.vector[1]            0.0000000000 
_pdbx_struct_oper_list.matrix[2][1]         0.0000000000 
_pdbx_struct_oper_list.matrix[2][2]         1.0000000000 
_pdbx_struct_oper_list.matrix[2][3]         0.0000000000 
_pdbx_struct_oper_list.vector[2]            0.0000000000 
_pdbx_struct_oper_list.matrix[3][1]         0.0000000000 
_pdbx_struct_oper_list.matrix[3][2]         0.0000000000 
_pdbx_struct_oper_list.matrix[3][3]         1.0000000000 
_pdbx_struct_oper_list.vector[3]            0.0000000000 
# 
loop_
_pdbx_struct_special_symmetry.id 
_pdbx_struct_special_symmetry.PDB_model_num 
_pdbx_struct_special_symmetry.auth_asym_id 
_pdbx_struct_special_symmetry.auth_comp_id 
_pdbx_struct_special_symmetry.auth_seq_id 
_pdbx_struct_special_symmetry.PDB_ins_code 
_pdbx_struct_special_symmetry.label_asym_id 
_pdbx_struct_special_symmetry.label_comp_id 
_pdbx_struct_special_symmetry.label_seq_id 
1 1 A HOH 66 ? C HOH . 
2 1 A HOH 66 ? C HOH . 
# 
loop_
_pdbx_audit_revision_history.ordinal 
_pdbx_audit_revision_history.data_content_type 
_pdbx_audit_revision_history.major_revision 
_pdbx_audit_revision_history.minor_revision 
_pdbx_audit_revision_history.revision_date 
1 'Structure model' 1 0 2011-08-24 
2 'Structure model' 1 1 2023-09-06 
3 'Structure model' 2 0 2023-11-15 
# 
_pdbx_audit_revision_details.ordinal             1 
_pdbx_audit_revision_details.revision_ordinal    1 
_pdbx_audit_revision_details.data_content_type   'Structure model' 
_pdbx_audit_revision_details.provider            repository 
_pdbx_audit_revision_details.type                'Initial release' 
_pdbx_audit_revision_details.description         ? 
_pdbx_audit_revision_details.details             ? 
# 
loop_
_pdbx_audit_revision_group.ordinal 
_pdbx_audit_revision_group.revision_ordinal 
_pdbx_audit_revision_group.data_content_type 
_pdbx_audit_revision_group.group 
1 2 'Structure model' 'Data collection'        
2 2 'Structure model' 'Database references'    
3 2 'Structure model' 'Derived calculations'   
4 2 'Structure model' 'Refinement description' 
5 3 'Structure model' 'Atomic model'           
6 3 'Structure model' 'Data collection'        
# 
loop_
_pdbx_audit_revision_category.ordinal 
_pdbx_audit_revision_category.revision_ordinal 
_pdbx_audit_revision_category.data_content_type 
_pdbx_audit_revision_category.category 
1  2 'Structure model' chem_comp_atom                 
2  2 'Structure model' chem_comp_bond                 
3  2 'Structure model' database_2                     
4  2 'Structure model' pdbx_initial_refinement_model  
5  2 'Structure model' pdbx_struct_special_symmetry   
6  2 'Structure model' struct_conn                    
7  2 'Structure model' struct_ref_seq                 
8  2 'Structure model' struct_site                    
9  3 'Structure model' atom_site                      
10 3 'Structure model' atom_site_anisotrop            
11 3 'Structure model' chem_comp_atom                 
12 3 'Structure model' chem_comp_bond                 
13 3 'Structure model' pdbx_validate_main_chain_plane 
14 3 'Structure model' pdbx_validate_peptide_omega    
15 3 'Structure model' pdbx_validate_torsion          
# 
loop_
_pdbx_audit_revision_item.ordinal 
_pdbx_audit_revision_item.revision_ordinal 
_pdbx_audit_revision_item.data_content_type 
_pdbx_audit_revision_item.item 
1  2 'Structure model' '_database_2.pdbx_DOI'                        
2  2 'Structure model' '_database_2.pdbx_database_accession'         
3  2 'Structure model' '_struct_conn.pdbx_leaving_atom_flag'         
4  2 'Structure model' '_struct_ref_seq.db_align_beg'                
5  2 'Structure model' '_struct_ref_seq.db_align_end'                
6  2 'Structure model' '_struct_site.pdbx_auth_asym_id'              
7  2 'Structure model' '_struct_site.pdbx_auth_comp_id'              
8  2 'Structure model' '_struct_site.pdbx_auth_seq_id'               
9  3 'Structure model' '_atom_site.B_iso_or_equiv'                   
10 3 'Structure model' '_atom_site.Cartn_x'                          
11 3 'Structure model' '_atom_site.Cartn_y'                          
12 3 'Structure model' '_atom_site.Cartn_z'                          
13 3 'Structure model' '_atom_site.auth_atom_id'                     
14 3 'Structure model' '_atom_site.label_atom_id'                    
15 3 'Structure model' '_atom_site_anisotrop.U[1][1]'                
16 3 'Structure model' '_atom_site_anisotrop.U[1][2]'                
17 3 'Structure model' '_atom_site_anisotrop.U[1][3]'                
18 3 'Structure model' '_atom_site_anisotrop.U[2][2]'                
19 3 'Structure model' '_atom_site_anisotrop.U[2][3]'                
20 3 'Structure model' '_atom_site_anisotrop.U[3][3]'                
21 3 'Structure model' '_atom_site_anisotrop.pdbx_auth_atom_id'      
22 3 'Structure model' '_atom_site_anisotrop.pdbx_label_atom_id'     
23 3 'Structure model' '_chem_comp_atom.atom_id'                     
24 3 'Structure model' '_chem_comp_bond.atom_id_1'                   
25 3 'Structure model' '_chem_comp_bond.atom_id_2'                   
26 3 'Structure model' '_pdbx_validate_peptide_omega.auth_comp_id_1' 
27 3 'Structure model' '_pdbx_validate_peptide_omega.auth_comp_id_2' 
28 3 'Structure model' '_pdbx_validate_peptide_omega.auth_seq_id_1'  
29 3 'Structure model' '_pdbx_validate_peptide_omega.auth_seq_id_2'  
30 3 'Structure model' '_pdbx_validate_peptide_omega.omega'          
# 
loop_
_software.name 
_software.classification 
_software.version 
_software.citation_id 
_software.pdbx_ordinal 
MD2      'data collection' 'diffractometer software' ? 1 
PHASER   phasing           .                         ? 2 
REFMAC   refinement        5.5.0070                  ? 3 
HKL-2000 'data reduction'  .                         ? 4 
HKL-2000 'data scaling'    .                         ? 5 
# 
loop_
_pdbx_validate_symm_contact.id 
_pdbx_validate_symm_contact.PDB_model_num 
_pdbx_validate_symm_contact.auth_atom_id_1 
_pdbx_validate_symm_contact.auth_asym_id_1 
_pdbx_validate_symm_contact.auth_comp_id_1 
_pdbx_validate_symm_contact.auth_seq_id_1 
_pdbx_validate_symm_contact.PDB_ins_code_1 
_pdbx_validate_symm_contact.label_alt_id_1 
_pdbx_validate_symm_contact.site_symmetry_1 
_pdbx_validate_symm_contact.auth_atom_id_2 
_pdbx_validate_symm_contact.auth_asym_id_2 
_pdbx_validate_symm_contact.auth_comp_id_2 
_pdbx_validate_symm_contact.auth_seq_id_2 
_pdbx_validate_symm_contact.PDB_ins_code_2 
_pdbx_validate_symm_contact.label_alt_id_2 
_pdbx_validate_symm_contact.site_symmetry_2 
_pdbx_validate_symm_contact.dist 
1 1 OE1 A GLU 18 ? ? 1_555 HZ2 A LYS 30 ? ? 5_664 1.49 
2 1 O   A GLU 37 ? ? 1_555 O   A HOH 68 ? ? 5_564 1.92 
3 1 OH  A TYR 13 ? ? 1_555 O   A HOH 67 ? ? 2_565 1.97 
# 
loop_
_pdbx_validate_rmsd_angle.id 
_pdbx_validate_rmsd_angle.PDB_model_num 
_pdbx_validate_rmsd_angle.auth_atom_id_1 
_pdbx_validate_rmsd_angle.auth_asym_id_1 
_pdbx_validate_rmsd_angle.auth_comp_id_1 
_pdbx_validate_rmsd_angle.auth_seq_id_1 
_pdbx_validate_rmsd_angle.PDB_ins_code_1 
_pdbx_validate_rmsd_angle.label_alt_id_1 
_pdbx_validate_rmsd_angle.auth_atom_id_2 
_pdbx_validate_rmsd_angle.auth_asym_id_2 
_pdbx_validate_rmsd_angle.auth_comp_id_2 
_pdbx_validate_rmsd_angle.auth_seq_id_2 
_pdbx_validate_rmsd_angle.PDB_ins_code_2 
_pdbx_validate_rmsd_angle.label_alt_id_2 
_pdbx_validate_rmsd_angle.auth_atom_id_3 
_pdbx_validate_rmsd_angle.auth_asym_id_3 
_pdbx_validate_rmsd_angle.auth_comp_id_3 
_pdbx_validate_rmsd_angle.auth_seq_id_3 
_pdbx_validate_rmsd_angle.PDB_ins_code_3 
_pdbx_validate_rmsd_angle.label_alt_id_3 
_pdbx_validate_rmsd_angle.angle_value 
_pdbx_validate_rmsd_angle.angle_target_value 
_pdbx_validate_rmsd_angle.angle_deviation 
_pdbx_validate_rmsd_angle.angle_standard_deviation 
_pdbx_validate_rmsd_angle.linker_flag 
1 1 C A GLU 18 ? ? N A XCP 19 ? ? CA A XCP 19 ? ? 136.80 121.70 15.10 2.50 Y 
2 1 C A LEU 35 ? ? N A XPC 36 ? ? CA A XPC 36 ? ? 146.92 121.70 25.22 2.50 Y 
# 
loop_
_pdbx_validate_peptide_omega.id 
_pdbx_validate_peptide_omega.PDB_model_num 
_pdbx_validate_peptide_omega.auth_comp_id_1 
_pdbx_validate_peptide_omega.auth_asym_id_1 
_pdbx_validate_peptide_omega.auth_seq_id_1 
_pdbx_validate_peptide_omega.PDB_ins_code_1 
_pdbx_validate_peptide_omega.label_alt_id_1 
_pdbx_validate_peptide_omega.auth_comp_id_2 
_pdbx_validate_peptide_omega.auth_asym_id_2 
_pdbx_validate_peptide_omega.auth_seq_id_2 
_pdbx_validate_peptide_omega.PDB_ins_code_2 
_pdbx_validate_peptide_omega.label_alt_id_2 
_pdbx_validate_peptide_omega.omega 
1 1 ASP A 7  ? ? XPC A 8  ? ? 135.01 
2 1 B3E A 12 ? ? TYR A 13 ? ? 142.05 
3 1 ALA A 14 ? ? XCP A 15 ? ? 137.52 
4 1 GLU A 18 ? ? XCP A 19 ? ? 142.49 
5 1 ILE A 21 ? ? XPC A 22 ? ? 140.17 
6 1 B3E A 26 ? ? GLN A 27 ? ? 141.83 
7 1 B3E A 29 ? ? LYS A 30 ? ? 142.95 
8 1 GLU A 32 ? ? XCP A 33 ? ? 136.28 
9 1 LEU A 35 ? ? XPC A 36 ? ? 147.87 
# 
loop_
_pdbx_validate_main_chain_plane.id 
_pdbx_validate_main_chain_plane.PDB_model_num 
_pdbx_validate_main_chain_plane.auth_comp_id 
_pdbx_validate_main_chain_plane.auth_asym_id 
_pdbx_validate_main_chain_plane.auth_seq_id 
_pdbx_validate_main_chain_plane.PDB_ins_code 
_pdbx_validate_main_chain_plane.label_alt_id 
_pdbx_validate_main_chain_plane.improper_torsion_angle 
1 1 B3E A 12 ? ? -18.25 
2 1 B3E A 26 ? ? -18.59 
3 1 B3E A 29 ? ? -18.77 
# 
loop_
_pdbx_unobs_or_zero_occ_atoms.id 
_pdbx_unobs_or_zero_occ_atoms.PDB_model_num 
_pdbx_unobs_or_zero_occ_atoms.polymer_flag 
_pdbx_unobs_or_zero_occ_atoms.occupancy_flag 
_pdbx_unobs_or_zero_occ_atoms.auth_asym_id 
_pdbx_unobs_or_zero_occ_atoms.auth_comp_id 
_pdbx_unobs_or_zero_occ_atoms.auth_seq_id 
_pdbx_unobs_or_zero_occ_atoms.PDB_ins_code 
_pdbx_unobs_or_zero_occ_atoms.auth_atom_id 
_pdbx_unobs_or_zero_occ_atoms.label_alt_id 
_pdbx_unobs_or_zero_occ_atoms.label_asym_id 
_pdbx_unobs_or_zero_occ_atoms.label_comp_id 
_pdbx_unobs_or_zero_occ_atoms.label_seq_id 
_pdbx_unobs_or_zero_occ_atoms.label_atom_id 
1 1 Y 1 A THR 2 ? OG1 ? A THR 3 OG1 
2 1 Y 1 A THR 2 ? CG2 ? A THR 3 CG2 
3 1 Y 1 A GLU 4 ? CG  ? A GLU 5 CG  
4 1 Y 1 A GLU 4 ? CD  ? A GLU 5 CD  
5 1 Y 1 A GLU 4 ? OE1 ? A GLU 5 OE1 
6 1 Y 1 A GLU 4 ? OE2 ? A GLU 5 OE2 
# 
loop_
_pdbx_unobs_or_zero_occ_residues.id 
_pdbx_unobs_or_zero_occ_residues.PDB_model_num 
_pdbx_unobs_or_zero_occ_residues.polymer_flag 
_pdbx_unobs_or_zero_occ_residues.occupancy_flag 
_pdbx_unobs_or_zero_occ_residues.auth_asym_id 
_pdbx_unobs_or_zero_occ_residues.auth_comp_id 
_pdbx_unobs_or_zero_occ_residues.auth_seq_id 
_pdbx_unobs_or_zero_occ_residues.PDB_ins_code 
_pdbx_unobs_or_zero_occ_residues.label_asym_id 
_pdbx_unobs_or_zero_occ_residues.label_comp_id 
_pdbx_unobs_or_zero_occ_residues.label_seq_id 
1 1 Y 1 A ACE 0  ? A ACE 1  
2 1 Y 1 A THR 1  ? A THR 2  
3 1 Y 1 A NH2 39 ? A NH2 40 
# 
loop_
_chem_comp_atom.comp_id 
_chem_comp_atom.atom_id 
_chem_comp_atom.type_symbol 
_chem_comp_atom.pdbx_aromatic_flag 
_chem_comp_atom.pdbx_stereo_config 
_chem_comp_atom.pdbx_ordinal 
ACE C    C  N N 1   
ACE O    O  N N 2   
ACE CH3  C  N N 3   
ACE H    H  N N 4   
ACE H1   H  N N 5   
ACE H2   H  N N 6   
ACE H3   H  N N 7   
ALA N    N  N N 8   
ALA CA   C  N S 9   
ALA C    C  N N 10  
ALA O    O  N N 11  
ALA CB   C  N N 12  
ALA OXT  O  N N 13  
ALA H    H  N N 14  
ALA H2   H  N N 15  
ALA HA   H  N N 16  
ALA HB1  H  N N 17  
ALA HB2  H  N N 18  
ALA HB3  H  N N 19  
ALA HXT  H  N N 20  
ARG N    N  N N 21  
ARG CA   C  N S 22  
ARG C    C  N N 23  
ARG O    O  N N 24  
ARG CB   C  N N 25  
ARG CG   C  N N 26  
ARG CD   C  N N 27  
ARG NE   N  N N 28  
ARG CZ   C  N N 29  
ARG NH1  N  N N 30  
ARG NH2  N  N N 31  
ARG OXT  O  N N 32  
ARG H    H  N N 33  
ARG H2   H  N N 34  
ARG HA   H  N N 35  
ARG HB2  H  N N 36  
ARG HB3  H  N N 37  
ARG HG2  H  N N 38  
ARG HG3  H  N N 39  
ARG HD2  H  N N 40  
ARG HD3  H  N N 41  
ARG HE   H  N N 42  
ARG HH11 H  N N 43  
ARG HH12 H  N N 44  
ARG HH21 H  N N 45  
ARG HH22 H  N N 46  
ARG HXT  H  N N 47  
ASN N    N  N N 48  
ASN CA   C  N S 49  
ASN C    C  N N 50  
ASN O    O  N N 51  
ASN CB   C  N N 52  
ASN CG   C  N N 53  
ASN OD1  O  N N 54  
ASN ND2  N  N N 55  
ASN OXT  O  N N 56  
ASN H    H  N N 57  
ASN H2   H  N N 58  
ASN HA   H  N N 59  
ASN HB2  H  N N 60  
ASN HB3  H  N N 61  
ASN HD21 H  N N 62  
ASN HD22 H  N N 63  
ASN HXT  H  N N 64  
ASP N    N  N N 65  
ASP CA   C  N S 66  
ASP C    C  N N 67  
ASP O    O  N N 68  
ASP CB   C  N N 69  
ASP CG   C  N N 70  
ASP OD1  O  N N 71  
ASP OD2  O  N N 72  
ASP OXT  O  N N 73  
ASP H    H  N N 74  
ASP H2   H  N N 75  
ASP HA   H  N N 76  
ASP HB2  H  N N 77  
ASP HB3  H  N N 78  
ASP HD2  H  N N 79  
ASP HXT  H  N N 80  
B3E N    N  N N 81  
B3E CA   C  N S 82  
B3E CG   C  N N 83  
B3E CD   C  N N 84  
B3E CE   C  N N 85  
B3E OF2  O  N N 86  
B3E OF1  O  N N 87  
B3E CB   C  N N 88  
B3E C    C  N N 89  
B3E O    O  N N 90  
B3E OXT  O  N N 91  
B3E H    H  N N 92  
B3E H2   H  N N 93  
B3E HA   H  N N 94  
B3E HG2  H  N N 95  
B3E HG3  H  N N 96  
B3E HD2  H  N N 97  
B3E HD3  H  N N 98  
B3E HOF1 H  N N 99  
B3E HB1  H  N N 100 
B3E HB2  H  N N 101 
B3E HXT  H  N N 102 
CL  CL   CL N N 103 
GLN N    N  N N 104 
GLN CA   C  N S 105 
GLN C    C  N N 106 
GLN O    O  N N 107 
GLN CB   C  N N 108 
GLN CG   C  N N 109 
GLN CD   C  N N 110 
GLN OE1  O  N N 111 
GLN NE2  N  N N 112 
GLN OXT  O  N N 113 
GLN H    H  N N 114 
GLN H2   H  N N 115 
GLN HA   H  N N 116 
GLN HB2  H  N N 117 
GLN HB3  H  N N 118 
GLN HG2  H  N N 119 
GLN HG3  H  N N 120 
GLN HE21 H  N N 121 
GLN HE22 H  N N 122 
GLN HXT  H  N N 123 
GLU N    N  N N 124 
GLU CA   C  N S 125 
GLU C    C  N N 126 
GLU O    O  N N 127 
GLU CB   C  N N 128 
GLU CG   C  N N 129 
GLU CD   C  N N 130 
GLU OE1  O  N N 131 
GLU OE2  O  N N 132 
GLU OXT  O  N N 133 
GLU H    H  N N 134 
GLU H2   H  N N 135 
GLU HA   H  N N 136 
GLU HB2  H  N N 137 
GLU HB3  H  N N 138 
GLU HG2  H  N N 139 
GLU HG3  H  N N 140 
GLU HE2  H  N N 141 
GLU HXT  H  N N 142 
HOH O    O  N N 143 
HOH H1   H  N N 144 
HOH H2   H  N N 145 
ILE N    N  N N 146 
ILE CA   C  N S 147 
ILE C    C  N N 148 
ILE O    O  N N 149 
ILE CB   C  N S 150 
ILE CG1  C  N N 151 
ILE CG2  C  N N 152 
ILE CD1  C  N N 153 
ILE OXT  O  N N 154 
ILE H    H  N N 155 
ILE H2   H  N N 156 
ILE HA   H  N N 157 
ILE HB   H  N N 158 
ILE HG12 H  N N 159 
ILE HG13 H  N N 160 
ILE HG21 H  N N 161 
ILE HG22 H  N N 162 
ILE HG23 H  N N 163 
ILE HD11 H  N N 164 
ILE HD12 H  N N 165 
ILE HD13 H  N N 166 
ILE HXT  H  N N 167 
LEU N    N  N N 168 
LEU CA   C  N S 169 
LEU C    C  N N 170 
LEU O    O  N N 171 
LEU CB   C  N N 172 
LEU CG   C  N N 173 
LEU CD1  C  N N 174 
LEU CD2  C  N N 175 
LEU OXT  O  N N 176 
LEU H    H  N N 177 
LEU H2   H  N N 178 
LEU HA   H  N N 179 
LEU HB2  H  N N 180 
LEU HB3  H  N N 181 
LEU HG   H  N N 182 
LEU HD11 H  N N 183 
LEU HD12 H  N N 184 
LEU HD13 H  N N 185 
LEU HD21 H  N N 186 
LEU HD22 H  N N 187 
LEU HD23 H  N N 188 
LEU HXT  H  N N 189 
LYS N    N  N N 190 
LYS CA   C  N S 191 
LYS C    C  N N 192 
LYS O    O  N N 193 
LYS CB   C  N N 194 
LYS CG   C  N N 195 
LYS CD   C  N N 196 
LYS CE   C  N N 197 
LYS NZ   N  N N 198 
LYS OXT  O  N N 199 
LYS H    H  N N 200 
LYS H2   H  N N 201 
LYS HA   H  N N 202 
LYS HB2  H  N N 203 
LYS HB3  H  N N 204 
LYS HG2  H  N N 205 
LYS HG3  H  N N 206 
LYS HD2  H  N N 207 
LYS HD3  H  N N 208 
LYS HE2  H  N N 209 
LYS HE3  H  N N 210 
LYS HZ1  H  N N 211 
LYS HZ2  H  N N 212 
LYS HZ3  H  N N 213 
LYS HXT  H  N N 214 
NH2 N    N  N N 215 
NH2 HN1  H  N N 216 
NH2 HN2  H  N N 217 
THR N    N  N N 218 
THR CA   C  N S 219 
THR C    C  N N 220 
THR O    O  N N 221 
THR CB   C  N R 222 
THR OG1  O  N N 223 
THR CG2  C  N N 224 
THR OXT  O  N N 225 
THR H    H  N N 226 
THR H2   H  N N 227 
THR HA   H  N N 228 
THR HB   H  N N 229 
THR HG1  H  N N 230 
THR HG21 H  N N 231 
THR HG22 H  N N 232 
THR HG23 H  N N 233 
THR HXT  H  N N 234 
TRP N    N  N N 235 
TRP CA   C  N S 236 
TRP C    C  N N 237 
TRP O    O  N N 238 
TRP CB   C  N N 239 
TRP CG   C  Y N 240 
TRP CD1  C  Y N 241 
TRP CD2  C  Y N 242 
TRP NE1  N  Y N 243 
TRP CE2  C  Y N 244 
TRP CE3  C  Y N 245 
TRP CZ2  C  Y N 246 
TRP CZ3  C  Y N 247 
TRP CH2  C  Y N 248 
TRP OXT  O  N N 249 
TRP H    H  N N 250 
TRP H2   H  N N 251 
TRP HA   H  N N 252 
TRP HB2  H  N N 253 
TRP HB3  H  N N 254 
TRP HD1  H  N N 255 
TRP HE1  H  N N 256 
TRP HE3  H  N N 257 
TRP HZ2  H  N N 258 
TRP HZ3  H  N N 259 
TRP HH2  H  N N 260 
TRP HXT  H  N N 261 
TYR N    N  N N 262 
TYR CA   C  N S 263 
TYR C    C  N N 264 
TYR O    O  N N 265 
TYR CB   C  N N 266 
TYR CG   C  Y N 267 
TYR CD1  C  Y N 268 
TYR CD2  C  Y N 269 
TYR CE1  C  Y N 270 
TYR CE2  C  Y N 271 
TYR CZ   C  Y N 272 
TYR OH   O  N N 273 
TYR OXT  O  N N 274 
TYR H    H  N N 275 
TYR H2   H  N N 276 
TYR HA   H  N N 277 
TYR HB2  H  N N 278 
TYR HB3  H  N N 279 
TYR HD1  H  N N 280 
TYR HD2  H  N N 281 
TYR HE1  H  N N 282 
TYR HE2  H  N N 283 
TYR HH   H  N N 284 
TYR HXT  H  N N 285 
XCP N    N  N N 286 
XCP CB   C  N S 287 
XCP CG   C  N N 288 
XCP CD   C  N N 289 
XCP CE   C  N N 290 
XCP CA   C  N S 291 
XCP C    C  N N 292 
XCP O    O  N N 293 
XCP H    H  N N 294 
XCP HB   H  N N 295 
XCP HG   H  N N 296 
XCP HGA  H  N N 297 
XCP HD   H  N N 298 
XCP HDA  H  N N 299 
XCP HE   H  N N 300 
XCP HEA  H  N N 301 
XCP HA   H  N N 302 
XCP H2   H  N N 303 
XCP OXT  O  N N 304 
XCP HXT  H  N N 305 
XPC N    N  N N 306 
XPC CB   C  N R 307 
XPC CG   C  N N 308 
XPC ND   N  N N 309 
XPC CE   C  N N 310 
XPC CA   C  N S 311 
XPC C    C  N N 312 
XPC O    O  N N 313 
XPC H    H  N N 314 
XPC HB   H  N N 315 
XPC HG   H  N N 316 
XPC HGA  H  N N 317 
XPC HND  H  N N 318 
XPC HE   H  N N 319 
XPC HEA  H  N N 320 
XPC HA   H  N N 321 
XPC H2   H  N N 322 
XPC OXT  O  N N 323 
XPC HXT  H  N N 324 
# 
loop_
_chem_comp_bond.comp_id 
_chem_comp_bond.atom_id_1 
_chem_comp_bond.atom_id_2 
_chem_comp_bond.value_order 
_chem_comp_bond.pdbx_aromatic_flag 
_chem_comp_bond.pdbx_stereo_config 
_chem_comp_bond.pdbx_ordinal 
ACE C   O    doub N N 1   
ACE C   CH3  sing N N 2   
ACE C   H    sing N N 3   
ACE CH3 H1   sing N N 4   
ACE CH3 H2   sing N N 5   
ACE CH3 H3   sing N N 6   
ALA N   CA   sing N N 7   
ALA N   H    sing N N 8   
ALA N   H2   sing N N 9   
ALA CA  C    sing N N 10  
ALA CA  CB   sing N N 11  
ALA CA  HA   sing N N 12  
ALA C   O    doub N N 13  
ALA C   OXT  sing N N 14  
ALA CB  HB1  sing N N 15  
ALA CB  HB2  sing N N 16  
ALA CB  HB3  sing N N 17  
ALA OXT HXT  sing N N 18  
ARG N   CA   sing N N 19  
ARG N   H    sing N N 20  
ARG N   H2   sing N N 21  
ARG CA  C    sing N N 22  
ARG CA  CB   sing N N 23  
ARG CA  HA   sing N N 24  
ARG C   O    doub N N 25  
ARG C   OXT  sing N N 26  
ARG CB  CG   sing N N 27  
ARG CB  HB2  sing N N 28  
ARG CB  HB3  sing N N 29  
ARG CG  CD   sing N N 30  
ARG CG  HG2  sing N N 31  
ARG CG  HG3  sing N N 32  
ARG CD  NE   sing N N 33  
ARG CD  HD2  sing N N 34  
ARG CD  HD3  sing N N 35  
ARG NE  CZ   sing N N 36  
ARG NE  HE   sing N N 37  
ARG CZ  NH1  sing N N 38  
ARG CZ  NH2  doub N N 39  
ARG NH1 HH11 sing N N 40  
ARG NH1 HH12 sing N N 41  
ARG NH2 HH21 sing N N 42  
ARG NH2 HH22 sing N N 43  
ARG OXT HXT  sing N N 44  
ASN N   CA   sing N N 45  
ASN N   H    sing N N 46  
ASN N   H2   sing N N 47  
ASN CA  C    sing N N 48  
ASN CA  CB   sing N N 49  
ASN CA  HA   sing N N 50  
ASN C   O    doub N N 51  
ASN C   OXT  sing N N 52  
ASN CB  CG   sing N N 53  
ASN CB  HB2  sing N N 54  
ASN CB  HB3  sing N N 55  
ASN CG  OD1  doub N N 56  
ASN CG  ND2  sing N N 57  
ASN ND2 HD21 sing N N 58  
ASN ND2 HD22 sing N N 59  
ASN OXT HXT  sing N N 60  
ASP N   CA   sing N N 61  
ASP N   H    sing N N 62  
ASP N   H2   sing N N 63  
ASP CA  C    sing N N 64  
ASP CA  CB   sing N N 65  
ASP CA  HA   sing N N 66  
ASP C   O    doub N N 67  
ASP C   OXT  sing N N 68  
ASP CB  CG   sing N N 69  
ASP CB  HB2  sing N N 70  
ASP CB  HB3  sing N N 71  
ASP CG  OD1  doub N N 72  
ASP CG  OD2  sing N N 73  
ASP OD2 HD2  sing N N 74  
ASP OXT HXT  sing N N 75  
B3E N   CA   sing N N 76  
B3E N   H    sing N N 77  
B3E N   H2   sing N N 78  
B3E CA  CG   sing N N 79  
B3E CA  CB   sing N N 80  
B3E CA  HA   sing N N 81  
B3E CG  CD   sing N N 82  
B3E CG  HG2  sing N N 83  
B3E CG  HG3  sing N N 84  
B3E CD  CE   sing N N 85  
B3E CD  HD2  sing N N 86  
B3E CD  HD3  sing N N 87  
B3E CE  OF2  doub N N 88  
B3E CE  OF1  sing N N 89  
B3E OF1 HOF1 sing N N 90  
B3E CB  C    sing N N 91  
B3E CB  HB1  sing N N 92  
B3E CB  HB2  sing N N 93  
B3E C   OXT  sing N N 94  
B3E C   O    doub N N 95  
B3E OXT HXT  sing N N 96  
GLN N   CA   sing N N 97  
GLN N   H    sing N N 98  
GLN N   H2   sing N N 99  
GLN CA  C    sing N N 100 
GLN CA  CB   sing N N 101 
GLN CA  HA   sing N N 102 
GLN C   O    doub N N 103 
GLN C   OXT  sing N N 104 
GLN CB  CG   sing N N 105 
GLN CB  HB2  sing N N 106 
GLN CB  HB3  sing N N 107 
GLN CG  CD   sing N N 108 
GLN CG  HG2  sing N N 109 
GLN CG  HG3  sing N N 110 
GLN CD  OE1  doub N N 111 
GLN CD  NE2  sing N N 112 
GLN NE2 HE21 sing N N 113 
GLN NE2 HE22 sing N N 114 
GLN OXT HXT  sing N N 115 
GLU N   CA   sing N N 116 
GLU N   H    sing N N 117 
GLU N   H2   sing N N 118 
GLU CA  C    sing N N 119 
GLU CA  CB   sing N N 120 
GLU CA  HA   sing N N 121 
GLU C   O    doub N N 122 
GLU C   OXT  sing N N 123 
GLU CB  CG   sing N N 124 
GLU CB  HB2  sing N N 125 
GLU CB  HB3  sing N N 126 
GLU CG  CD   sing N N 127 
GLU CG  HG2  sing N N 128 
GLU CG  HG3  sing N N 129 
GLU CD  OE1  doub N N 130 
GLU CD  OE2  sing N N 131 
GLU OE2 HE2  sing N N 132 
GLU OXT HXT  sing N N 133 
HOH O   H1   sing N N 134 
HOH O   H2   sing N N 135 
ILE N   CA   sing N N 136 
ILE N   H    sing N N 137 
ILE N   H2   sing N N 138 
ILE CA  C    sing N N 139 
ILE CA  CB   sing N N 140 
ILE CA  HA   sing N N 141 
ILE C   O    doub N N 142 
ILE C   OXT  sing N N 143 
ILE CB  CG1  sing N N 144 
ILE CB  CG2  sing N N 145 
ILE CB  HB   sing N N 146 
ILE CG1 CD1  sing N N 147 
ILE CG1 HG12 sing N N 148 
ILE CG1 HG13 sing N N 149 
ILE CG2 HG21 sing N N 150 
ILE CG2 HG22 sing N N 151 
ILE CG2 HG23 sing N N 152 
ILE CD1 HD11 sing N N 153 
ILE CD1 HD12 sing N N 154 
ILE CD1 HD13 sing N N 155 
ILE OXT HXT  sing N N 156 
LEU N   CA   sing N N 157 
LEU N   H    sing N N 158 
LEU N   H2   sing N N 159 
LEU CA  C    sing N N 160 
LEU CA  CB   sing N N 161 
LEU CA  HA   sing N N 162 
LEU C   O    doub N N 163 
LEU C   OXT  sing N N 164 
LEU CB  CG   sing N N 165 
LEU CB  HB2  sing N N 166 
LEU CB  HB3  sing N N 167 
LEU CG  CD1  sing N N 168 
LEU CG  CD2  sing N N 169 
LEU CG  HG   sing N N 170 
LEU CD1 HD11 sing N N 171 
LEU CD1 HD12 sing N N 172 
LEU CD1 HD13 sing N N 173 
LEU CD2 HD21 sing N N 174 
LEU CD2 HD22 sing N N 175 
LEU CD2 HD23 sing N N 176 
LEU OXT HXT  sing N N 177 
LYS N   CA   sing N N 178 
LYS N   H    sing N N 179 
LYS N   H2   sing N N 180 
LYS CA  C    sing N N 181 
LYS CA  CB   sing N N 182 
LYS CA  HA   sing N N 183 
LYS C   O    doub N N 184 
LYS C   OXT  sing N N 185 
LYS CB  CG   sing N N 186 
LYS CB  HB2  sing N N 187 
LYS CB  HB3  sing N N 188 
LYS CG  CD   sing N N 189 
LYS CG  HG2  sing N N 190 
LYS CG  HG3  sing N N 191 
LYS CD  CE   sing N N 192 
LYS CD  HD2  sing N N 193 
LYS CD  HD3  sing N N 194 
LYS CE  NZ   sing N N 195 
LYS CE  HE2  sing N N 196 
LYS CE  HE3  sing N N 197 
LYS NZ  HZ1  sing N N 198 
LYS NZ  HZ2  sing N N 199 
LYS NZ  HZ3  sing N N 200 
LYS OXT HXT  sing N N 201 
NH2 N   HN1  sing N N 202 
NH2 N   HN2  sing N N 203 
THR N   CA   sing N N 204 
THR N   H    sing N N 205 
THR N   H2   sing N N 206 
THR CA  C    sing N N 207 
THR CA  CB   sing N N 208 
THR CA  HA   sing N N 209 
THR C   O    doub N N 210 
THR C   OXT  sing N N 211 
THR CB  OG1  sing N N 212 
THR CB  CG2  sing N N 213 
THR CB  HB   sing N N 214 
THR OG1 HG1  sing N N 215 
THR CG2 HG21 sing N N 216 
THR CG2 HG22 sing N N 217 
THR CG2 HG23 sing N N 218 
THR OXT HXT  sing N N 219 
TRP N   CA   sing N N 220 
TRP N   H    sing N N 221 
TRP N   H2   sing N N 222 
TRP CA  C    sing N N 223 
TRP CA  CB   sing N N 224 
TRP CA  HA   sing N N 225 
TRP C   O    doub N N 226 
TRP C   OXT  sing N N 227 
TRP CB  CG   sing N N 228 
TRP CB  HB2  sing N N 229 
TRP CB  HB3  sing N N 230 
TRP CG  CD1  doub Y N 231 
TRP CG  CD2  sing Y N 232 
TRP CD1 NE1  sing Y N 233 
TRP CD1 HD1  sing N N 234 
TRP CD2 CE2  doub Y N 235 
TRP CD2 CE3  sing Y N 236 
TRP NE1 CE2  sing Y N 237 
TRP NE1 HE1  sing N N 238 
TRP CE2 CZ2  sing Y N 239 
TRP CE3 CZ3  doub Y N 240 
TRP CE3 HE3  sing N N 241 
TRP CZ2 CH2  doub Y N 242 
TRP CZ2 HZ2  sing N N 243 
TRP CZ3 CH2  sing Y N 244 
TRP CZ3 HZ3  sing N N 245 
TRP CH2 HH2  sing N N 246 
TRP OXT HXT  sing N N 247 
TYR N   CA   sing N N 248 
TYR N   H    sing N N 249 
TYR N   H2   sing N N 250 
TYR CA  C    sing N N 251 
TYR CA  CB   sing N N 252 
TYR CA  HA   sing N N 253 
TYR C   O    doub N N 254 
TYR C   OXT  sing N N 255 
TYR CB  CG   sing N N 256 
TYR CB  HB2  sing N N 257 
TYR CB  HB3  sing N N 258 
TYR CG  CD1  doub Y N 259 
TYR CG  CD2  sing Y N 260 
TYR CD1 CE1  sing Y N 261 
TYR CD1 HD1  sing N N 262 
TYR CD2 CE2  doub Y N 263 
TYR CD2 HD2  sing N N 264 
TYR CE1 CZ   doub Y N 265 
TYR CE1 HE1  sing N N 266 
TYR CE2 CZ   sing Y N 267 
TYR CE2 HE2  sing N N 268 
TYR CZ  OH   sing N N 269 
TYR OH  HH   sing N N 270 
TYR OXT HXT  sing N N 271 
XCP N   H    sing N N 272 
XCP N   H2   sing N N 273 
XCP CB  N    sing N N 274 
XCP CB  CG   sing N N 275 
XCP CG  HGA  sing N N 276 
XCP CD  CG   sing N N 277 
XCP CD  HD   sing N N 278 
XCP CE  CD   sing N N 279 
XCP CE  CA   sing N N 280 
XCP CE  HE   sing N N 281 
XCP CA  CB   sing N N 282 
XCP CA  HA   sing N N 283 
XCP C   CA   sing N N 284 
XCP C   OXT  sing N N 285 
XCP O   C    doub N N 286 
XCP HB  CB   sing N N 287 
XCP HG  CG   sing N N 288 
XCP HDA CD   sing N N 289 
XCP HEA CE   sing N N 290 
XCP OXT HXT  sing N N 291 
XPC N   H    sing N N 292 
XPC N   H2   sing N N 293 
XPC CB  N    sing N N 294 
XPC CB  CG   sing N N 295 
XPC CG  HGA  sing N N 296 
XPC ND  CG   sing N N 297 
XPC ND  HND  sing N N 298 
XPC CE  ND   sing N N 299 
XPC CE  HE   sing N N 300 
XPC CE  CA   sing N N 301 
XPC CA  CB   sing N N 302 
XPC CA  HA   sing N N 303 
XPC C   CA   sing N N 304 
XPC C   OXT  sing N N 305 
XPC O   C    doub N N 306 
XPC HB  CB   sing N N 307 
XPC HG  CG   sing N N 308 
XPC HEA CE   sing N N 309 
XPC OXT HXT  sing N N 310 
# 
loop_
_pdbx_entity_nonpoly.entity_id 
_pdbx_entity_nonpoly.name 
_pdbx_entity_nonpoly.comp_id 
2 'CHLORIDE ION' CL  
3 water          HOH 
# 
_pdbx_initial_refinement_model.id               1 
_pdbx_initial_refinement_model.entity_id_list   ? 
_pdbx_initial_refinement_model.type             'experimental model' 
_pdbx_initial_refinement_model.source_name      PDB 
_pdbx_initial_refinement_model.accession_code   3F4Z 
_pdbx_initial_refinement_model.details          'PDB entry 3F4Z' 
# 
